data_1H0Z
#
_entry.id   1H0Z
#
_cell.length_a   1.000
_cell.length_b   1.000
_cell.length_c   1.000
_cell.angle_alpha   90.00
_cell.angle_beta   90.00
_cell.angle_gamma   90.00
#
_symmetry.space_group_name_H-M   'P 1'
#
_entity_poly.entity_id   1
_entity_poly.type   'polypeptide(L)'
_entity_poly.pdbx_seq_one_letter_code
;ESGKATSYAELCNEYRKLVRNGKLACTRENDPIQGPDGKVHGNTCSMCEVFFQAEEEEKKKKEGESRN
;
_entity_poly.pdbx_strand_id   A
#
# COMPACT_ATOMS: atom_id res chain seq x y z
N GLU A 1 -7.32 -20.61 1.20
CA GLU A 1 -7.47 -20.06 -0.18
C GLU A 1 -8.95 -19.87 -0.52
N SER A 2 -9.53 -18.79 -0.07
CA SER A 2 -10.98 -18.55 -0.36
C SER A 2 -11.16 -17.18 -1.05
N GLY A 3 -12.05 -17.10 -1.99
CA GLY A 3 -12.28 -15.80 -2.69
C GLY A 3 -11.36 -15.71 -3.90
N LYS A 4 -11.21 -14.55 -4.48
CA LYS A 4 -10.32 -14.40 -5.66
C LYS A 4 -8.92 -13.98 -5.23
N ALA A 5 -7.96 -14.16 -6.10
CA ALA A 5 -6.56 -13.77 -5.74
C ALA A 5 -6.51 -12.30 -5.33
N THR A 6 -7.40 -11.50 -5.84
CA THR A 6 -7.40 -10.05 -5.48
C THR A 6 -6.03 -9.43 -5.74
N SER A 7 -5.93 -8.12 -5.67
CA SER A 7 -4.62 -7.46 -5.90
C SER A 7 -4.45 -6.27 -4.96
N TYR A 8 -3.33 -6.17 -4.31
CA TYR A 8 -3.10 -5.03 -3.37
C TYR A 8 -3.55 -3.72 -4.03
N ALA A 9 -2.96 -3.37 -5.14
CA ALA A 9 -3.35 -2.10 -5.83
C ALA A 9 -4.87 -1.95 -5.82
N GLU A 10 -5.59 -3.04 -5.77
CA GLU A 10 -7.07 -2.96 -5.74
C GLU A 10 -7.58 -3.13 -4.32
N LEU A 11 -6.92 -3.95 -3.55
CA LEU A 11 -7.34 -4.16 -2.14
C LEU A 11 -6.97 -2.94 -1.30
N CYS A 12 -5.72 -2.61 -1.25
CA CYS A 12 -5.28 -1.43 -0.47
C CYS A 12 -5.87 -0.16 -1.09
N ASN A 13 -6.40 -0.27 -2.28
CA ASN A 13 -6.99 0.92 -2.95
C ASN A 13 -7.78 1.76 -1.95
N GLU A 14 -8.69 1.13 -1.24
CA GLU A 14 -9.51 1.89 -0.25
C GLU A 14 -8.62 2.71 0.68
N TYR A 15 -7.36 2.40 0.76
CA TYR A 15 -6.46 3.18 1.66
C TYR A 15 -5.75 4.29 0.87
N ARG A 16 -5.97 4.36 -0.41
CA ARG A 16 -5.32 5.43 -1.21
C ARG A 16 -5.84 6.79 -0.80
N LYS A 17 -7.06 6.84 -0.31
CA LYS A 17 -7.62 8.15 0.12
C LYS A 17 -6.88 8.63 1.37
N LEU A 18 -6.20 7.74 2.04
CA LEU A 18 -5.44 8.13 3.27
C LEU A 18 -4.00 8.47 2.90
N VAL A 19 -3.45 7.77 1.94
CA VAL A 19 -2.04 8.05 1.52
C VAL A 19 -1.94 9.42 0.83
N ARG A 20 -1.27 10.35 1.45
CA ARG A 20 -1.14 11.70 0.82
C ARG A 20 -0.01 11.69 -0.21
N ASN A 21 1.19 11.97 0.21
CA ASN A 21 2.33 11.99 -0.75
C ASN A 21 3.16 10.71 -0.59
N GLY A 22 2.51 9.58 -0.49
CA GLY A 22 3.27 8.31 -0.32
C GLY A 22 3.21 7.87 1.14
N LYS A 23 2.52 8.60 1.97
CA LYS A 23 2.42 8.23 3.41
C LYS A 23 1.00 7.80 3.75
N LEU A 24 0.79 6.54 4.02
CA LEU A 24 -0.58 6.07 4.38
C LEU A 24 -0.78 6.07 5.89
N ALA A 25 -1.97 6.32 6.35
CA ALA A 25 -2.22 6.33 7.82
C ALA A 25 -3.73 6.39 8.10
N CYS A 26 -4.21 5.58 8.99
CA CYS A 26 -5.67 5.58 9.30
C CYS A 26 -5.88 5.40 10.81
N THR A 27 -7.11 5.19 11.23
CA THR A 27 -7.39 5.00 12.68
C THR A 27 -6.58 3.82 13.22
N ARG A 28 -6.87 3.40 14.42
CA ARG A 28 -6.12 2.25 15.01
C ARG A 28 -6.99 0.99 14.99
N GLU A 29 -7.35 0.52 13.82
CA GLU A 29 -8.18 -0.70 13.73
C GLU A 29 -7.63 -1.78 14.65
N ASN A 30 -8.49 -2.58 15.24
CA ASN A 30 -8.00 -3.66 16.15
C ASN A 30 -8.06 -5.02 15.43
N ASP A 31 -7.31 -5.17 14.38
CA ASP A 31 -7.33 -6.47 13.65
C ASP A 31 -5.99 -6.70 12.94
N PRO A 32 -5.03 -7.21 13.68
CA PRO A 32 -3.69 -7.47 13.11
C PRO A 32 -3.78 -8.51 11.99
N ILE A 33 -3.06 -8.29 10.92
CA ILE A 33 -3.09 -9.26 9.79
C ILE A 33 -1.69 -9.46 9.22
N GLN A 34 -1.59 -10.08 8.07
CA GLN A 34 -0.25 -10.31 7.47
C GLN A 34 -0.15 -9.59 6.12
N GLY A 35 1.05 -9.41 5.62
CA GLY A 35 1.20 -8.73 4.31
C GLY A 35 1.93 -9.65 3.32
N PRO A 36 2.14 -9.16 2.13
CA PRO A 36 2.82 -9.96 1.09
C PRO A 36 4.26 -10.31 1.52
N ASP A 37 4.78 -9.61 2.49
CA ASP A 37 6.16 -9.89 2.96
C ASP A 37 6.13 -10.97 4.04
N GLY A 38 5.06 -11.70 4.13
CA GLY A 38 4.96 -12.77 5.16
C GLY A 38 5.16 -12.15 6.55
N LYS A 39 5.00 -10.87 6.67
CA LYS A 39 5.17 -10.20 7.99
C LYS A 39 3.83 -9.70 8.52
N VAL A 40 3.70 -9.63 9.82
CA VAL A 40 2.41 -9.14 10.40
C VAL A 40 2.44 -7.62 10.56
N HIS A 41 1.30 -7.00 10.64
CA HIS A 41 1.25 -5.52 10.81
C HIS A 41 0.28 -5.14 11.94
N GLY A 42 0.20 -3.88 12.26
CA GLY A 42 -0.73 -3.45 13.34
C GLY A 42 -2.17 -3.51 12.82
N ASN A 43 -2.48 -2.79 11.78
CA ASN A 43 -3.87 -2.81 11.24
C ASN A 43 -3.86 -3.12 9.74
N THR A 44 -4.97 -2.92 9.09
CA THR A 44 -5.02 -3.19 7.63
C THR A 44 -4.26 -2.11 6.86
N CYS A 45 -4.25 -0.91 7.37
CA CYS A 45 -3.51 0.18 6.68
C CYS A 45 -2.01 -0.11 6.74
N SER A 46 -1.50 -0.37 7.91
CA SER A 46 -0.04 -0.67 8.03
C SER A 46 0.36 -1.65 6.93
N MET A 47 -0.46 -2.65 6.69
CA MET A 47 -0.15 -3.63 5.62
C MET A 47 -0.20 -2.92 4.27
N CYS A 48 -1.04 -1.92 4.17
CA CYS A 48 -1.16 -1.17 2.89
C CYS A 48 -0.09 -0.07 2.83
N GLU A 49 0.43 0.34 3.95
CA GLU A 49 1.49 1.39 3.95
C GLU A 49 2.76 0.87 3.28
N VAL A 50 3.15 -0.34 3.60
CA VAL A 50 4.39 -0.90 2.98
C VAL A 50 4.21 -0.99 1.47
N PHE A 51 3.06 -1.44 1.03
CA PHE A 51 2.82 -1.53 -0.44
C PHE A 51 2.79 -0.12 -1.01
N PHE A 52 2.13 0.77 -0.33
CA PHE A 52 2.05 2.18 -0.81
C PHE A 52 3.45 2.78 -0.83
N GLN A 53 4.26 2.48 0.15
CA GLN A 53 5.64 3.03 0.18
C GLN A 53 6.38 2.63 -1.09
N ALA A 54 6.43 1.36 -1.39
CA ALA A 54 7.13 0.89 -2.62
C ALA A 54 6.68 1.73 -3.82
N GLU A 55 5.43 2.10 -3.86
CA GLU A 55 4.92 2.91 -5.01
C GLU A 55 5.51 4.32 -4.95
N GLU A 56 6.01 4.72 -3.81
CA GLU A 56 6.62 6.08 -3.69
C GLU A 56 7.89 6.16 -4.52
N GLU A 57 8.60 5.07 -4.65
CA GLU A 57 9.86 5.08 -5.45
C GLU A 57 9.55 5.39 -6.92
N GLU A 58 8.59 4.71 -7.49
CA GLU A 58 8.24 4.97 -8.91
C GLU A 58 8.07 6.47 -9.15
N LYS A 59 7.55 7.18 -8.19
CA LYS A 59 7.34 8.65 -8.36
C LYS A 59 8.69 9.37 -8.23
N LYS A 60 9.72 8.67 -7.82
CA LYS A 60 11.05 9.32 -7.69
C LYS A 60 11.37 10.15 -8.93
N LYS A 61 11.00 9.67 -10.08
CA LYS A 61 11.28 10.43 -11.33
C LYS A 61 10.45 11.71 -11.38
N LYS A 62 11.06 12.82 -11.68
CA LYS A 62 10.30 14.09 -11.75
C LYS A 62 9.91 14.42 -13.18
N GLU A 63 8.80 15.07 -13.38
CA GLU A 63 8.36 15.41 -14.77
C GLU A 63 9.36 16.39 -15.41
N GLY A 64 10.18 17.02 -14.61
CA GLY A 64 11.17 17.98 -15.17
C GLY A 64 12.15 18.41 -14.07
N GLU A 65 12.98 19.37 -14.35
CA GLU A 65 13.95 19.83 -13.32
C GLU A 65 13.32 20.93 -12.45
N SER A 66 13.58 20.91 -11.17
CA SER A 66 13.00 21.94 -10.27
C SER A 66 13.51 23.33 -10.66
N ARG A 67 14.58 23.39 -11.42
CA ARG A 67 15.12 24.71 -11.84
C ARG A 67 14.33 25.26 -13.02
N ASN A 68 13.80 24.39 -13.85
CA ASN A 68 13.02 24.86 -15.02
C ASN A 68 13.74 26.04 -15.70
N GLU A 1 -1.05 -15.77 0.77
CA GLU A 1 -1.96 -16.28 1.82
C GLU A 1 -3.28 -15.51 1.81
N SER A 2 -3.28 -14.30 2.29
CA SER A 2 -4.52 -13.49 2.31
C SER A 2 -4.45 -12.40 1.24
N GLY A 3 -5.58 -12.02 0.68
CA GLY A 3 -5.57 -10.96 -0.37
C GLY A 3 -5.35 -11.60 -1.74
N LYS A 4 -5.02 -12.86 -1.77
CA LYS A 4 -4.80 -13.54 -3.08
C LYS A 4 -6.04 -13.40 -3.97
N ALA A 5 -7.15 -13.05 -3.39
CA ALA A 5 -8.40 -12.90 -4.20
C ALA A 5 -8.25 -11.75 -5.20
N THR A 6 -7.35 -10.83 -4.93
CA THR A 6 -7.16 -9.70 -5.87
C THR A 6 -5.73 -9.15 -5.77
N SER A 7 -5.50 -8.00 -6.34
CA SER A 7 -4.14 -7.39 -6.30
C SER A 7 -4.09 -6.31 -5.22
N TYR A 8 -2.92 -6.02 -4.71
CA TYR A 8 -2.81 -4.98 -3.66
C TYR A 8 -3.22 -3.62 -4.22
N ALA A 9 -2.71 -3.26 -5.35
CA ALA A 9 -3.08 -1.94 -5.96
C ALA A 9 -4.60 -1.78 -5.94
N GLU A 10 -5.33 -2.87 -5.88
CA GLU A 10 -6.81 -2.77 -5.86
C GLU A 10 -7.33 -2.98 -4.44
N LEU A 11 -6.69 -3.83 -3.69
CA LEU A 11 -7.14 -4.06 -2.28
C LEU A 11 -6.78 -2.85 -1.43
N CYS A 12 -5.52 -2.56 -1.31
CA CYS A 12 -5.10 -1.37 -0.50
C CYS A 12 -5.74 -0.11 -1.06
N ASN A 13 -6.25 -0.19 -2.27
CA ASN A 13 -6.89 1.01 -2.88
C ASN A 13 -7.75 1.74 -1.85
N GLU A 14 -8.62 1.02 -1.19
CA GLU A 14 -9.49 1.66 -0.16
C GLU A 14 -8.65 2.54 0.78
N TYR A 15 -7.37 2.31 0.87
CA TYR A 15 -6.54 3.13 1.78
C TYR A 15 -5.92 4.31 1.02
N ARG A 16 -6.05 4.34 -0.28
CA ARG A 16 -5.48 5.46 -1.05
C ARG A 16 -6.12 6.78 -0.61
N LYS A 17 -7.31 6.70 -0.07
CA LYS A 17 -7.98 7.95 0.41
C LYS A 17 -7.25 8.47 1.65
N LEU A 18 -6.49 7.62 2.28
CA LEU A 18 -5.73 8.04 3.50
C LEU A 18 -4.32 8.48 3.09
N VAL A 19 -3.74 7.82 2.15
CA VAL A 19 -2.36 8.20 1.70
C VAL A 19 -2.37 9.61 1.12
N ARG A 20 -1.53 10.47 1.61
CA ARG A 20 -1.50 11.87 1.08
C ARG A 20 -0.71 11.93 -0.23
N ASN A 21 0.59 11.76 -0.15
CA ASN A 21 1.42 11.80 -1.38
C ASN A 21 2.50 10.72 -1.33
N GLY A 22 2.14 9.51 -1.02
CA GLY A 22 3.14 8.42 -0.94
C GLY A 22 3.22 7.90 0.51
N LYS A 23 2.61 8.60 1.42
CA LYS A 23 2.64 8.14 2.85
C LYS A 23 1.23 7.80 3.33
N LEU A 24 1.00 6.57 3.68
CA LEU A 24 -0.36 6.17 4.16
C LEU A 24 -0.45 6.30 5.68
N ALA A 25 -1.52 6.86 6.16
CA ALA A 25 -1.67 7.02 7.64
C ALA A 25 -2.96 6.35 8.12
N CYS A 26 -2.94 5.79 9.31
CA CYS A 26 -4.17 5.12 9.83
C CYS A 26 -4.15 5.11 11.36
N THR A 27 -5.13 4.49 11.97
CA THR A 27 -5.16 4.44 13.46
C THR A 27 -4.87 3.02 13.94
N ARG A 28 -4.71 2.84 15.22
CA ARG A 28 -4.42 1.48 15.76
C ARG A 28 -5.43 0.48 15.21
N GLU A 29 -6.59 0.94 14.81
CA GLU A 29 -7.61 -0.01 14.26
C GLU A 29 -7.76 -1.22 15.18
N ASN A 30 -8.47 -2.22 14.74
CA ASN A 30 -8.66 -3.44 15.59
C ASN A 30 -8.75 -4.69 14.71
N ASP A 31 -7.74 -4.95 13.92
CA ASP A 31 -7.78 -6.15 13.03
C ASP A 31 -6.38 -6.45 12.49
N PRO A 32 -5.60 -7.13 13.27
CA PRO A 32 -4.22 -7.49 12.85
C PRO A 32 -4.25 -8.40 11.62
N ILE A 33 -3.28 -8.26 10.76
CA ILE A 33 -3.24 -9.12 9.54
C ILE A 33 -1.80 -9.33 9.09
N GLN A 34 -1.60 -9.90 7.92
CA GLN A 34 -0.22 -10.14 7.43
C GLN A 34 -0.05 -9.55 6.02
N GLY A 35 1.15 -9.42 5.56
CA GLY A 35 1.37 -8.84 4.20
C GLY A 35 1.97 -9.92 3.28
N PRO A 36 2.33 -9.51 2.08
CA PRO A 36 2.91 -10.46 1.10
C PRO A 36 4.22 -11.05 1.63
N ASP A 37 4.83 -10.42 2.60
CA ASP A 37 6.11 -10.94 3.15
C ASP A 37 5.83 -11.83 4.36
N GLY A 38 4.63 -12.33 4.47
CA GLY A 38 4.29 -13.20 5.63
C GLY A 38 4.56 -12.45 6.93
N LYS A 39 4.69 -11.16 6.87
CA LYS A 39 4.95 -10.38 8.10
C LYS A 39 3.65 -9.75 8.62
N VAL A 40 3.52 -9.59 9.91
CA VAL A 40 2.29 -8.98 10.46
C VAL A 40 2.50 -7.49 10.71
N HIS A 41 1.45 -6.71 10.63
CA HIS A 41 1.59 -5.25 10.86
C HIS A 41 0.52 -4.76 11.84
N GLY A 42 0.63 -3.53 12.28
CA GLY A 42 -0.39 -2.99 13.24
C GLY A 42 -1.79 -3.32 12.74
N ASN A 43 -2.20 -2.72 11.66
CA ASN A 43 -3.57 -3.00 11.13
C ASN A 43 -3.52 -3.19 9.61
N THR A 44 -4.65 -3.13 8.97
CA THR A 44 -4.69 -3.32 7.49
C THR A 44 -3.96 -2.16 6.80
N CYS A 45 -4.05 -0.98 7.34
CA CYS A 45 -3.34 0.18 6.69
C CYS A 45 -1.84 -0.07 6.76
N SER A 46 -1.32 -0.34 7.92
CA SER A 46 0.14 -0.60 8.05
C SER A 46 0.58 -1.52 6.91
N MET A 47 -0.19 -2.54 6.62
CA MET A 47 0.18 -3.46 5.52
C MET A 47 0.08 -2.70 4.19
N CYS A 48 -0.81 -1.76 4.12
CA CYS A 48 -0.97 -0.97 2.86
C CYS A 48 0.07 0.16 2.82
N GLU A 49 0.56 0.58 3.96
CA GLU A 49 1.57 1.67 3.98
C GLU A 49 2.86 1.18 3.29
N VAL A 50 3.27 -0.02 3.56
CA VAL A 50 4.49 -0.56 2.91
C VAL A 50 4.30 -0.57 1.41
N PHE A 51 3.21 -1.15 0.97
CA PHE A 51 2.94 -1.20 -0.49
C PHE A 51 2.85 0.23 -1.02
N PHE A 52 2.17 1.08 -0.32
CA PHE A 52 2.04 2.50 -0.77
C PHE A 52 3.43 3.14 -0.81
N GLN A 53 4.29 2.73 0.09
CA GLN A 53 5.67 3.30 0.11
C GLN A 53 6.45 2.81 -1.12
N ALA A 54 6.38 1.54 -1.39
CA ALA A 54 7.11 0.98 -2.57
C ALA A 54 6.36 1.31 -3.86
N GLU A 55 5.07 1.44 -3.80
CA GLU A 55 4.28 1.76 -5.03
C GLU A 55 4.77 3.07 -5.64
N GLU A 56 5.50 3.85 -4.89
CA GLU A 56 6.00 5.14 -5.44
C GLU A 56 6.86 4.91 -6.68
N GLU A 57 7.65 3.87 -6.67
CA GLU A 57 8.51 3.57 -7.85
C GLU A 57 7.70 2.89 -8.95
N GLU A 58 6.65 2.19 -8.59
CA GLU A 58 5.82 1.50 -9.61
C GLU A 58 5.04 2.54 -10.43
N LYS A 59 4.53 3.55 -9.80
CA LYS A 59 3.76 4.59 -10.54
C LYS A 59 4.72 5.56 -11.25
N LYS A 60 6.00 5.31 -11.15
CA LYS A 60 6.97 6.22 -11.82
C LYS A 60 6.68 6.31 -13.32
N LYS A 61 6.14 5.27 -13.90
CA LYS A 61 5.84 5.29 -15.35
C LYS A 61 4.76 6.33 -15.64
N LYS A 62 3.84 6.53 -14.74
CA LYS A 62 2.77 7.54 -14.97
C LYS A 62 2.83 8.63 -13.89
N GLU A 63 2.54 9.85 -14.26
CA GLU A 63 2.58 10.95 -13.26
C GLU A 63 1.15 11.40 -12.91
N GLY A 64 0.87 11.56 -11.64
CA GLY A 64 -0.50 11.99 -11.24
C GLY A 64 -0.51 13.51 -11.03
N GLU A 65 0.19 13.98 -10.04
CA GLU A 65 0.22 15.45 -9.78
C GLU A 65 1.65 15.98 -9.87
N SER A 66 1.82 17.21 -10.28
CA SER A 66 3.20 17.78 -10.39
C SER A 66 3.94 17.62 -9.05
N ARG A 67 5.23 17.46 -9.09
CA ARG A 67 6.00 17.31 -7.84
C ARG A 67 7.07 18.40 -7.73
N ASN A 68 7.38 18.84 -6.54
CA ASN A 68 8.41 19.90 -6.38
C ASN A 68 9.74 19.29 -5.92
N GLU A 1 -16.24 -8.99 6.27
CA GLU A 1 -15.81 -8.85 4.86
C GLU A 1 -15.48 -10.24 4.27
N SER A 2 -15.36 -10.33 2.97
CA SER A 2 -15.02 -11.63 2.34
C SER A 2 -13.55 -11.98 2.58
N GLY A 3 -12.79 -11.04 3.08
CA GLY A 3 -11.35 -11.31 3.34
C GLY A 3 -10.74 -12.09 2.16
N LYS A 4 -11.09 -11.72 0.96
CA LYS A 4 -10.54 -12.42 -0.23
C LYS A 4 -9.13 -11.90 -0.55
N ALA A 5 -8.27 -12.76 -1.03
CA ALA A 5 -6.89 -12.31 -1.36
C ALA A 5 -6.87 -11.58 -2.71
N THR A 6 -7.73 -10.61 -2.87
CA THR A 6 -7.76 -9.86 -4.16
C THR A 6 -6.43 -9.17 -4.41
N SER A 7 -6.37 -8.30 -5.39
CA SER A 7 -5.09 -7.59 -5.68
C SER A 7 -4.87 -6.46 -4.68
N TYR A 8 -3.70 -6.36 -4.12
CA TYR A 8 -3.43 -5.28 -3.13
C TYR A 8 -3.82 -3.92 -3.72
N ALA A 9 -3.24 -3.54 -4.82
CA ALA A 9 -3.58 -2.23 -5.44
C ALA A 9 -5.10 -2.02 -5.40
N GLU A 10 -5.85 -3.08 -5.41
CA GLU A 10 -7.34 -2.94 -5.36
C GLU A 10 -7.81 -3.04 -3.91
N LEU A 11 -7.16 -3.85 -3.12
CA LEU A 11 -7.55 -3.99 -1.70
C LEU A 11 -7.15 -2.73 -0.94
N CYS A 12 -5.89 -2.40 -0.97
CA CYS A 12 -5.41 -1.17 -0.27
C CYS A 12 -6.02 0.06 -0.93
N ASN A 13 -6.63 -0.10 -2.08
CA ASN A 13 -7.25 1.05 -2.78
C ASN A 13 -7.99 1.94 -1.77
N GLU A 14 -8.86 1.36 -1.01
CA GLU A 14 -9.62 2.15 0.00
C GLU A 14 -8.67 3.05 0.80
N TYR A 15 -7.40 2.72 0.84
CA TYR A 15 -6.44 3.56 1.61
C TYR A 15 -5.80 4.61 0.69
N ARG A 16 -5.83 4.40 -0.59
CA ARG A 16 -5.24 5.39 -1.52
C ARG A 16 -5.74 6.79 -1.17
N LYS A 17 -6.94 6.88 -0.66
CA LYS A 17 -7.48 8.22 -0.29
C LYS A 17 -6.84 8.67 1.03
N LEU A 18 -6.29 7.74 1.77
CA LEU A 18 -5.63 8.11 3.06
C LEU A 18 -4.17 8.47 2.81
N VAL A 19 -3.54 7.82 1.86
CA VAL A 19 -2.11 8.11 1.56
C VAL A 19 -1.96 9.58 1.13
N ARG A 20 -1.03 10.28 1.72
CA ARG A 20 -0.84 11.71 1.34
C ARG A 20 0.38 11.86 0.43
N ASN A 21 1.53 12.09 1.00
CA ASN A 21 2.75 12.24 0.17
C ASN A 21 3.75 11.11 0.47
N GLY A 22 3.34 9.88 0.30
CA GLY A 22 4.25 8.74 0.58
C GLY A 22 3.99 8.21 1.98
N LYS A 23 2.88 8.59 2.57
CA LYS A 23 2.57 8.10 3.95
C LYS A 23 1.09 7.72 4.04
N LEU A 24 0.79 6.61 4.65
CA LEU A 24 -0.64 6.19 4.78
C LEU A 24 -1.18 6.59 6.16
N ALA A 25 -2.40 7.05 6.21
CA ALA A 25 -2.98 7.45 7.53
C ALA A 25 -4.22 6.60 7.84
N CYS A 26 -4.25 5.98 8.98
CA CYS A 26 -5.42 5.13 9.34
C CYS A 26 -5.68 5.20 10.85
N THR A 27 -6.59 4.42 11.35
CA THR A 27 -6.89 4.45 12.80
C THR A 27 -6.38 3.17 13.48
N ARG A 28 -6.65 3.00 14.74
CA ARG A 28 -6.18 1.78 15.45
C ARG A 28 -7.18 0.63 15.24
N GLU A 29 -7.58 0.41 14.02
CA GLU A 29 -8.55 -0.69 13.75
C GLU A 29 -8.09 -1.98 14.43
N ASN A 30 -9.02 -2.75 14.96
CA ASN A 30 -8.63 -4.02 15.65
C ASN A 30 -8.73 -5.19 14.67
N ASP A 31 -8.05 -5.12 13.56
CA ASP A 31 -8.11 -6.23 12.57
C ASP A 31 -6.69 -6.54 12.04
N PRO A 32 -5.93 -7.25 12.84
CA PRO A 32 -4.54 -7.60 12.43
C PRO A 32 -4.56 -8.48 11.18
N ILE A 33 -3.54 -8.40 10.39
CA ILE A 33 -3.47 -9.22 9.14
C ILE A 33 -2.01 -9.50 8.77
N GLN A 34 -1.79 -10.01 7.58
CA GLN A 34 -0.39 -10.31 7.16
C GLN A 34 -0.09 -9.65 5.83
N GLY A 35 1.17 -9.51 5.48
CA GLY A 35 1.53 -8.86 4.19
C GLY A 35 2.33 -9.84 3.34
N PRO A 36 2.52 -9.48 2.08
CA PRO A 36 3.29 -10.34 1.15
C PRO A 36 4.73 -10.52 1.64
N ASP A 37 5.18 -9.65 2.49
CA ASP A 37 6.58 -9.76 3.00
C ASP A 37 6.69 -10.95 3.95
N GLY A 38 5.63 -11.31 4.60
CA GLY A 38 5.67 -12.46 5.53
C GLY A 38 5.50 -11.98 6.97
N LYS A 39 5.79 -10.73 7.23
CA LYS A 39 5.64 -10.20 8.61
C LYS A 39 4.21 -9.70 8.83
N VAL A 40 3.80 -9.61 10.07
CA VAL A 40 2.41 -9.12 10.36
C VAL A 40 2.44 -7.63 10.72
N HIS A 41 1.35 -6.94 10.56
CA HIS A 41 1.32 -5.49 10.88
C HIS A 41 0.23 -5.20 11.92
N GLY A 42 0.17 -3.99 12.41
CA GLY A 42 -0.87 -3.65 13.42
C GLY A 42 -2.25 -3.82 12.81
N ASN A 43 -2.53 -3.12 11.74
CA ASN A 43 -3.88 -3.25 11.10
C ASN A 43 -3.73 -3.36 9.58
N THR A 44 -4.79 -3.11 8.87
CA THR A 44 -4.73 -3.21 7.38
C THR A 44 -3.90 -2.09 6.77
N CYS A 45 -4.16 -0.87 7.16
CA CYS A 45 -3.39 0.27 6.60
C CYS A 45 -1.88 0.00 6.74
N SER A 46 -1.46 -0.58 7.82
CA SER A 46 -0.01 -0.88 7.99
C SER A 46 0.45 -1.78 6.85
N MET A 47 -0.37 -2.73 6.48
CA MET A 47 0.00 -3.62 5.35
C MET A 47 -0.14 -2.85 4.04
N CYS A 48 -0.96 -1.84 4.05
CA CYS A 48 -1.16 -1.02 2.82
C CYS A 48 -0.13 0.11 2.76
N GLU A 49 0.36 0.56 3.89
CA GLU A 49 1.38 1.65 3.88
C GLU A 49 2.68 1.12 3.27
N VAL A 50 3.13 -0.03 3.70
CA VAL A 50 4.39 -0.59 3.13
C VAL A 50 4.19 -0.80 1.63
N PHE A 51 3.06 -1.30 1.25
CA PHE A 51 2.79 -1.51 -0.21
C PHE A 51 2.75 -0.15 -0.90
N PHE A 52 2.13 0.81 -0.27
CA PHE A 52 2.07 2.18 -0.86
C PHE A 52 3.47 2.77 -0.97
N GLN A 53 4.31 2.49 0.01
CA GLN A 53 5.70 3.03 -0.03
C GLN A 53 6.43 2.49 -1.26
N ALA A 54 6.39 1.20 -1.47
CA ALA A 54 7.09 0.61 -2.65
C ALA A 54 6.59 1.29 -3.95
N GLU A 55 5.35 1.67 -3.99
CA GLU A 55 4.82 2.33 -5.21
C GLU A 55 5.44 3.72 -5.37
N GLU A 56 5.86 4.32 -4.29
CA GLU A 56 6.47 5.68 -4.38
C GLU A 56 7.84 5.60 -5.07
N GLU A 57 8.56 4.54 -4.86
CA GLU A 57 9.90 4.41 -5.52
C GLU A 57 9.73 4.31 -7.04
N GLU A 58 8.71 3.64 -7.49
CA GLU A 58 8.49 3.52 -8.96
C GLU A 58 8.33 4.91 -9.59
N LYS A 59 7.81 5.84 -8.85
CA LYS A 59 7.62 7.22 -9.42
C LYS A 59 8.96 7.95 -9.42
N LYS A 60 9.98 7.37 -8.86
CA LYS A 60 11.31 8.05 -8.84
C LYS A 60 11.76 8.39 -10.27
N LYS A 61 11.48 7.51 -11.20
CA LYS A 61 11.89 7.78 -12.61
C LYS A 61 11.24 9.08 -13.10
N LYS A 62 10.05 9.36 -12.68
CA LYS A 62 9.36 10.61 -13.13
C LYS A 62 9.27 11.61 -11.97
N GLU A 63 9.34 12.88 -12.25
CA GLU A 63 9.26 13.90 -11.17
C GLU A 63 7.92 14.65 -11.25
N GLY A 64 7.43 15.11 -10.13
CA GLY A 64 6.14 15.84 -10.14
C GLY A 64 4.98 14.85 -9.94
N GLU A 65 3.77 15.33 -9.96
CA GLU A 65 2.60 14.43 -9.78
C GLU A 65 1.84 14.26 -11.09
N SER A 66 1.37 13.08 -11.37
CA SER A 66 0.62 12.86 -12.65
C SER A 66 -0.70 13.63 -12.62
N ARG A 67 -1.17 13.98 -11.45
CA ARG A 67 -2.45 14.74 -11.36
C ARG A 67 -2.20 16.15 -10.82
N ASN A 68 -2.94 17.11 -11.28
CA ASN A 68 -2.75 18.51 -10.79
C ASN A 68 -2.81 18.54 -9.26
N GLU A 1 -7.07 -14.72 -17.11
CA GLU A 1 -6.65 -14.77 -15.68
C GLU A 1 -5.61 -13.69 -15.39
N SER A 2 -5.99 -12.64 -14.71
CA SER A 2 -5.03 -11.55 -14.40
C SER A 2 -3.92 -12.07 -13.47
N GLY A 3 -4.20 -13.13 -12.76
CA GLY A 3 -3.16 -13.68 -11.83
C GLY A 3 -3.81 -13.99 -10.48
N LYS A 4 -3.33 -13.37 -9.43
CA LYS A 4 -3.92 -13.64 -8.08
C LYS A 4 -5.39 -13.22 -8.06
N ALA A 5 -6.22 -13.99 -7.41
CA ALA A 5 -7.67 -13.64 -7.35
C ALA A 5 -7.85 -12.21 -6.82
N THR A 6 -6.89 -11.70 -6.11
CA THR A 6 -7.00 -10.33 -5.57
C THR A 6 -5.73 -9.52 -5.86
N SER A 7 -5.77 -8.24 -5.64
CA SER A 7 -4.56 -7.41 -5.90
C SER A 7 -4.47 -6.28 -4.87
N TYR A 8 -3.37 -6.20 -4.16
CA TYR A 8 -3.23 -5.12 -3.14
C TYR A 8 -3.70 -3.79 -3.71
N ALA A 9 -3.19 -3.40 -4.86
CA ALA A 9 -3.62 -2.11 -5.46
C ALA A 9 -5.13 -1.94 -5.33
N GLU A 10 -5.86 -3.02 -5.38
CA GLU A 10 -7.35 -2.92 -5.25
C GLU A 10 -7.73 -2.94 -3.78
N LEU A 11 -7.11 -3.79 -3.01
CA LEU A 11 -7.43 -3.86 -1.55
C LEU A 11 -7.01 -2.56 -0.87
N CYS A 12 -5.76 -2.22 -0.96
CA CYS A 12 -5.27 -0.97 -0.33
C CYS A 12 -5.91 0.24 -1.03
N ASN A 13 -6.52 0.01 -2.16
CA ASN A 13 -7.18 1.13 -2.90
C ASN A 13 -7.93 2.03 -1.91
N GLU A 14 -8.80 1.46 -1.13
CA GLU A 14 -9.56 2.27 -0.14
C GLU A 14 -8.62 3.22 0.62
N TYR A 15 -7.40 2.81 0.83
CA TYR A 15 -6.45 3.69 1.57
C TYR A 15 -5.89 4.76 0.64
N ARG A 16 -6.05 4.60 -0.65
CA ARG A 16 -5.54 5.62 -1.60
C ARG A 16 -5.94 7.01 -1.11
N LYS A 17 -7.12 7.14 -0.57
CA LYS A 17 -7.58 8.46 -0.06
C LYS A 17 -6.98 8.72 1.33
N LEU A 18 -6.57 7.68 2.00
CA LEU A 18 -5.97 7.87 3.36
C LEU A 18 -4.49 8.19 3.22
N VAL A 19 -3.89 7.86 2.11
CA VAL A 19 -2.45 8.16 1.91
C VAL A 19 -2.25 9.64 1.53
N ARG A 20 -1.29 10.29 2.12
CA ARG A 20 -1.05 11.72 1.79
C ARG A 20 0.17 11.86 0.88
N ASN A 21 1.32 12.03 1.46
CA ASN A 21 2.57 12.15 0.64
C ASN A 21 3.54 11.03 1.00
N GLY A 22 3.09 9.81 0.94
CA GLY A 22 3.98 8.66 1.29
C GLY A 22 3.58 8.14 2.68
N LYS A 23 2.72 8.85 3.36
CA LYS A 23 2.30 8.40 4.71
C LYS A 23 0.89 7.81 4.64
N LEU A 24 0.65 6.73 5.34
CA LEU A 24 -0.71 6.11 5.31
C LEU A 24 -1.40 6.31 6.66
N ALA A 25 -2.68 6.52 6.66
CA ALA A 25 -3.40 6.72 7.95
C ALA A 25 -3.98 5.38 8.45
N CYS A 26 -3.33 4.78 9.40
CA CYS A 26 -3.83 3.48 9.93
C CYS A 26 -4.81 3.73 11.08
N THR A 27 -5.92 3.04 11.09
CA THR A 27 -6.92 3.25 12.18
C THR A 27 -6.72 2.21 13.28
N ARG A 28 -7.65 2.13 14.21
CA ARG A 28 -7.52 1.14 15.31
C ARG A 28 -8.56 0.03 15.14
N GLU A 29 -9.03 -0.17 13.94
CA GLU A 29 -10.04 -1.24 13.71
C GLU A 29 -9.53 -2.58 14.24
N ASN A 30 -10.39 -3.55 14.36
CA ASN A 30 -9.95 -4.88 14.89
C ASN A 30 -9.85 -5.89 13.74
N ASP A 31 -9.02 -5.63 12.77
CA ASP A 31 -8.88 -6.58 11.62
C ASP A 31 -7.41 -6.77 11.26
N PRO A 32 -6.66 -7.35 12.17
CA PRO A 32 -5.23 -7.60 11.93
C PRO A 32 -5.03 -8.53 10.74
N ILE A 33 -3.91 -8.43 10.08
CA ILE A 33 -3.66 -9.32 8.90
C ILE A 33 -2.15 -9.56 8.74
N GLN A 34 -1.76 -10.12 7.63
CA GLN A 34 -0.30 -10.38 7.41
C GLN A 34 0.16 -9.71 6.12
N GLY A 35 1.44 -9.54 5.95
CA GLY A 35 1.95 -8.88 4.71
C GLY A 35 2.51 -9.95 3.77
N PRO A 36 2.59 -9.61 2.50
CA PRO A 36 3.12 -10.56 1.49
C PRO A 36 4.57 -10.93 1.81
N ASP A 37 5.24 -10.15 2.62
CA ASP A 37 6.64 -10.47 2.97
C ASP A 37 6.70 -11.56 4.05
N GLY A 38 5.65 -11.69 4.80
CA GLY A 38 5.64 -12.74 5.87
C GLY A 38 5.51 -12.06 7.24
N LYS A 39 5.92 -10.83 7.34
CA LYS A 39 5.83 -10.12 8.65
C LYS A 39 4.41 -9.62 8.89
N VAL A 40 4.05 -9.40 10.12
CA VAL A 40 2.67 -8.91 10.42
C VAL A 40 2.70 -7.41 10.74
N HIS A 41 1.60 -6.73 10.55
CA HIS A 41 1.57 -5.26 10.83
C HIS A 41 0.37 -4.92 11.70
N GLY A 42 0.32 -3.72 12.21
CA GLY A 42 -0.84 -3.33 13.08
C GLY A 42 -2.14 -3.72 12.40
N ASN A 43 -2.57 -2.96 11.43
CA ASN A 43 -3.85 -3.30 10.73
C ASN A 43 -3.64 -3.29 9.22
N THR A 44 -4.72 -3.32 8.47
CA THR A 44 -4.59 -3.32 6.99
C THR A 44 -3.73 -2.14 6.52
N CYS A 45 -4.00 -0.97 7.01
CA CYS A 45 -3.19 0.21 6.58
C CYS A 45 -1.70 -0.06 6.77
N SER A 46 -1.27 -0.29 7.97
CA SER A 46 0.18 -0.58 8.19
C SER A 46 0.65 -1.59 7.16
N MET A 47 -0.23 -2.45 6.71
CA MET A 47 0.15 -3.45 5.69
C MET A 47 -0.06 -2.82 4.31
N CYS A 48 -0.97 -1.90 4.22
CA CYS A 48 -1.25 -1.21 2.93
C CYS A 48 -0.29 -0.04 2.76
N GLU A 49 0.38 0.36 3.82
CA GLU A 49 1.34 1.48 3.72
C GLU A 49 2.66 0.97 3.10
N VAL A 50 3.13 -0.16 3.56
CA VAL A 50 4.39 -0.71 2.99
C VAL A 50 4.22 -0.92 1.48
N PHE A 51 3.03 -1.24 1.05
CA PHE A 51 2.78 -1.44 -0.40
C PHE A 51 2.75 -0.06 -1.08
N PHE A 52 2.16 0.89 -0.42
CA PHE A 52 2.09 2.26 -0.97
C PHE A 52 3.51 2.84 -1.09
N GLN A 53 4.36 2.48 -0.17
CA GLN A 53 5.76 2.98 -0.20
C GLN A 53 6.49 2.41 -1.43
N ALA A 54 6.34 1.13 -1.66
CA ALA A 54 7.02 0.50 -2.83
C ALA A 54 6.46 1.08 -4.13
N GLU A 55 5.19 1.37 -4.17
CA GLU A 55 4.60 1.95 -5.42
C GLU A 55 5.40 3.18 -5.86
N GLU A 56 6.02 3.86 -4.93
CA GLU A 56 6.80 5.06 -5.30
C GLU A 56 8.05 4.66 -6.08
N GLU A 57 8.53 3.47 -5.86
CA GLU A 57 9.75 3.00 -6.60
C GLU A 57 9.43 2.83 -8.08
N GLU A 58 8.29 2.28 -8.39
CA GLU A 58 7.91 2.08 -9.82
C GLU A 58 7.94 3.41 -10.56
N LYS A 59 7.50 4.47 -9.91
CA LYS A 59 7.51 5.81 -10.58
C LYS A 59 8.91 6.41 -10.55
N LYS A 60 9.86 5.71 -9.98
CA LYS A 60 11.25 6.24 -9.93
C LYS A 60 11.73 6.62 -11.33
N LYS A 61 11.20 5.98 -12.34
CA LYS A 61 11.63 6.30 -13.74
C LYS A 61 11.40 7.78 -14.03
N LYS A 62 10.34 8.34 -13.52
CA LYS A 62 10.06 9.79 -13.77
C LYS A 62 10.83 10.65 -12.75
N GLU A 63 11.42 11.72 -13.21
CA GLU A 63 12.18 12.59 -12.27
C GLU A 63 11.22 13.24 -11.27
N GLY A 64 9.95 13.22 -11.54
CA GLY A 64 8.97 13.83 -10.60
C GLY A 64 9.51 15.17 -10.10
N GLU A 65 9.54 15.37 -8.81
CA GLU A 65 10.05 16.65 -8.27
C GLU A 65 11.46 16.93 -8.80
N SER A 66 11.90 18.16 -8.77
CA SER A 66 13.26 18.49 -9.28
C SER A 66 14.32 18.09 -8.25
N ARG A 67 15.56 18.05 -8.65
CA ARG A 67 16.64 17.67 -7.69
C ARG A 67 16.73 18.69 -6.55
N ASN A 68 16.50 19.94 -6.85
CA ASN A 68 16.58 20.98 -5.78
C ASN A 68 15.25 21.05 -5.02
N GLU A 1 -9.90 -12.19 -10.70
CA GLU A 1 -10.53 -13.48 -11.12
C GLU A 1 -9.44 -14.48 -11.53
N SER A 2 -8.29 -13.99 -11.91
CA SER A 2 -7.18 -14.91 -12.32
C SER A 2 -5.98 -14.75 -11.39
N GLY A 3 -5.20 -15.77 -11.22
CA GLY A 3 -4.01 -15.67 -10.33
C GLY A 3 -4.46 -15.30 -8.91
N LYS A 4 -3.93 -14.26 -8.36
CA LYS A 4 -4.32 -13.85 -6.98
C LYS A 4 -5.79 -13.41 -6.97
N ALA A 5 -6.59 -14.00 -6.12
CA ALA A 5 -8.03 -13.61 -6.04
C ALA A 5 -8.16 -12.13 -5.70
N THR A 6 -7.17 -11.57 -5.06
CA THR A 6 -7.25 -10.13 -4.69
C THR A 6 -5.95 -9.42 -5.06
N SER A 7 -5.93 -8.12 -5.02
CA SER A 7 -4.68 -7.37 -5.36
C SER A 7 -4.55 -6.13 -4.47
N TYR A 8 -3.45 -6.01 -3.77
CA TYR A 8 -3.26 -4.83 -2.88
C TYR A 8 -3.72 -3.55 -3.59
N ALA A 9 -3.25 -3.33 -4.79
CA ALA A 9 -3.67 -2.10 -5.53
C ALA A 9 -5.20 -1.97 -5.48
N GLU A 10 -5.90 -3.05 -5.30
CA GLU A 10 -7.38 -2.98 -5.24
C GLU A 10 -7.83 -3.07 -3.78
N LEU A 11 -7.15 -3.84 -2.98
CA LEU A 11 -7.53 -3.97 -1.55
C LEU A 11 -7.06 -2.74 -0.79
N CYS A 12 -5.80 -2.41 -0.91
CA CYS A 12 -5.27 -1.21 -0.20
C CYS A 12 -5.84 0.06 -0.83
N ASN A 13 -6.35 -0.05 -2.04
CA ASN A 13 -6.93 1.14 -2.71
C ASN A 13 -7.76 1.95 -1.72
N GLU A 14 -8.68 1.32 -1.06
CA GLU A 14 -9.52 2.04 -0.07
C GLU A 14 -8.65 2.96 0.79
N TYR A 15 -7.39 2.65 0.93
CA TYR A 15 -6.49 3.50 1.76
C TYR A 15 -5.76 4.50 0.88
N ARG A 16 -5.74 4.29 -0.41
CA ARG A 16 -5.05 5.25 -1.32
C ARG A 16 -5.54 6.67 -1.05
N LYS A 17 -6.74 6.79 -0.53
CA LYS A 17 -7.28 8.15 -0.23
C LYS A 17 -6.70 8.66 1.08
N LEU A 18 -6.31 7.76 1.95
CA LEU A 18 -5.74 8.18 3.26
C LEU A 18 -4.23 8.38 3.10
N VAL A 19 -3.57 7.52 2.36
CA VAL A 19 -2.10 7.66 2.17
C VAL A 19 -1.82 8.44 0.89
N ARG A 20 -1.31 9.64 1.02
CA ARG A 20 -1.00 10.45 -0.19
C ARG A 20 0.42 10.14 -0.70
N ASN A 21 1.41 10.75 -0.11
CA ASN A 21 2.81 10.48 -0.54
C ASN A 21 3.63 9.88 0.60
N GLY A 22 3.04 9.01 1.36
CA GLY A 22 3.79 8.38 2.49
C GLY A 22 3.08 8.70 3.82
N LYS A 23 1.84 9.08 3.76
CA LYS A 23 1.10 9.40 5.01
C LYS A 23 -0.29 8.76 4.99
N LEU A 24 -0.39 7.51 5.36
CA LEU A 24 -1.71 6.83 5.36
C LEU A 24 -2.51 7.23 6.61
N ALA A 25 -3.75 7.58 6.43
CA ALA A 25 -4.58 7.99 7.60
C ALA A 25 -5.58 6.88 7.96
N CYS A 26 -5.39 6.25 9.08
CA CYS A 26 -6.33 5.16 9.50
C CYS A 26 -6.46 5.15 11.02
N THR A 27 -7.01 4.10 11.56
CA THR A 27 -7.18 4.03 13.04
C THR A 27 -6.09 3.16 13.66
N ARG A 28 -6.26 2.81 14.91
CA ARG A 28 -5.24 1.96 15.59
C ARG A 28 -5.56 0.48 15.44
N GLU A 29 -6.70 0.15 14.90
CA GLU A 29 -7.06 -1.29 14.72
C GLU A 29 -8.03 -1.47 13.56
N ASN A 30 -7.72 -2.34 12.64
CA ASN A 30 -8.63 -2.57 11.48
C ASN A 30 -8.42 -3.97 10.91
N ASP A 31 -8.64 -4.99 11.71
CA ASP A 31 -8.45 -6.38 11.20
C ASP A 31 -6.97 -6.63 10.90
N PRO A 32 -6.25 -7.10 11.89
CA PRO A 32 -4.81 -7.38 11.73
C PRO A 32 -4.60 -8.49 10.69
N ILE A 33 -3.53 -8.41 9.95
CA ILE A 33 -3.24 -9.46 8.92
C ILE A 33 -1.74 -9.58 8.70
N GLN A 34 -1.33 -10.27 7.67
CA GLN A 34 0.13 -10.43 7.40
C GLN A 34 0.49 -9.78 6.06
N GLY A 35 1.54 -9.01 6.03
CA GLY A 35 1.96 -8.36 4.75
C GLY A 35 2.35 -9.44 3.73
N PRO A 36 2.40 -9.05 2.48
CA PRO A 36 2.76 -10.00 1.40
C PRO A 36 4.18 -10.54 1.62
N ASP A 37 4.97 -9.87 2.42
CA ASP A 37 6.35 -10.35 2.68
C ASP A 37 6.35 -11.45 3.74
N GLY A 38 5.21 -11.73 4.31
CA GLY A 38 5.14 -12.79 5.35
C GLY A 38 5.14 -12.15 6.74
N LYS A 39 5.58 -10.93 6.84
CA LYS A 39 5.61 -10.25 8.17
C LYS A 39 4.23 -9.70 8.53
N VAL A 40 3.96 -9.52 9.79
CA VAL A 40 2.62 -8.99 10.19
C VAL A 40 2.69 -7.47 10.38
N HIS A 41 1.57 -6.82 10.45
CA HIS A 41 1.57 -5.34 10.62
C HIS A 41 0.58 -4.94 11.71
N GLY A 42 0.37 -3.67 11.89
CA GLY A 42 -0.58 -3.21 12.95
C GLY A 42 -2.01 -3.54 12.51
N ASN A 43 -2.45 -3.00 11.40
CA ASN A 43 -3.83 -3.28 10.92
C ASN A 43 -3.85 -3.40 9.40
N THR A 44 -5.01 -3.32 8.82
CA THR A 44 -5.13 -3.43 7.34
C THR A 44 -4.46 -2.23 6.66
N CYS A 45 -4.47 -1.09 7.30
CA CYS A 45 -3.83 0.11 6.68
C CYS A 45 -2.32 0.01 6.81
N SER A 46 -1.82 -0.17 8.00
CA SER A 46 -0.34 -0.29 8.18
C SER A 46 0.21 -1.23 7.11
N MET A 47 -0.43 -2.34 6.89
CA MET A 47 0.05 -3.28 5.85
C MET A 47 -0.03 -2.60 4.48
N CYS A 48 -0.99 -1.72 4.33
CA CYS A 48 -1.13 -0.99 3.03
C CYS A 48 -0.08 0.11 2.94
N GLU A 49 0.38 0.61 4.05
CA GLU A 49 1.41 1.68 4.03
C GLU A 49 2.70 1.14 3.39
N VAL A 50 3.02 -0.10 3.66
CA VAL A 50 4.26 -0.68 3.07
C VAL A 50 4.11 -0.71 1.55
N PHE A 51 3.06 -1.32 1.08
CA PHE A 51 2.83 -1.37 -0.38
C PHE A 51 2.80 0.05 -0.92
N PHE A 52 2.11 0.93 -0.25
CA PHE A 52 2.05 2.34 -0.70
C PHE A 52 3.47 2.91 -0.75
N GLN A 53 4.25 2.62 0.25
CA GLN A 53 5.65 3.12 0.26
C GLN A 53 6.40 2.59 -0.97
N ALA A 54 6.25 1.32 -1.23
CA ALA A 54 6.94 0.72 -2.41
C ALA A 54 6.55 1.47 -3.69
N GLU A 55 5.30 1.84 -3.82
CA GLU A 55 4.87 2.58 -5.05
C GLU A 55 5.81 3.76 -5.30
N GLU A 56 6.23 4.42 -4.26
CA GLU A 56 7.14 5.58 -4.44
C GLU A 56 8.55 5.08 -4.76
N GLU A 57 8.85 3.86 -4.41
CA GLU A 57 10.20 3.30 -4.69
C GLU A 57 10.27 2.84 -6.16
N GLU A 58 9.18 2.40 -6.71
CA GLU A 58 9.20 1.93 -8.12
C GLU A 58 9.63 3.07 -9.05
N LYS A 59 9.24 4.27 -8.74
CA LYS A 59 9.62 5.42 -9.60
C LYS A 59 11.08 5.83 -9.34
N LYS A 60 11.68 5.24 -8.35
CA LYS A 60 13.10 5.58 -8.03
C LYS A 60 13.93 5.62 -9.32
N LYS A 61 13.51 4.90 -10.33
CA LYS A 61 14.28 4.89 -11.61
C LYS A 61 14.07 6.20 -12.36
N LYS A 62 15.11 6.75 -12.93
CA LYS A 62 14.97 8.04 -13.67
C LYS A 62 14.73 7.76 -15.16
N GLU A 63 13.97 8.59 -15.81
CA GLU A 63 13.69 8.37 -17.25
C GLU A 63 14.28 9.53 -18.08
N GLY A 64 14.65 9.27 -19.31
CA GLY A 64 15.21 10.35 -20.15
C GLY A 64 14.08 11.19 -20.75
N GLU A 65 14.41 12.26 -21.42
CA GLU A 65 13.34 13.11 -22.02
C GLU A 65 12.68 12.38 -23.19
N SER A 66 13.35 11.41 -23.75
CA SER A 66 12.76 10.66 -24.89
C SER A 66 11.79 9.58 -24.39
N ARG A 67 10.88 9.15 -25.21
CA ARG A 67 9.91 8.11 -24.77
C ARG A 67 10.67 6.87 -24.25
N ASN A 68 11.76 6.53 -24.87
CA ASN A 68 12.53 5.34 -24.41
C ASN A 68 13.25 5.65 -23.09
N GLU A 1 -12.66 -4.29 -4.93
CA GLU A 1 -12.33 -5.06 -3.70
C GLU A 1 -13.19 -6.33 -3.62
N SER A 2 -12.82 -7.35 -4.36
CA SER A 2 -13.61 -8.60 -4.33
C SER A 2 -13.32 -9.40 -3.05
N GLY A 3 -12.30 -9.01 -2.33
CA GLY A 3 -11.96 -9.74 -1.08
C GLY A 3 -10.44 -9.76 -0.90
N LYS A 4 -9.97 -10.21 0.24
CA LYS A 4 -8.50 -10.26 0.47
C LYS A 4 -7.80 -11.03 -0.65
N ALA A 5 -8.54 -11.79 -1.40
CA ALA A 5 -7.91 -12.57 -2.51
C ALA A 5 -7.70 -11.67 -3.73
N THR A 6 -8.27 -10.50 -3.73
CA THR A 6 -8.10 -9.58 -4.89
C THR A 6 -6.68 -9.03 -4.93
N SER A 7 -6.47 -7.99 -5.69
CA SER A 7 -5.11 -7.39 -5.78
C SER A 7 -4.91 -6.35 -4.68
N TYR A 8 -3.69 -6.10 -4.29
CA TYR A 8 -3.45 -5.09 -3.22
C TYR A 8 -3.71 -3.68 -3.75
N ALA A 9 -3.21 -3.38 -4.92
CA ALA A 9 -3.44 -2.03 -5.49
C ALA A 9 -4.94 -1.74 -5.58
N GLU A 10 -5.75 -2.77 -5.64
CA GLU A 10 -7.22 -2.56 -5.73
C GLU A 10 -7.84 -2.65 -4.34
N LEU A 11 -7.23 -3.41 -3.46
CA LEU A 11 -7.76 -3.54 -2.07
C LEU A 11 -7.32 -2.34 -1.24
N CYS A 12 -6.03 -2.18 -1.05
CA CYS A 12 -5.53 -1.03 -0.26
C CYS A 12 -5.94 0.28 -0.95
N ASN A 13 -6.34 0.19 -2.19
CA ASN A 13 -6.76 1.41 -2.93
C ASN A 13 -7.66 2.28 -2.04
N GLU A 14 -8.61 1.67 -1.38
CA GLU A 14 -9.52 2.44 -0.49
C GLU A 14 -8.72 3.27 0.51
N TYR A 15 -7.46 2.94 0.69
CA TYR A 15 -6.62 3.71 1.66
C TYR A 15 -5.74 4.70 0.90
N ARG A 16 -5.49 4.43 -0.35
CA ARG A 16 -4.64 5.35 -1.16
C ARG A 16 -5.09 6.80 -0.93
N LYS A 17 -6.35 6.99 -0.61
CA LYS A 17 -6.84 8.37 -0.36
C LYS A 17 -6.35 8.85 1.00
N LEU A 18 -6.09 7.93 1.90
CA LEU A 18 -5.59 8.33 3.25
C LEU A 18 -4.07 8.47 3.23
N VAL A 19 -3.40 7.56 2.57
CA VAL A 19 -1.91 7.63 2.51
C VAL A 19 -1.45 8.50 1.33
N ARG A 20 -0.82 9.61 1.61
CA ARG A 20 -0.34 10.49 0.51
C ARG A 20 1.06 10.10 0.09
N ASN A 21 2.07 10.67 0.69
CA ASN A 21 3.47 10.32 0.33
C ASN A 21 4.11 9.50 1.44
N GLY A 22 3.34 8.66 2.09
CA GLY A 22 3.90 7.83 3.19
C GLY A 22 3.16 8.15 4.50
N LYS A 23 1.95 8.61 4.40
CA LYS A 23 1.17 8.94 5.63
C LYS A 23 -0.26 8.41 5.51
N LEU A 24 -0.45 7.15 5.78
CA LEU A 24 -1.82 6.57 5.68
C LEU A 24 -2.64 6.93 6.93
N ALA A 25 -3.91 7.18 6.77
CA ALA A 25 -4.76 7.54 7.94
C ALA A 25 -5.82 6.47 8.18
N CYS A 26 -5.64 5.65 9.18
CA CYS A 26 -6.63 4.59 9.48
C CYS A 26 -6.85 4.50 10.99
N THR A 27 -7.61 3.54 11.44
CA THR A 27 -7.86 3.42 12.91
C THR A 27 -7.06 2.26 13.49
N ARG A 28 -7.11 2.08 14.78
CA ARG A 28 -6.34 0.97 15.42
C ARG A 28 -7.24 -0.26 15.60
N GLU A 29 -7.96 -0.63 14.59
CA GLU A 29 -8.86 -1.82 14.71
C GLU A 29 -8.09 -3.00 15.31
N ASN A 30 -8.77 -3.92 15.92
CA ASN A 30 -8.07 -5.09 16.52
C ASN A 30 -8.08 -6.27 15.54
N ASP A 31 -7.54 -6.08 14.36
CA ASP A 31 -7.52 -7.19 13.37
C ASP A 31 -6.13 -7.30 12.72
N PRO A 32 -5.18 -7.78 13.48
CA PRO A 32 -3.80 -7.93 12.97
C PRO A 32 -3.77 -8.93 11.81
N ILE A 33 -3.01 -8.63 10.79
CA ILE A 33 -2.95 -9.57 9.62
C ILE A 33 -1.51 -9.64 9.10
N GLN A 34 -1.32 -10.21 7.94
CA GLN A 34 0.05 -10.32 7.37
C GLN A 34 0.11 -9.66 5.99
N GLY A 35 1.29 -9.36 5.51
CA GLY A 35 1.40 -8.70 4.18
C GLY A 35 2.29 -9.57 3.27
N PRO A 36 2.38 -9.17 2.02
CA PRO A 36 3.20 -9.90 1.04
C PRO A 36 4.67 -9.92 1.47
N ASP A 37 5.07 -8.98 2.28
CA ASP A 37 6.49 -8.94 2.73
C ASP A 37 6.81 -10.16 3.60
N GLY A 38 5.97 -10.45 4.54
CA GLY A 38 6.22 -11.63 5.41
C GLY A 38 6.08 -11.21 6.88
N LYS A 39 6.00 -9.93 7.13
CA LYS A 39 5.88 -9.46 8.54
C LYS A 39 4.42 -9.16 8.88
N VAL A 40 4.10 -9.10 10.15
CA VAL A 40 2.69 -8.80 10.54
C VAL A 40 2.54 -7.32 10.87
N HIS A 41 1.39 -6.76 10.62
CA HIS A 41 1.19 -5.31 10.91
C HIS A 41 0.02 -5.12 11.88
N GLY A 42 -0.16 -3.92 12.37
CA GLY A 42 -1.27 -3.67 13.33
C GLY A 42 -2.61 -4.03 12.67
N ASN A 43 -2.98 -3.33 11.63
CA ASN A 43 -4.27 -3.64 10.96
C ASN A 43 -4.09 -3.69 9.44
N THR A 44 -5.16 -3.58 8.71
CA THR A 44 -5.07 -3.64 7.22
C THR A 44 -4.34 -2.41 6.68
N CYS A 45 -4.75 -1.24 7.08
CA CYS A 45 -4.09 -0.01 6.57
C CYS A 45 -2.57 -0.14 6.73
N SER A 46 -2.12 -0.69 7.82
CA SER A 46 -0.66 -0.87 8.01
C SER A 46 -0.09 -1.68 6.85
N MET A 47 -0.70 -2.80 6.55
CA MET A 47 -0.21 -3.63 5.42
C MET A 47 -0.34 -2.83 4.13
N CYS A 48 -1.23 -1.88 4.12
CA CYS A 48 -1.43 -1.03 2.90
C CYS A 48 -0.36 0.06 2.85
N GLU A 49 0.15 0.46 3.99
CA GLU A 49 1.20 1.50 4.00
C GLU A 49 2.49 0.96 3.36
N VAL A 50 2.94 -0.18 3.81
CA VAL A 50 4.17 -0.76 3.21
C VAL A 50 3.95 -0.97 1.72
N PHE A 51 2.79 -1.46 1.37
CA PHE A 51 2.48 -1.67 -0.08
C PHE A 51 2.44 -0.31 -0.77
N PHE A 52 1.99 0.70 -0.06
CA PHE A 52 1.95 2.06 -0.66
C PHE A 52 3.37 2.57 -0.87
N GLN A 53 4.27 2.22 0.01
CA GLN A 53 5.68 2.67 -0.14
C GLN A 53 6.31 2.02 -1.37
N ALA A 54 6.04 0.76 -1.57
CA ALA A 54 6.61 0.06 -2.77
C ALA A 54 6.06 0.67 -4.05
N GLU A 55 4.81 1.03 -4.07
CA GLU A 55 4.21 1.63 -5.30
C GLU A 55 5.08 2.80 -5.78
N GLU A 56 5.74 3.47 -4.87
CA GLU A 56 6.60 4.61 -5.28
C GLU A 56 7.84 4.10 -6.02
N GLU A 57 8.20 2.86 -5.80
CA GLU A 57 9.40 2.30 -6.49
C GLU A 57 9.09 2.07 -7.97
N GLU A 58 7.91 1.62 -8.28
CA GLU A 58 7.56 1.39 -9.71
C GLU A 58 7.68 2.69 -10.51
N LYS A 59 7.33 3.80 -9.90
CA LYS A 59 7.42 5.10 -10.62
C LYS A 59 8.87 5.60 -10.62
N LYS A 60 9.77 4.83 -10.08
CA LYS A 60 11.21 5.26 -10.06
C LYS A 60 11.68 5.56 -11.47
N LYS A 61 11.29 4.78 -12.44
CA LYS A 61 11.73 5.02 -13.84
C LYS A 61 11.33 6.43 -14.28
N LYS A 62 10.22 6.92 -13.80
CA LYS A 62 9.77 8.29 -14.20
C LYS A 62 9.68 8.40 -15.72
N GLU A 63 9.57 7.29 -16.40
CA GLU A 63 9.47 7.34 -17.88
C GLU A 63 8.20 8.08 -18.31
N GLY A 64 7.26 8.22 -17.43
CA GLY A 64 6.00 8.94 -17.78
C GLY A 64 6.02 10.33 -17.14
N GLU A 65 4.94 11.06 -17.27
CA GLU A 65 4.88 12.42 -16.66
C GLU A 65 3.90 12.44 -15.50
N SER A 66 4.22 13.14 -14.45
CA SER A 66 3.30 13.20 -13.27
C SER A 66 2.72 14.61 -13.14
N ARG A 67 1.53 14.73 -12.60
CA ARG A 67 0.91 16.07 -12.44
C ARG A 67 1.82 16.97 -11.61
N ASN A 68 2.47 16.43 -10.62
CA ASN A 68 3.36 17.25 -9.76
C ASN A 68 4.75 17.37 -10.40
N GLU A 1 -16.16 -7.04 -1.07
CA GLU A 1 -15.22 -7.80 -1.92
C GLU A 1 -13.77 -7.39 -1.62
N SER A 2 -13.35 -7.57 -0.39
CA SER A 2 -11.96 -7.20 -0.03
C SER A 2 -11.28 -8.34 0.73
N GLY A 3 -10.09 -8.69 0.35
CA GLY A 3 -9.37 -9.80 1.05
C GLY A 3 -8.16 -10.23 0.23
N LYS A 4 -7.52 -11.30 0.61
CA LYS A 4 -6.33 -11.77 -0.15
C LYS A 4 -6.75 -12.31 -1.52
N ALA A 5 -8.02 -12.38 -1.78
CA ALA A 5 -8.49 -12.90 -3.09
C ALA A 5 -8.38 -11.81 -4.16
N THR A 6 -8.12 -10.60 -3.76
CA THR A 6 -8.00 -9.50 -4.76
C THR A 6 -6.54 -9.05 -4.90
N SER A 7 -6.33 -7.91 -5.49
CA SER A 7 -4.93 -7.41 -5.66
C SER A 7 -4.65 -6.30 -4.64
N TYR A 8 -3.43 -6.20 -4.19
CA TYR A 8 -3.08 -5.15 -3.20
C TYR A 8 -3.47 -3.77 -3.73
N ALA A 9 -2.91 -3.36 -4.84
CA ALA A 9 -3.26 -2.03 -5.40
C ALA A 9 -4.79 -1.87 -5.45
N GLU A 10 -5.50 -2.97 -5.46
CA GLU A 10 -6.99 -2.88 -5.50
C GLU A 10 -7.55 -3.05 -4.09
N LEU A 11 -6.80 -3.70 -3.23
CA LEU A 11 -7.26 -3.89 -1.83
C LEU A 11 -6.95 -2.64 -1.02
N CYS A 12 -5.69 -2.31 -0.89
CA CYS A 12 -5.32 -1.08 -0.13
C CYS A 12 -5.83 0.15 -0.86
N ASN A 13 -6.31 -0.02 -2.06
CA ASN A 13 -6.83 1.15 -2.83
C ASN A 13 -7.73 1.99 -1.93
N GLU A 14 -8.56 1.36 -1.15
CA GLU A 14 -9.47 2.11 -0.24
C GLU A 14 -8.66 3.00 0.71
N TYR A 15 -7.37 2.79 0.81
CA TYR A 15 -6.54 3.63 1.73
C TYR A 15 -5.94 4.81 0.96
N ARG A 16 -5.94 4.75 -0.34
CA ARG A 16 -5.37 5.87 -1.13
C ARG A 16 -5.97 7.20 -0.65
N LYS A 17 -7.18 7.16 -0.17
CA LYS A 17 -7.81 8.42 0.33
C LYS A 17 -7.09 8.88 1.59
N LEU A 18 -6.33 8.00 2.19
CA LEU A 18 -5.60 8.38 3.43
C LEU A 18 -4.16 8.77 3.07
N VAL A 19 -3.51 7.98 2.25
CA VAL A 19 -2.11 8.30 1.86
C VAL A 19 -2.10 8.97 0.47
N ARG A 20 -1.41 10.05 0.35
CA ARG A 20 -1.36 10.76 -0.98
C ARG A 20 0.00 10.55 -1.65
N ASN A 21 1.04 10.45 -0.88
CA ASN A 21 2.39 10.26 -1.48
C ASN A 21 3.35 9.67 -0.44
N GLY A 22 2.86 8.88 0.46
CA GLY A 22 3.74 8.27 1.50
C GLY A 22 3.25 8.67 2.89
N LYS A 23 2.26 9.53 2.96
CA LYS A 23 1.74 9.96 4.29
C LYS A 23 0.45 9.20 4.60
N LEU A 24 0.54 7.91 4.77
CA LEU A 24 -0.68 7.11 5.07
C LEU A 24 -1.04 7.22 6.55
N ALA A 25 -2.22 7.68 6.86
CA ALA A 25 -2.62 7.82 8.28
C ALA A 25 -3.35 6.55 8.75
N CYS A 26 -2.74 5.81 9.63
CA CYS A 26 -3.39 4.55 10.12
C CYS A 26 -4.28 4.86 11.32
N THR A 27 -5.06 3.90 11.77
CA THR A 27 -5.94 4.14 12.93
C THR A 27 -5.67 3.11 14.03
N ARG A 28 -6.45 3.11 15.08
CA ARG A 28 -6.23 2.12 16.17
C ARG A 28 -7.08 0.87 15.94
N GLU A 29 -7.55 0.68 14.74
CA GLU A 29 -8.38 -0.52 14.44
C GLU A 29 -7.73 -1.78 15.00
N ASN A 30 -8.50 -2.65 15.60
CA ASN A 30 -7.92 -3.90 16.17
C ASN A 30 -8.08 -5.06 15.18
N ASP A 31 -7.57 -4.93 13.99
CA ASP A 31 -7.70 -6.03 12.99
C ASP A 31 -6.36 -6.28 12.30
N PRO A 32 -5.45 -6.88 13.02
CA PRO A 32 -4.11 -7.19 12.47
C PRO A 32 -4.22 -8.15 11.29
N ILE A 33 -3.22 -8.18 10.45
CA ILE A 33 -3.26 -9.09 9.27
C ILE A 33 -1.83 -9.47 8.86
N GLN A 34 -1.68 -10.06 7.70
CA GLN A 34 -0.32 -10.45 7.24
C GLN A 34 -0.01 -9.80 5.89
N GLY A 35 1.24 -9.66 5.56
CA GLY A 35 1.60 -9.03 4.26
C GLY A 35 2.25 -10.08 3.34
N PRO A 36 2.39 -9.74 2.09
CA PRO A 36 2.99 -10.66 1.10
C PRO A 36 4.44 -10.98 1.49
N ASP A 37 5.05 -10.16 2.31
CA ASP A 37 6.46 -10.43 2.72
C ASP A 37 6.50 -11.56 3.74
N GLY A 38 5.54 -11.63 4.61
CA GLY A 38 5.52 -12.71 5.63
C GLY A 38 5.38 -12.09 7.03
N LYS A 39 5.77 -10.86 7.19
CA LYS A 39 5.67 -10.21 8.52
C LYS A 39 4.23 -9.74 8.77
N VAL A 40 3.85 -9.59 10.01
CA VAL A 40 2.46 -9.14 10.32
C VAL A 40 2.46 -7.64 10.64
N HIS A 41 1.34 -7.00 10.46
CA HIS A 41 1.27 -5.53 10.76
C HIS A 41 0.19 -5.25 11.80
N GLY A 42 0.12 -4.04 12.28
CA GLY A 42 -0.91 -3.69 13.30
C GLY A 42 -2.30 -3.95 12.72
N ASN A 43 -2.54 -3.51 11.51
CA ASN A 43 -3.87 -3.74 10.89
C ASN A 43 -3.77 -3.69 9.36
N THR A 44 -4.86 -3.52 8.69
CA THR A 44 -4.84 -3.48 7.20
C THR A 44 -4.08 -2.25 6.70
N CYS A 45 -4.41 -1.09 7.18
CA CYS A 45 -3.71 0.14 6.72
C CYS A 45 -2.19 -0.05 6.85
N SER A 46 -1.73 -0.67 7.91
CA SER A 46 -0.27 -0.88 8.07
C SER A 46 0.24 -1.65 6.83
N MET A 47 -0.46 -2.67 6.45
CA MET A 47 -0.05 -3.45 5.25
C MET A 47 -0.14 -2.53 4.03
N CYS A 48 -0.95 -1.52 4.11
CA CYS A 48 -1.11 -0.58 2.96
C CYS A 48 0.02 0.47 3.00
N GLU A 49 0.46 0.84 4.18
CA GLU A 49 1.56 1.84 4.27
C GLU A 49 2.81 1.28 3.60
N VAL A 50 3.17 0.06 3.90
CA VAL A 50 4.38 -0.53 3.26
C VAL A 50 4.13 -0.69 1.77
N PHE A 51 2.97 -1.14 1.39
CA PHE A 51 2.67 -1.30 -0.05
C PHE A 51 2.62 0.09 -0.70
N PHE A 52 2.11 1.05 0.02
CA PHE A 52 2.04 2.44 -0.53
C PHE A 52 3.46 2.99 -0.67
N GLN A 53 4.34 2.62 0.21
CA GLN A 53 5.74 3.11 0.13
C GLN A 53 6.42 2.53 -1.11
N ALA A 54 6.22 1.27 -1.36
CA ALA A 54 6.85 0.63 -2.56
C ALA A 54 6.28 1.25 -3.85
N GLU A 55 5.02 1.60 -3.85
CA GLU A 55 4.41 2.19 -5.06
C GLU A 55 5.21 3.42 -5.51
N GLU A 56 5.84 4.09 -4.59
CA GLU A 56 6.65 5.29 -4.95
C GLU A 56 7.93 4.87 -5.67
N GLU A 57 8.41 3.68 -5.41
CA GLU A 57 9.66 3.22 -6.07
C GLU A 57 9.37 2.81 -7.52
N GLU A 58 8.26 2.19 -7.76
CA GLU A 58 7.92 1.78 -9.14
C GLU A 58 7.98 2.98 -10.09
N LYS A 59 7.68 4.15 -9.60
CA LYS A 59 7.73 5.37 -10.46
C LYS A 59 9.17 5.81 -10.67
N LYS A 60 10.10 5.20 -9.99
CA LYS A 60 11.53 5.58 -10.15
C LYS A 60 11.95 5.46 -11.62
N LYS A 61 11.37 4.54 -12.34
CA LYS A 61 11.73 4.37 -13.77
C LYS A 61 11.47 5.67 -14.54
N LYS A 62 10.49 6.42 -14.12
CA LYS A 62 10.18 7.70 -14.83
C LYS A 62 10.22 8.87 -13.84
N GLU A 63 10.47 10.06 -14.32
CA GLU A 63 10.54 11.24 -13.41
C GLU A 63 9.14 11.56 -12.87
N GLY A 64 8.12 11.01 -13.49
CA GLY A 64 6.73 11.29 -13.00
C GLY A 64 6.32 12.70 -13.42
N GLU A 65 5.12 13.10 -13.10
CA GLU A 65 4.66 14.46 -13.47
C GLU A 65 5.26 15.51 -12.52
N SER A 66 5.66 15.10 -11.35
CA SER A 66 6.25 16.06 -10.38
C SER A 66 7.64 16.50 -10.86
N ARG A 67 8.20 15.80 -11.80
CA ARG A 67 9.56 16.18 -12.30
C ARG A 67 9.52 16.44 -13.80
N ASN A 68 10.33 17.33 -14.28
CA ASN A 68 10.33 17.64 -15.75
C ASN A 68 11.76 17.61 -16.28
N GLU A 1 -1.28 -20.88 -10.87
CA GLU A 1 -1.67 -19.86 -9.86
C GLU A 1 -1.11 -18.49 -10.25
N SER A 2 -1.97 -17.55 -10.56
CA SER A 2 -1.48 -16.20 -10.94
C SER A 2 -2.14 -15.13 -10.06
N GLY A 3 -1.50 -14.00 -9.91
CA GLY A 3 -2.09 -12.92 -9.06
C GLY A 3 -2.96 -12.01 -9.93
N LYS A 4 -3.47 -12.52 -11.01
CA LYS A 4 -4.33 -11.68 -11.89
C LYS A 4 -5.75 -11.57 -11.31
N ALA A 5 -6.18 -12.57 -10.58
CA ALA A 5 -7.55 -12.53 -10.00
C ALA A 5 -7.62 -11.44 -8.92
N THR A 6 -6.49 -11.04 -8.38
CA THR A 6 -6.51 -9.99 -7.33
C THR A 6 -5.24 -9.15 -7.41
N SER A 7 -5.26 -7.98 -6.81
CA SER A 7 -4.05 -7.11 -6.86
C SER A 7 -4.01 -6.21 -5.63
N TYR A 8 -2.97 -6.29 -4.84
CA TYR A 8 -2.88 -5.43 -3.63
C TYR A 8 -3.33 -4.01 -3.95
N ALA A 9 -2.82 -3.43 -5.01
CA ALA A 9 -3.23 -2.05 -5.36
C ALA A 9 -4.76 -1.92 -5.31
N GLU A 10 -5.46 -3.00 -5.48
CA GLU A 10 -6.95 -2.95 -5.42
C GLU A 10 -7.42 -3.16 -3.98
N LEU A 11 -6.74 -3.98 -3.24
CA LEU A 11 -7.14 -4.22 -1.83
C LEU A 11 -6.91 -2.96 -1.00
N CYS A 12 -5.67 -2.59 -0.84
CA CYS A 12 -5.36 -1.36 -0.05
C CYS A 12 -5.91 -0.13 -0.79
N ASN A 13 -6.34 -0.32 -2.02
CA ASN A 13 -6.90 0.82 -2.80
C ASN A 13 -7.79 1.69 -1.91
N GLU A 14 -8.65 1.08 -1.15
CA GLU A 14 -9.55 1.88 -0.26
C GLU A 14 -8.71 2.86 0.56
N TYR A 15 -7.48 2.52 0.84
CA TYR A 15 -6.61 3.43 1.63
C TYR A 15 -6.03 4.52 0.72
N ARG A 16 -6.27 4.42 -0.56
CA ARG A 16 -5.74 5.46 -1.50
C ARG A 16 -6.27 6.82 -1.09
N LYS A 17 -7.36 6.85 -0.38
CA LYS A 17 -7.93 8.15 0.08
C LYS A 17 -7.25 8.58 1.39
N LEU A 18 -6.26 7.83 1.80
CA LEU A 18 -5.55 8.17 3.07
C LEU A 18 -4.10 8.56 2.77
N VAL A 19 -3.54 8.02 1.71
CA VAL A 19 -2.14 8.35 1.36
C VAL A 19 -2.08 9.68 0.61
N ARG A 20 -1.60 10.71 1.26
CA ARG A 20 -1.52 12.03 0.58
C ARG A 20 -0.24 12.11 -0.27
N ASN A 21 0.83 12.58 0.31
CA ASN A 21 2.11 12.67 -0.45
C ASN A 21 3.16 11.76 0.17
N GLY A 22 2.86 10.49 0.31
CA GLY A 22 3.84 9.54 0.91
C GLY A 22 3.50 9.34 2.39
N LYS A 23 2.29 9.65 2.78
CA LYS A 23 1.90 9.48 4.20
C LYS A 23 0.53 8.79 4.30
N LEU A 24 0.47 7.64 4.91
CA LEU A 24 -0.83 6.93 5.04
C LEU A 24 -1.48 7.27 6.39
N ALA A 25 -2.71 7.70 6.37
CA ALA A 25 -3.39 8.06 7.65
C ALA A 25 -4.46 7.02 7.99
N CYS A 26 -4.46 6.54 9.20
CA CYS A 26 -5.47 5.52 9.61
C CYS A 26 -5.79 5.66 11.09
N THR A 27 -6.53 4.73 11.64
CA THR A 27 -6.86 4.81 13.09
C THR A 27 -6.20 3.66 13.86
N ARG A 28 -6.29 3.67 15.16
CA ARG A 28 -5.66 2.58 15.97
C ARG A 28 -6.55 1.34 15.96
N GLU A 29 -6.93 0.88 14.79
CA GLU A 29 -7.80 -0.33 14.73
C GLU A 29 -7.05 -1.55 15.30
N ASN A 30 -7.76 -2.41 15.98
CA ASN A 30 -7.10 -3.61 16.56
C ASN A 30 -7.34 -4.84 15.68
N ASP A 31 -6.94 -4.78 14.44
CA ASP A 31 -7.14 -5.94 13.52
C ASP A 31 -5.83 -6.28 12.81
N PRO A 32 -4.96 -6.99 13.49
CA PRO A 32 -3.67 -7.38 12.91
C PRO A 32 -3.87 -8.29 11.69
N ILE A 33 -2.95 -8.26 10.77
CA ILE A 33 -3.08 -9.12 9.56
C ILE A 33 -1.69 -9.46 9.01
N GLN A 34 -1.63 -9.96 7.80
CA GLN A 34 -0.31 -10.31 7.21
C GLN A 34 -0.18 -9.69 5.81
N GLY A 35 0.96 -9.16 5.48
CA GLY A 35 1.15 -8.54 4.15
C GLY A 35 1.77 -9.57 3.19
N PRO A 36 1.90 -9.19 1.95
CA PRO A 36 2.48 -10.09 0.92
C PRO A 36 3.92 -10.44 1.27
N ASP A 37 4.55 -9.66 2.09
CA ASP A 37 5.96 -9.97 2.47
C ASP A 37 6.02 -11.14 3.44
N GLY A 38 4.96 -11.36 4.17
CA GLY A 38 4.96 -12.49 5.13
C GLY A 38 4.96 -11.94 6.56
N LYS A 39 5.32 -10.70 6.74
CA LYS A 39 5.35 -10.13 8.11
C LYS A 39 3.94 -9.72 8.55
N VAL A 40 3.73 -9.53 9.82
CA VAL A 40 2.38 -9.13 10.31
C VAL A 40 2.37 -7.64 10.67
N HIS A 41 1.24 -7.01 10.57
CA HIS A 41 1.17 -5.55 10.90
C HIS A 41 0.04 -5.29 11.89
N GLY A 42 0.01 -4.11 12.47
CA GLY A 42 -1.06 -3.79 13.44
C GLY A 42 -2.44 -3.88 12.76
N ASN A 43 -2.59 -3.26 11.63
CA ASN A 43 -3.90 -3.31 10.92
C ASN A 43 -3.68 -3.39 9.40
N THR A 44 -4.72 -3.20 8.64
CA THR A 44 -4.58 -3.27 7.16
C THR A 44 -3.84 -2.04 6.65
N CYS A 45 -3.86 -0.95 7.37
CA CYS A 45 -3.13 0.26 6.91
C CYS A 45 -1.63 -0.03 6.93
N SER A 46 -1.11 -0.43 8.06
CA SER A 46 0.35 -0.75 8.12
C SER A 46 0.71 -1.60 6.91
N MET A 47 -0.15 -2.53 6.56
CA MET A 47 0.10 -3.37 5.37
C MET A 47 -0.03 -2.50 4.12
N CYS A 48 -0.94 -1.56 4.17
CA CYS A 48 -1.14 -0.65 3.01
C CYS A 48 -0.01 0.38 2.97
N GLU A 49 0.58 0.68 4.09
CA GLU A 49 1.70 1.67 4.11
C GLU A 49 2.91 1.06 3.41
N VAL A 50 3.32 -0.11 3.83
CA VAL A 50 4.48 -0.78 3.17
C VAL A 50 4.20 -0.90 1.68
N PHE A 51 2.99 -1.27 1.34
CA PHE A 51 2.64 -1.40 -0.10
C PHE A 51 2.64 0.00 -0.74
N PHE A 52 2.12 0.96 -0.04
CA PHE A 52 2.10 2.35 -0.57
C PHE A 52 3.53 2.89 -0.63
N GLN A 53 4.34 2.50 0.32
CA GLN A 53 5.75 2.97 0.34
C GLN A 53 6.52 2.30 -0.79
N ALA A 54 6.27 1.03 -1.02
CA ALA A 54 6.98 0.32 -2.12
C ALA A 54 6.57 0.88 -3.48
N GLU A 55 5.34 1.32 -3.60
CA GLU A 55 4.88 1.87 -4.91
C GLU A 55 5.81 3.01 -5.34
N GLU A 56 6.32 3.75 -4.40
CA GLU A 56 7.23 4.88 -4.76
C GLU A 56 8.59 4.33 -5.20
N GLU A 57 9.00 3.23 -4.64
CA GLU A 57 10.32 2.65 -5.03
C GLU A 57 10.19 1.87 -6.34
N GLU A 58 9.07 1.21 -6.55
CA GLU A 58 8.89 0.45 -7.81
C GLU A 58 9.16 1.34 -9.02
N LYS A 59 9.06 2.63 -8.84
CA LYS A 59 9.32 3.56 -9.99
C LYS A 59 10.83 3.74 -10.19
N LYS A 60 11.63 3.17 -9.35
CA LYS A 60 13.11 3.32 -9.50
C LYS A 60 13.56 2.78 -10.86
N LYS A 61 12.92 1.75 -11.34
CA LYS A 61 13.32 1.18 -12.66
C LYS A 61 12.93 2.13 -13.79
N LYS A 62 13.85 2.41 -14.68
CA LYS A 62 13.53 3.35 -15.80
C LYS A 62 12.48 2.72 -16.73
N GLU A 63 12.39 1.42 -16.74
CA GLU A 63 11.38 0.75 -17.62
C GLU A 63 11.44 1.35 -19.03
N GLY A 64 12.16 0.72 -19.93
CA GLY A 64 12.25 1.25 -21.32
C GLY A 64 11.88 0.15 -22.31
N GLU A 65 12.29 0.29 -23.54
CA GLU A 65 11.97 -0.75 -24.55
C GLU A 65 13.14 -1.73 -24.71
N SER A 66 12.87 -2.91 -25.18
CA SER A 66 13.97 -3.92 -25.34
C SER A 66 14.93 -3.46 -26.45
N ARG A 67 14.47 -2.65 -27.36
CA ARG A 67 15.35 -2.18 -28.46
C ARG A 67 15.34 -0.64 -28.52
N ASN A 68 16.42 -0.05 -28.95
CA ASN A 68 16.47 1.44 -29.03
C ASN A 68 16.75 1.88 -30.47
N GLU A 1 -5.13 -19.12 -10.75
CA GLU A 1 -3.90 -19.12 -11.60
C GLU A 1 -3.69 -17.75 -12.23
N SER A 2 -4.71 -16.94 -12.27
CA SER A 2 -4.56 -15.58 -12.88
C SER A 2 -4.23 -14.55 -11.79
N GLY A 3 -3.85 -15.00 -10.63
CA GLY A 3 -3.52 -14.05 -9.53
C GLY A 3 -4.25 -14.47 -8.25
N LYS A 4 -4.11 -13.71 -7.20
CA LYS A 4 -4.79 -14.08 -5.92
C LYS A 4 -6.25 -13.62 -5.95
N ALA A 5 -7.06 -14.14 -5.07
CA ALA A 5 -8.50 -13.74 -5.06
C ALA A 5 -8.62 -12.23 -4.82
N THR A 6 -7.58 -11.62 -4.32
CA THR A 6 -7.63 -10.14 -4.07
C THR A 6 -6.32 -9.48 -4.51
N SER A 7 -6.31 -8.19 -4.66
CA SER A 7 -5.07 -7.50 -5.09
C SER A 7 -4.79 -6.29 -4.18
N TYR A 8 -3.54 -5.97 -3.96
CA TYR A 8 -3.22 -4.80 -3.09
C TYR A 8 -3.63 -3.50 -3.78
N ALA A 9 -3.19 -3.30 -5.00
CA ALA A 9 -3.55 -2.04 -5.72
C ALA A 9 -5.07 -1.85 -5.69
N GLU A 10 -5.81 -2.91 -5.53
CA GLU A 10 -7.30 -2.78 -5.47
C GLU A 10 -7.77 -2.82 -4.01
N LEU A 11 -7.23 -3.72 -3.23
CA LEU A 11 -7.63 -3.80 -1.80
C LEU A 11 -7.17 -2.55 -1.08
N CYS A 12 -5.89 -2.29 -1.06
CA CYS A 12 -5.38 -1.07 -0.39
C CYS A 12 -5.96 0.17 -1.07
N ASN A 13 -6.53 0.01 -2.22
CA ASN A 13 -7.13 1.16 -2.94
C ASN A 13 -7.90 2.03 -1.96
N GLU A 14 -8.77 1.45 -1.19
CA GLU A 14 -9.56 2.23 -0.19
C GLU A 14 -8.65 3.14 0.63
N TYR A 15 -7.37 2.84 0.69
CA TYR A 15 -6.45 3.70 1.48
C TYR A 15 -5.84 4.79 0.61
N ARG A 16 -5.82 4.60 -0.68
CA ARG A 16 -5.24 5.64 -1.58
C ARG A 16 -5.81 7.00 -1.21
N LYS A 17 -7.07 7.05 -0.89
CA LYS A 17 -7.69 8.36 -0.51
C LYS A 17 -7.08 8.83 0.82
N LEU A 18 -6.53 7.92 1.57
CA LEU A 18 -5.91 8.32 2.87
C LEU A 18 -4.44 8.68 2.65
N VAL A 19 -3.81 8.03 1.72
CA VAL A 19 -2.38 8.33 1.43
C VAL A 19 -2.21 9.82 1.10
N ARG A 20 -1.45 10.53 1.90
CA ARG A 20 -1.25 11.97 1.63
C ARG A 20 -0.18 12.17 0.55
N ASN A 21 1.06 12.31 0.95
CA ASN A 21 2.14 12.50 -0.06
C ASN A 21 3.16 11.36 0.07
N GLY A 22 2.71 10.15 -0.07
CA GLY A 22 3.64 8.98 0.05
C GLY A 22 3.42 8.31 1.41
N LYS A 23 2.71 8.96 2.29
CA LYS A 23 2.46 8.36 3.63
C LYS A 23 1.02 7.87 3.72
N LEU A 24 0.78 6.82 4.46
CA LEU A 24 -0.61 6.29 4.58
C LEU A 24 -1.21 6.65 5.95
N ALA A 25 -2.45 7.02 6.00
CA ALA A 25 -3.08 7.37 7.30
C ALA A 25 -3.60 6.10 7.98
N CYS A 26 -3.03 5.74 9.10
CA CYS A 26 -3.50 4.51 9.80
C CYS A 26 -4.42 4.87 10.96
N THR A 27 -5.16 3.91 11.45
CA THR A 27 -6.08 4.20 12.59
C THR A 27 -5.80 3.25 13.76
N ARG A 28 -6.65 3.25 14.75
CA ARG A 28 -6.42 2.35 15.91
C ARG A 28 -7.26 1.07 15.76
N GLU A 29 -7.52 0.65 14.56
CA GLU A 29 -8.32 -0.58 14.35
C GLU A 29 -7.61 -1.79 14.96
N ASN A 30 -8.34 -2.74 15.46
CA ASN A 30 -7.70 -3.94 16.07
C ASN A 30 -7.85 -5.15 15.14
N ASP A 31 -7.31 -5.08 13.96
CA ASP A 31 -7.43 -6.22 13.01
C ASP A 31 -6.06 -6.53 12.39
N PRO A 32 -5.17 -7.03 13.21
CA PRO A 32 -3.81 -7.38 12.73
C PRO A 32 -3.89 -8.46 11.65
N ILE A 33 -3.02 -8.38 10.67
CA ILE A 33 -3.03 -9.40 9.58
C ILE A 33 -1.60 -9.69 9.12
N GLN A 34 -1.45 -10.36 8.01
CA GLN A 34 -0.09 -10.67 7.50
C GLN A 34 0.14 -10.00 6.14
N GLY A 35 1.36 -9.62 5.87
CA GLY A 35 1.65 -8.96 4.56
C GLY A 35 2.25 -9.99 3.59
N PRO A 36 2.38 -9.59 2.35
CA PRO A 36 2.93 -10.49 1.31
C PRO A 36 4.37 -10.89 1.66
N ASP A 37 5.02 -10.13 2.50
CA ASP A 37 6.42 -10.48 2.88
C ASP A 37 6.43 -11.62 3.90
N GLY A 38 5.47 -11.65 4.78
CA GLY A 38 5.42 -12.74 5.79
C GLY A 38 5.33 -12.13 7.18
N LYS A 39 5.70 -10.89 7.33
CA LYS A 39 5.62 -10.24 8.68
C LYS A 39 4.19 -9.79 8.97
N VAL A 40 3.84 -9.67 10.22
CA VAL A 40 2.45 -9.23 10.57
C VAL A 40 2.44 -7.73 10.88
N HIS A 41 1.33 -7.09 10.65
CA HIS A 41 1.26 -5.62 10.93
C HIS A 41 0.16 -5.33 11.96
N GLY A 42 0.10 -4.13 12.45
CA GLY A 42 -0.95 -3.79 13.47
C GLY A 42 -2.33 -3.94 12.84
N ASN A 43 -2.56 -3.31 11.71
CA ASN A 43 -3.89 -3.42 11.05
C ASN A 43 -3.73 -3.53 9.53
N THR A 44 -4.77 -3.25 8.80
CA THR A 44 -4.70 -3.36 7.32
C THR A 44 -3.88 -2.21 6.74
N CYS A 45 -4.16 -1.00 7.12
CA CYS A 45 -3.39 0.15 6.57
C CYS A 45 -1.88 -0.12 6.69
N SER A 46 -1.45 -0.73 7.76
CA SER A 46 0.01 -1.03 7.89
C SER A 46 0.43 -1.94 6.74
N MET A 47 -0.45 -2.81 6.34
CA MET A 47 -0.12 -3.72 5.20
C MET A 47 -0.27 -2.93 3.90
N CYS A 48 -0.98 -1.84 3.95
CA CYS A 48 -1.17 -0.99 2.74
C CYS A 48 -0.11 0.11 2.68
N GLU A 49 0.43 0.49 3.81
CA GLU A 49 1.48 1.55 3.81
C GLU A 49 2.75 1.00 3.15
N VAL A 50 3.18 -0.16 3.55
CA VAL A 50 4.39 -0.75 2.93
C VAL A 50 4.19 -0.81 1.42
N PHE A 51 3.03 -1.28 1.02
CA PHE A 51 2.73 -1.35 -0.43
C PHE A 51 2.77 0.05 -1.03
N PHE A 52 2.13 0.97 -0.38
CA PHE A 52 2.12 2.38 -0.87
C PHE A 52 3.54 2.92 -0.90
N GLN A 53 4.35 2.52 0.05
CA GLN A 53 5.77 3.00 0.07
C GLN A 53 6.50 2.51 -1.18
N ALA A 54 6.46 1.24 -1.43
CA ALA A 54 7.16 0.69 -2.63
C ALA A 54 6.62 1.35 -3.89
N GLU A 55 5.34 1.64 -3.94
CA GLU A 55 4.76 2.29 -5.14
C GLU A 55 5.25 3.74 -5.25
N GLU A 56 5.61 4.33 -4.15
CA GLU A 56 6.10 5.74 -4.19
C GLU A 56 7.28 5.86 -5.14
N GLU A 57 8.08 4.83 -5.25
CA GLU A 57 9.25 4.88 -6.16
C GLU A 57 8.78 4.89 -7.63
N GLU A 58 7.78 4.11 -7.94
CA GLU A 58 7.28 4.06 -9.33
C GLU A 58 6.97 5.47 -9.83
N LYS A 59 6.58 6.35 -8.94
CA LYS A 59 6.26 7.74 -9.35
C LYS A 59 7.55 8.53 -9.61
N LYS A 60 8.67 8.00 -9.20
CA LYS A 60 9.95 8.71 -9.42
C LYS A 60 10.06 9.17 -10.88
N LYS A 61 9.65 8.36 -11.80
CA LYS A 61 9.73 8.74 -13.23
C LYS A 61 8.71 9.85 -13.55
N LYS A 62 9.05 10.74 -14.43
CA LYS A 62 8.10 11.84 -14.77
C LYS A 62 7.86 11.88 -16.28
N GLU A 63 6.62 11.93 -16.70
CA GLU A 63 6.32 11.96 -18.15
C GLU A 63 6.93 13.21 -18.79
N GLY A 64 7.41 13.11 -19.99
CA GLY A 64 8.01 14.29 -20.67
C GLY A 64 6.90 15.18 -21.24
N GLU A 65 7.16 16.45 -21.37
CA GLU A 65 6.11 17.37 -21.91
C GLU A 65 5.86 17.05 -23.39
N SER A 66 6.80 16.43 -24.04
CA SER A 66 6.61 16.09 -25.48
C SER A 66 5.59 14.95 -25.64
N ARG A 67 5.36 14.21 -24.60
CA ARG A 67 4.38 13.09 -24.68
C ARG A 67 3.47 13.09 -23.45
N ASN A 68 2.21 12.81 -23.64
CA ASN A 68 1.27 12.80 -22.48
C ASN A 68 1.40 11.49 -21.71
N GLU A 1 -3.05 -21.16 -8.48
CA GLU A 1 -3.77 -20.29 -9.46
C GLU A 1 -2.76 -19.48 -10.28
N SER A 2 -3.22 -18.87 -11.34
CA SER A 2 -2.29 -18.06 -12.18
C SER A 2 -1.79 -16.84 -11.39
N GLY A 3 -2.55 -16.39 -10.44
CA GLY A 3 -2.14 -15.21 -9.65
C GLY A 3 -2.86 -15.21 -8.30
N LYS A 4 -2.69 -14.17 -7.52
CA LYS A 4 -3.38 -14.12 -6.20
C LYS A 4 -4.86 -13.80 -6.38
N ALA A 5 -5.70 -14.44 -5.62
CA ALA A 5 -7.17 -14.16 -5.75
C ALA A 5 -7.46 -12.69 -5.46
N THR A 6 -6.62 -12.04 -4.72
CA THR A 6 -6.85 -10.59 -4.42
C THR A 6 -5.63 -9.76 -4.83
N SER A 7 -5.78 -8.47 -4.88
CA SER A 7 -4.63 -7.60 -5.26
C SER A 7 -4.53 -6.40 -4.31
N TYR A 8 -3.40 -6.25 -3.65
CA TYR A 8 -3.24 -5.11 -2.71
C TYR A 8 -3.60 -3.80 -3.40
N ALA A 9 -3.06 -3.55 -4.57
CA ALA A 9 -3.37 -2.29 -5.29
C ALA A 9 -4.87 -2.06 -5.32
N GLU A 10 -5.65 -3.10 -5.30
CA GLU A 10 -7.13 -2.94 -5.32
C GLU A 10 -7.68 -3.01 -3.90
N LEU A 11 -7.09 -3.82 -3.06
CA LEU A 11 -7.57 -3.93 -1.65
C LEU A 11 -7.19 -2.66 -0.88
N CYS A 12 -5.91 -2.41 -0.76
CA CYS A 12 -5.47 -1.19 -0.03
C CYS A 12 -5.96 0.05 -0.75
N ASN A 13 -6.42 -0.10 -1.97
CA ASN A 13 -6.93 1.06 -2.74
C ASN A 13 -7.79 1.94 -1.85
N GLU A 14 -8.72 1.36 -1.15
CA GLU A 14 -9.60 2.17 -0.26
C GLU A 14 -8.75 3.11 0.61
N TYR A 15 -7.50 2.78 0.82
CA TYR A 15 -6.64 3.66 1.66
C TYR A 15 -6.03 4.77 0.79
N ARG A 16 -6.18 4.67 -0.51
CA ARG A 16 -5.62 5.71 -1.40
C ARG A 16 -6.12 7.09 -0.95
N LYS A 17 -7.25 7.12 -0.29
CA LYS A 17 -7.81 8.41 0.19
C LYS A 17 -7.21 8.74 1.56
N LEU A 18 -6.32 7.91 2.04
CA LEU A 18 -5.69 8.15 3.36
C LEU A 18 -4.20 8.46 3.19
N VAL A 19 -3.52 7.65 2.43
CA VAL A 19 -2.06 7.88 2.21
C VAL A 19 -1.85 8.74 0.95
N ARG A 20 -0.94 9.68 1.01
CA ARG A 20 -0.71 10.56 -0.18
C ARG A 20 0.79 10.54 -0.55
N ASN A 21 1.57 11.40 0.06
CA ASN A 21 3.01 11.44 -0.26
C ASN A 21 3.81 10.66 0.79
N GLY A 22 3.23 9.62 1.35
CA GLY A 22 3.94 8.83 2.38
C GLY A 22 3.28 9.04 3.74
N LYS A 23 2.00 9.30 3.75
CA LYS A 23 1.31 9.51 5.05
C LYS A 23 -0.09 8.87 5.02
N LEU A 24 -0.18 7.62 5.34
CA LEU A 24 -1.51 6.94 5.33
C LEU A 24 -2.29 7.29 6.60
N ALA A 25 -3.47 7.82 6.44
CA ALA A 25 -4.28 8.19 7.65
C ALA A 25 -5.28 7.09 7.98
N CYS A 26 -5.07 6.39 9.06
CA CYS A 26 -6.02 5.31 9.45
C CYS A 26 -6.16 5.27 10.98
N THR A 27 -6.74 4.23 11.50
CA THR A 27 -6.91 4.14 12.97
C THR A 27 -5.84 3.25 13.60
N ARG A 28 -6.02 2.89 14.84
CA ARG A 28 -5.02 2.03 15.53
C ARG A 28 -5.10 0.58 15.03
N GLU A 29 -6.28 0.03 14.98
CA GLU A 29 -6.41 -1.39 14.51
C GLU A 29 -7.56 -1.52 13.51
N ASN A 30 -7.42 -2.39 12.55
CA ASN A 30 -8.50 -2.59 11.54
C ASN A 30 -8.37 -3.97 10.89
N ASP A 31 -8.93 -4.97 11.50
CA ASP A 31 -8.82 -6.34 10.91
C ASP A 31 -7.35 -6.76 10.82
N PRO A 32 -6.90 -7.50 11.82
CA PRO A 32 -5.50 -7.96 11.86
C PRO A 32 -5.19 -8.87 10.66
N ILE A 33 -4.10 -8.63 9.99
CA ILE A 33 -3.74 -9.49 8.82
C ILE A 33 -2.22 -9.67 8.76
N GLN A 34 -1.72 -10.20 7.67
CA GLN A 34 -0.26 -10.41 7.54
C GLN A 34 0.28 -9.67 6.31
N GLY A 35 1.58 -9.56 6.19
CA GLY A 35 2.15 -8.85 5.00
C GLY A 35 2.68 -9.87 4.00
N PRO A 36 2.64 -9.50 2.74
CA PRO A 36 3.13 -10.41 1.67
C PRO A 36 4.62 -10.70 1.83
N ASP A 37 5.32 -9.83 2.49
CA ASP A 37 6.79 -10.06 2.69
C ASP A 37 7.02 -11.14 3.75
N GLY A 38 5.98 -11.70 4.28
CA GLY A 38 6.15 -12.76 5.32
C GLY A 38 5.82 -12.18 6.70
N LYS A 39 6.03 -10.90 6.87
CA LYS A 39 5.74 -10.27 8.19
C LYS A 39 4.34 -9.63 8.17
N VAL A 40 3.73 -9.48 9.32
CA VAL A 40 2.38 -8.86 9.36
C VAL A 40 2.46 -7.43 9.88
N HIS A 41 1.34 -6.80 10.10
CA HIS A 41 1.37 -5.39 10.61
C HIS A 41 0.22 -5.17 11.60
N GLY A 42 0.21 -4.05 12.27
CA GLY A 42 -0.88 -3.77 13.25
C GLY A 42 -2.24 -3.96 12.56
N ASN A 43 -2.53 -3.15 11.57
CA ASN A 43 -3.83 -3.28 10.87
C ASN A 43 -3.64 -3.25 9.36
N THR A 44 -4.69 -3.01 8.63
CA THR A 44 -4.59 -2.99 7.14
C THR A 44 -3.82 -1.75 6.67
N CYS A 45 -4.20 -0.59 7.13
CA CYS A 45 -3.48 0.64 6.69
C CYS A 45 -1.97 0.47 6.92
N SER A 46 -1.59 -0.09 8.04
CA SER A 46 -0.13 -0.30 8.29
C SER A 46 0.42 -1.17 7.16
N MET A 47 -0.36 -2.13 6.73
CA MET A 47 0.07 -3.00 5.61
C MET A 47 -0.02 -2.22 4.30
N CYS A 48 -1.03 -1.41 4.20
CA CYS A 48 -1.21 -0.58 2.98
C CYS A 48 -0.08 0.45 2.89
N GLU A 49 0.47 0.85 4.00
CA GLU A 49 1.58 1.83 3.99
C GLU A 49 2.82 1.20 3.36
N VAL A 50 3.25 0.08 3.87
CA VAL A 50 4.45 -0.58 3.28
C VAL A 50 4.20 -0.83 1.80
N PHE A 51 2.99 -1.16 1.45
CA PHE A 51 2.66 -1.39 0.00
C PHE A 51 2.65 -0.04 -0.71
N PHE A 52 2.05 0.94 -0.11
CA PHE A 52 2.02 2.29 -0.71
C PHE A 52 3.44 2.80 -0.91
N GLN A 53 4.31 2.50 0.02
CA GLN A 53 5.72 2.96 -0.10
C GLN A 53 6.37 2.32 -1.33
N ALA A 54 6.24 1.02 -1.47
CA ALA A 54 6.84 0.34 -2.65
C ALA A 54 6.29 0.94 -3.94
N GLU A 55 5.03 1.30 -3.94
CA GLU A 55 4.45 1.89 -5.18
C GLU A 55 5.29 3.07 -5.66
N GLU A 56 5.92 3.76 -4.75
CA GLU A 56 6.76 4.92 -5.15
C GLU A 56 7.96 4.44 -5.99
N GLU A 57 8.36 3.21 -5.81
CA GLU A 57 9.51 2.68 -6.60
C GLU A 57 9.12 2.54 -8.08
N GLU A 58 7.99 1.94 -8.35
CA GLU A 58 7.57 1.76 -9.77
C GLU A 58 7.63 3.11 -10.50
N LYS A 59 7.37 4.18 -9.81
CA LYS A 59 7.41 5.51 -10.46
C LYS A 59 8.86 5.96 -10.68
N LYS A 60 9.80 5.20 -10.21
CA LYS A 60 11.23 5.58 -10.38
C LYS A 60 11.52 5.86 -11.87
N LYS A 61 10.87 5.15 -12.75
CA LYS A 61 11.11 5.38 -14.20
C LYS A 61 10.66 6.78 -14.60
N LYS A 62 11.31 7.39 -15.55
CA LYS A 62 10.91 8.75 -15.98
C LYS A 62 9.49 8.73 -16.56
N GLU A 63 9.03 7.58 -16.98
CA GLU A 63 7.67 7.49 -17.55
C GLU A 63 6.61 7.67 -16.44
N GLY A 64 6.99 7.41 -15.23
CA GLY A 64 6.02 7.57 -14.10
C GLY A 64 5.54 9.02 -14.04
N GLU A 65 6.35 9.94 -14.49
CA GLU A 65 5.94 11.37 -14.45
C GLU A 65 5.38 11.80 -15.81
N SER A 66 4.30 12.53 -15.83
CA SER A 66 3.71 12.98 -17.12
C SER A 66 4.55 14.12 -17.72
N ARG A 67 4.38 14.38 -18.98
CA ARG A 67 5.17 15.48 -19.62
C ARG A 67 4.92 16.80 -18.88
N ASN A 68 3.71 17.03 -18.44
CA ASN A 68 3.42 18.29 -17.70
C ASN A 68 3.02 17.99 -16.25
N GLU A 1 -6.22 -21.04 0.95
CA GLU A 1 -6.61 -19.89 0.08
C GLU A 1 -5.46 -18.88 -0.02
N SER A 2 -4.92 -18.70 -1.20
CA SER A 2 -3.80 -17.74 -1.35
C SER A 2 -4.35 -16.36 -1.76
N GLY A 3 -5.64 -16.24 -1.91
CA GLY A 3 -6.23 -14.94 -2.31
C GLY A 3 -5.39 -14.29 -3.40
N LYS A 4 -4.76 -15.09 -4.23
CA LYS A 4 -3.92 -14.52 -5.32
C LYS A 4 -4.77 -13.67 -6.26
N ALA A 5 -5.99 -14.07 -6.50
CA ALA A 5 -6.87 -13.29 -7.41
C ALA A 5 -6.98 -11.84 -6.92
N THR A 6 -6.77 -11.61 -5.65
CA THR A 6 -6.86 -10.22 -5.13
C THR A 6 -5.62 -9.41 -5.54
N SER A 7 -5.72 -8.10 -5.52
CA SER A 7 -4.55 -7.26 -5.91
C SER A 7 -4.37 -6.13 -4.90
N TYR A 8 -3.22 -6.07 -4.27
CA TYR A 8 -2.98 -4.99 -3.28
C TYR A 8 -3.46 -3.64 -3.82
N ALA A 9 -2.95 -3.24 -4.96
CA ALA A 9 -3.38 -1.93 -5.54
C ALA A 9 -4.90 -1.80 -5.45
N GLU A 10 -5.60 -2.89 -5.60
CA GLU A 10 -7.09 -2.83 -5.51
C GLU A 10 -7.54 -3.03 -4.07
N LEU A 11 -6.82 -3.84 -3.33
CA LEU A 11 -7.20 -4.09 -1.91
C LEU A 11 -6.88 -2.85 -1.07
N CYS A 12 -5.64 -2.46 -1.05
CA CYS A 12 -5.26 -1.25 -0.26
C CYS A 12 -5.91 -0.01 -0.88
N ASN A 13 -6.48 -0.16 -2.05
CA ASN A 13 -7.15 1.00 -2.71
C ASN A 13 -7.94 1.81 -1.68
N GLU A 14 -8.75 1.15 -0.90
CA GLU A 14 -9.55 1.86 0.12
C GLU A 14 -8.65 2.80 0.95
N TYR A 15 -7.37 2.52 1.00
CA TYR A 15 -6.46 3.40 1.78
C TYR A 15 -5.77 4.40 0.85
N ARG A 16 -6.17 4.45 -0.39
CA ARG A 16 -5.55 5.41 -1.34
C ARG A 16 -6.12 6.81 -1.10
N LYS A 17 -7.35 6.89 -0.65
CA LYS A 17 -7.95 8.21 -0.38
C LYS A 17 -7.32 8.80 0.89
N LEU A 18 -6.49 8.03 1.54
CA LEU A 18 -5.83 8.51 2.79
C LEU A 18 -4.39 8.91 2.48
N VAL A 19 -3.74 8.16 1.61
CA VAL A 19 -2.33 8.50 1.25
C VAL A 19 -2.25 9.93 0.71
N ARG A 20 -1.22 10.65 1.04
CA ARG A 20 -1.10 12.05 0.54
C ARG A 20 0.04 12.16 -0.48
N ASN A 21 1.19 12.61 -0.05
CA ASN A 21 2.34 12.72 -1.01
C ASN A 21 3.35 11.60 -0.74
N GLY A 22 2.88 10.39 -0.69
CA GLY A 22 3.82 9.25 -0.44
C GLY A 22 3.68 8.80 1.02
N LYS A 23 2.70 9.32 1.71
CA LYS A 23 2.51 8.93 3.14
C LYS A 23 1.08 8.44 3.38
N LEU A 24 0.91 7.25 3.87
CA LEU A 24 -0.45 6.72 4.13
C LEU A 24 -0.90 7.06 5.55
N ALA A 25 -2.07 7.61 5.71
CA ALA A 25 -2.56 7.95 7.08
C ALA A 25 -3.72 7.04 7.47
N CYS A 26 -3.62 6.39 8.60
CA CYS A 26 -4.71 5.47 9.04
C CYS A 26 -4.67 5.29 10.56
N THR A 27 -5.69 4.70 11.12
CA THR A 27 -5.70 4.51 12.60
C THR A 27 -5.12 3.13 12.95
N ARG A 28 -4.82 2.90 14.20
CA ARG A 28 -4.25 1.59 14.60
C ARG A 28 -5.21 0.46 14.25
N GLU A 29 -6.49 0.68 14.43
CA GLU A 29 -7.48 -0.39 14.09
C GLU A 29 -7.20 -1.65 14.91
N ASN A 30 -8.22 -2.40 15.23
CA ASN A 30 -8.00 -3.65 16.03
C ASN A 30 -8.17 -4.88 15.13
N ASP A 31 -7.43 -4.94 14.06
CA ASP A 31 -7.55 -6.12 13.15
C ASP A 31 -6.19 -6.44 12.52
N PRO A 32 -5.37 -7.14 13.27
CA PRO A 32 -4.02 -7.51 12.78
C PRO A 32 -4.14 -8.40 11.54
N ILE A 33 -3.29 -8.19 10.57
CA ILE A 33 -3.34 -9.03 9.33
C ILE A 33 -1.92 -9.43 8.91
N GLN A 34 -1.77 -9.92 7.72
CA GLN A 34 -0.42 -10.34 7.25
C GLN A 34 -0.07 -9.63 5.94
N GLY A 35 1.19 -9.58 5.60
CA GLY A 35 1.59 -8.90 4.33
C GLY A 35 2.15 -9.94 3.36
N PRO A 36 2.33 -9.53 2.12
CA PRO A 36 2.86 -10.45 1.09
C PRO A 36 4.27 -10.94 1.46
N ASP A 37 4.94 -10.25 2.34
CA ASP A 37 6.30 -10.67 2.74
C ASP A 37 6.23 -11.84 3.73
N GLY A 38 5.23 -11.86 4.56
CA GLY A 38 5.09 -12.97 5.53
C GLY A 38 5.04 -12.40 6.95
N LYS A 39 5.54 -11.22 7.14
CA LYS A 39 5.52 -10.60 8.50
C LYS A 39 4.13 -10.00 8.79
N VAL A 40 3.80 -9.83 10.04
CA VAL A 40 2.47 -9.26 10.39
C VAL A 40 2.59 -7.75 10.57
N HIS A 41 1.51 -7.03 10.38
CA HIS A 41 1.56 -5.55 10.55
C HIS A 41 0.57 -5.11 11.64
N GLY A 42 0.51 -3.83 11.92
CA GLY A 42 -0.43 -3.35 12.97
C GLY A 42 -1.88 -3.63 12.52
N ASN A 43 -2.27 -3.11 11.39
CA ASN A 43 -3.65 -3.35 10.90
C ASN A 43 -3.68 -3.37 9.37
N THR A 44 -4.84 -3.31 8.79
CA THR A 44 -4.94 -3.34 7.30
C THR A 44 -4.16 -2.17 6.70
N CYS A 45 -4.16 -1.05 7.36
CA CYS A 45 -3.40 0.12 6.81
C CYS A 45 -1.90 -0.17 6.88
N SER A 46 -1.42 -0.56 8.03
CA SER A 46 0.04 -0.87 8.14
C SER A 46 0.46 -1.73 6.95
N MET A 47 -0.32 -2.73 6.63
CA MET A 47 0.02 -3.60 5.46
C MET A 47 -0.11 -2.78 4.18
N CYS A 48 -0.89 -1.74 4.22
CA CYS A 48 -1.06 -0.88 3.02
C CYS A 48 0.00 0.23 3.00
N GLU A 49 0.40 0.71 4.16
CA GLU A 49 1.44 1.77 4.19
C GLU A 49 2.71 1.25 3.50
N VAL A 50 3.10 0.05 3.82
CA VAL A 50 4.33 -0.52 3.18
C VAL A 50 4.10 -0.65 1.68
N PHE A 51 2.96 -1.14 1.28
CA PHE A 51 2.67 -1.26 -0.17
C PHE A 51 2.63 0.13 -0.79
N PHE A 52 2.08 1.08 -0.08
CA PHE A 52 2.02 2.46 -0.61
C PHE A 52 3.42 3.05 -0.66
N GLN A 53 4.25 2.69 0.28
CA GLN A 53 5.65 3.20 0.30
C GLN A 53 6.43 2.56 -0.85
N ALA A 54 6.21 1.30 -1.09
CA ALA A 54 6.94 0.60 -2.19
C ALA A 54 6.52 1.18 -3.55
N GLU A 55 5.29 1.57 -3.68
CA GLU A 55 4.84 2.15 -4.98
C GLU A 55 5.68 3.36 -5.35
N GLU A 56 6.18 4.06 -4.37
CA GLU A 56 7.02 5.26 -4.65
C GLU A 56 8.37 4.82 -5.24
N GLU A 57 8.70 3.58 -5.10
CA GLU A 57 10.00 3.09 -5.65
C GLU A 57 9.90 2.93 -7.17
N GLU A 58 8.77 2.50 -7.66
CA GLU A 58 8.61 2.32 -9.13
C GLU A 58 8.63 3.68 -9.83
N LYS A 59 8.10 4.69 -9.20
CA LYS A 59 8.09 6.05 -9.83
C LYS A 59 9.46 6.72 -9.64
N LYS A 60 10.33 6.12 -8.89
CA LYS A 60 11.67 6.73 -8.67
C LYS A 60 12.32 7.07 -10.01
N LYS A 61 12.23 6.19 -10.97
CA LYS A 61 12.83 6.48 -12.31
C LYS A 61 12.28 7.78 -12.88
N LYS A 62 11.05 8.10 -12.56
CA LYS A 62 10.45 9.35 -13.10
C LYS A 62 10.67 10.50 -12.11
N GLU A 63 10.94 11.68 -12.61
CA GLU A 63 11.18 12.84 -11.70
C GLU A 63 9.92 13.71 -11.63
N GLY A 64 9.62 14.24 -10.46
CA GLY A 64 8.41 15.09 -10.33
C GLY A 64 8.61 16.39 -11.11
N GLU A 65 7.55 17.04 -11.48
CA GLU A 65 7.68 18.31 -12.24
C GLU A 65 8.50 19.34 -11.44
N SER A 66 9.30 20.12 -12.10
CA SER A 66 10.12 21.14 -11.38
C SER A 66 10.23 22.42 -12.21
N ARG A 67 10.59 23.51 -11.59
CA ARG A 67 10.72 24.78 -12.34
C ARG A 67 11.66 24.61 -13.54
N ASN A 68 12.71 23.84 -13.38
CA ASN A 68 13.66 23.63 -14.50
C ASN A 68 13.17 22.47 -15.39
N GLU A 1 -3.69 -20.86 -8.86
CA GLU A 1 -4.63 -20.34 -9.88
C GLU A 1 -3.95 -19.28 -10.74
N SER A 2 -4.68 -18.61 -11.58
CA SER A 2 -4.07 -17.56 -12.44
C SER A 2 -3.56 -16.39 -11.58
N GLY A 3 -4.30 -16.03 -10.58
CA GLY A 3 -3.87 -14.91 -9.70
C GLY A 3 -4.54 -15.04 -8.32
N LYS A 4 -4.44 -14.03 -7.51
CA LYS A 4 -5.08 -14.10 -6.16
C LYS A 4 -6.51 -13.54 -6.23
N ALA A 5 -7.42 -14.16 -5.53
CA ALA A 5 -8.83 -13.67 -5.56
C ALA A 5 -8.87 -12.19 -5.15
N THR A 6 -7.83 -11.70 -4.54
CA THR A 6 -7.82 -10.26 -4.13
C THR A 6 -6.51 -9.59 -4.58
N SER A 7 -6.49 -8.29 -4.59
CA SER A 7 -5.24 -7.57 -5.02
C SER A 7 -5.05 -6.31 -4.18
N TYR A 8 -3.94 -6.21 -3.50
CA TYR A 8 -3.69 -5.00 -2.67
C TYR A 8 -4.06 -3.73 -3.44
N ALA A 9 -3.47 -3.53 -4.59
CA ALA A 9 -3.81 -2.32 -5.39
C ALA A 9 -5.31 -2.08 -5.38
N GLU A 10 -6.09 -3.13 -5.23
CA GLU A 10 -7.57 -2.98 -5.19
C GLU A 10 -8.03 -2.93 -3.73
N LEU A 11 -7.50 -3.80 -2.92
CA LEU A 11 -7.88 -3.81 -1.48
C LEU A 11 -7.36 -2.54 -0.80
N CYS A 12 -6.07 -2.39 -0.78
CA CYS A 12 -5.47 -1.17 -0.16
C CYS A 12 -6.03 0.08 -0.86
N ASN A 13 -6.60 -0.09 -2.01
CA ASN A 13 -7.17 1.07 -2.76
C ASN A 13 -7.88 2.03 -1.80
N GLU A 14 -8.79 1.51 -1.03
CA GLU A 14 -9.55 2.38 -0.08
C GLU A 14 -8.57 3.23 0.76
N TYR A 15 -7.33 2.85 0.82
CA TYR A 15 -6.36 3.65 1.62
C TYR A 15 -5.59 4.60 0.71
N ARG A 16 -5.88 4.59 -0.56
CA ARG A 16 -5.17 5.50 -1.50
C ARG A 16 -5.57 6.95 -1.21
N LYS A 17 -6.73 7.14 -0.65
CA LYS A 17 -7.18 8.52 -0.32
C LYS A 17 -6.45 9.02 0.93
N LEU A 18 -5.99 8.11 1.75
CA LEU A 18 -5.27 8.52 2.98
C LEU A 18 -3.78 8.70 2.68
N VAL A 19 -3.17 7.74 2.05
CA VAL A 19 -1.71 7.85 1.73
C VAL A 19 -1.51 8.72 0.49
N ARG A 20 -0.95 9.88 0.67
CA ARG A 20 -0.71 10.79 -0.49
C ARG A 20 0.68 10.56 -1.07
N ASN A 21 1.70 10.91 -0.35
CA ASN A 21 3.10 10.72 -0.86
C ASN A 21 3.89 9.81 0.08
N GLY A 22 3.49 8.57 0.20
CA GLY A 22 4.23 7.64 1.10
C GLY A 22 3.81 7.87 2.55
N LYS A 23 2.63 8.39 2.75
CA LYS A 23 2.16 8.63 4.15
C LYS A 23 0.73 8.12 4.33
N LEU A 24 0.58 6.83 4.49
CA LEU A 24 -0.80 6.26 4.67
C LEU A 24 -1.27 6.46 6.11
N ALA A 25 -2.36 7.14 6.30
CA ALA A 25 -2.87 7.36 7.68
C ALA A 25 -4.14 6.55 7.92
N CYS A 26 -4.26 5.92 9.06
CA CYS A 26 -5.47 5.11 9.34
C CYS A 26 -5.76 5.09 10.85
N THR A 27 -6.68 4.27 11.27
CA THR A 27 -7.01 4.21 12.73
C THR A 27 -6.60 2.85 13.30
N ARG A 28 -6.99 2.57 14.51
CA ARG A 28 -6.62 1.26 15.13
C ARG A 28 -7.74 0.23 14.90
N GLU A 29 -8.08 -0.02 13.66
CA GLU A 29 -9.15 -1.00 13.37
C GLU A 29 -8.84 -2.35 14.04
N ASN A 30 -9.83 -3.13 14.34
CA ASN A 30 -9.58 -4.45 14.99
C ASN A 30 -9.49 -5.55 13.93
N ASP A 31 -8.58 -5.43 13.01
CA ASP A 31 -8.44 -6.48 11.96
C ASP A 31 -6.96 -6.76 11.68
N PRO A 32 -6.33 -7.44 12.61
CA PRO A 32 -4.89 -7.78 12.45
C PRO A 32 -4.69 -8.71 11.26
N ILE A 33 -3.63 -8.53 10.53
CA ILE A 33 -3.37 -9.41 9.35
C ILE A 33 -1.86 -9.56 9.12
N GLN A 34 -1.48 -10.12 8.00
CA GLN A 34 -0.03 -10.30 7.72
C GLN A 34 0.35 -9.59 6.41
N GLY A 35 1.61 -9.46 6.14
CA GLY A 35 2.04 -8.78 4.88
C GLY A 35 2.61 -9.81 3.90
N PRO A 36 2.52 -9.51 2.63
CA PRO A 36 3.02 -10.41 1.57
C PRO A 36 4.54 -10.59 1.70
N ASP A 37 5.22 -9.58 2.15
CA ASP A 37 6.71 -9.67 2.30
C ASP A 37 7.08 -10.77 3.30
N GLY A 38 6.11 -11.27 4.03
CA GLY A 38 6.41 -12.33 5.03
C GLY A 38 6.11 -11.79 6.43
N LYS A 39 6.34 -10.53 6.65
CA LYS A 39 6.07 -9.94 7.99
C LYS A 39 4.62 -9.45 8.06
N VAL A 40 4.07 -9.36 9.24
CA VAL A 40 2.66 -8.88 9.36
C VAL A 40 2.63 -7.44 9.85
N HIS A 41 1.46 -6.90 10.07
CA HIS A 41 1.34 -5.50 10.54
C HIS A 41 0.20 -5.36 11.54
N GLY A 42 -0.07 -4.16 11.98
CA GLY A 42 -1.18 -3.96 12.96
C GLY A 42 -2.53 -4.13 12.25
N ASN A 43 -3.07 -3.05 11.74
CA ASN A 43 -4.38 -3.14 11.05
C ASN A 43 -4.20 -3.44 9.56
N THR A 44 -5.24 -3.30 8.79
CA THR A 44 -5.14 -3.58 7.33
C THR A 44 -4.47 -2.39 6.62
N CYS A 45 -4.48 -1.24 7.25
CA CYS A 45 -3.83 -0.07 6.61
C CYS A 45 -2.32 -0.22 6.72
N SER A 46 -1.83 -0.55 7.89
CA SER A 46 -0.37 -0.75 8.05
C SER A 46 0.13 -1.66 6.94
N MET A 47 -0.66 -2.66 6.60
CA MET A 47 -0.25 -3.59 5.50
C MET A 47 -0.30 -2.81 4.18
N CYS A 48 -1.09 -1.79 4.13
CA CYS A 48 -1.20 -0.97 2.89
C CYS A 48 -0.11 0.11 2.88
N GLU A 49 0.30 0.55 4.04
CA GLU A 49 1.37 1.60 4.10
C GLU A 49 2.65 1.06 3.49
N VAL A 50 3.03 -0.15 3.84
CA VAL A 50 4.28 -0.72 3.26
C VAL A 50 4.15 -0.78 1.75
N PHE A 51 3.01 -1.20 1.27
CA PHE A 51 2.80 -1.26 -0.21
C PHE A 51 2.85 0.16 -0.76
N PHE A 52 2.10 1.04 -0.18
CA PHE A 52 2.09 2.45 -0.63
C PHE A 52 3.51 3.02 -0.57
N GLN A 53 4.24 2.68 0.46
CA GLN A 53 5.64 3.19 0.58
C GLN A 53 6.47 2.71 -0.62
N ALA A 54 6.48 1.44 -0.85
CA ALA A 54 7.26 0.89 -2.00
C ALA A 54 6.56 1.22 -3.31
N GLU A 55 5.30 1.56 -3.26
CA GLU A 55 4.56 1.89 -4.51
C GLU A 55 5.40 2.83 -5.38
N GLU A 56 6.03 3.79 -4.78
CA GLU A 56 6.87 4.74 -5.57
C GLU A 56 8.12 4.03 -6.10
N GLU A 57 8.46 2.91 -5.50
CA GLU A 57 9.66 2.16 -5.96
C GLU A 57 9.31 1.32 -7.20
N GLU A 58 8.14 0.75 -7.23
CA GLU A 58 7.76 -0.08 -8.41
C GLU A 58 7.72 0.78 -9.68
N LYS A 59 7.56 2.07 -9.54
CA LYS A 59 7.53 2.94 -10.74
C LYS A 59 8.95 3.21 -11.24
N LYS A 60 9.93 2.68 -10.58
CA LYS A 60 11.34 2.91 -11.03
C LYS A 60 11.59 2.20 -12.36
N LYS A 61 10.78 1.24 -12.69
CA LYS A 61 10.98 0.51 -13.98
C LYS A 61 10.91 1.49 -15.15
N LYS A 62 10.06 2.47 -15.08
CA LYS A 62 9.95 3.46 -16.19
C LYS A 62 10.77 4.71 -15.87
N GLU A 63 11.35 5.32 -16.86
CA GLU A 63 12.17 6.55 -16.61
C GLU A 63 11.26 7.72 -16.26
N GLY A 64 9.99 7.62 -16.57
CA GLY A 64 9.05 8.73 -16.26
C GLY A 64 7.63 8.33 -16.68
N GLU A 65 6.71 9.25 -16.61
CA GLU A 65 5.31 8.92 -17.01
C GLU A 65 5.23 8.67 -18.52
N SER A 66 6.23 9.07 -19.24
CA SER A 66 6.21 8.86 -20.73
C SER A 66 7.62 8.57 -21.24
N ARG A 67 7.74 7.86 -22.32
CA ARG A 67 9.08 7.53 -22.87
C ARG A 67 9.87 8.82 -23.14
N ASN A 68 9.19 9.88 -23.51
CA ASN A 68 9.89 11.17 -23.78
C ASN A 68 10.89 10.98 -24.91
N GLU A 1 -2.82 -7.34 -16.70
CA GLU A 1 -2.33 -7.48 -15.30
C GLU A 1 -2.67 -8.87 -14.75
N SER A 2 -2.25 -9.91 -15.42
CA SER A 2 -2.55 -11.28 -14.94
C SER A 2 -1.96 -11.50 -13.55
N GLY A 3 -2.39 -12.51 -12.86
CA GLY A 3 -1.85 -12.78 -11.49
C GLY A 3 -2.93 -13.44 -10.63
N LYS A 4 -3.06 -13.03 -9.40
CA LYS A 4 -4.09 -13.63 -8.51
C LYS A 4 -5.45 -12.95 -8.74
N ALA A 5 -6.51 -13.55 -8.29
CA ALA A 5 -7.85 -12.94 -8.49
C ALA A 5 -7.91 -11.56 -7.82
N THR A 6 -7.01 -11.29 -6.91
CA THR A 6 -7.01 -9.97 -6.22
C THR A 6 -5.66 -9.28 -6.42
N SER A 7 -5.59 -8.02 -6.09
CA SER A 7 -4.30 -7.28 -6.25
C SER A 7 -4.17 -6.19 -5.18
N TYR A 8 -3.10 -6.19 -4.45
CA TYR A 8 -2.92 -5.15 -3.39
C TYR A 8 -3.31 -3.77 -3.92
N ALA A 9 -2.69 -3.35 -5.00
CA ALA A 9 -3.03 -2.01 -5.57
C ALA A 9 -4.54 -1.78 -5.53
N GLU A 10 -5.31 -2.83 -5.66
CA GLU A 10 -6.79 -2.68 -5.63
C GLU A 10 -7.30 -2.94 -4.21
N LEU A 11 -6.62 -3.76 -3.47
CA LEU A 11 -7.06 -4.05 -2.07
C LEU A 11 -6.78 -2.82 -1.19
N CYS A 12 -5.55 -2.41 -1.13
CA CYS A 12 -5.21 -1.22 -0.30
C CYS A 12 -5.84 0.02 -0.91
N ASN A 13 -6.38 -0.10 -2.10
CA ASN A 13 -7.04 1.06 -2.76
C ASN A 13 -7.85 1.87 -1.73
N GLU A 14 -8.71 1.21 -1.02
CA GLU A 14 -9.52 1.92 0.00
C GLU A 14 -8.64 2.86 0.84
N TYR A 15 -7.40 2.50 1.05
CA TYR A 15 -6.49 3.37 1.84
C TYR A 15 -5.82 4.39 0.92
N ARG A 16 -5.93 4.21 -0.36
CA ARG A 16 -5.31 5.16 -1.32
C ARG A 16 -5.80 6.58 -1.01
N LYS A 17 -7.00 6.70 -0.53
CA LYS A 17 -7.54 8.05 -0.19
C LYS A 17 -6.96 8.50 1.15
N LEU A 18 -6.09 7.71 1.72
CA LEU A 18 -5.48 8.09 3.02
C LEU A 18 -3.99 8.40 2.85
N VAL A 19 -3.39 7.88 1.80
CA VAL A 19 -1.94 8.16 1.57
C VAL A 19 -1.79 9.09 0.35
N ARG A 20 -1.51 10.34 0.58
CA ARG A 20 -1.36 11.29 -0.56
C ARG A 20 0.04 11.17 -1.17
N ASN A 21 1.04 11.61 -0.46
CA ASN A 21 2.43 11.52 -1.01
C ASN A 21 3.32 10.70 -0.08
N GLY A 22 3.09 9.42 0.00
CA GLY A 22 3.93 8.57 0.88
C GLY A 22 3.49 8.75 2.34
N LYS A 23 2.31 9.24 2.56
CA LYS A 23 1.83 9.45 3.96
C LYS A 23 0.43 8.85 4.13
N LEU A 24 0.35 7.58 4.38
CA LEU A 24 -0.98 6.94 4.56
C LEU A 24 -1.52 7.23 5.97
N ALA A 25 -2.75 7.63 6.08
CA ALA A 25 -3.33 7.93 7.42
C ALA A 25 -4.47 6.97 7.74
N CYS A 26 -4.51 6.46 8.94
CA CYS A 26 -5.61 5.52 9.32
C CYS A 26 -5.88 5.61 10.82
N THR A 27 -6.70 4.74 11.34
CA THR A 27 -7.01 4.78 12.80
C THR A 27 -6.31 3.62 13.52
N ARG A 28 -6.47 3.52 14.80
CA ARG A 28 -5.81 2.42 15.57
C ARG A 28 -6.69 1.17 15.54
N GLU A 29 -7.03 0.69 14.37
CA GLU A 29 -7.89 -0.52 14.28
C GLU A 29 -7.19 -1.70 14.95
N ASN A 30 -7.93 -2.52 15.66
CA ASN A 30 -7.31 -3.69 16.34
C ASN A 30 -7.50 -4.96 15.51
N ASP A 31 -7.06 -4.94 14.27
CA ASP A 31 -7.21 -6.14 13.41
C ASP A 31 -5.87 -6.51 12.77
N PRO A 32 -5.03 -7.16 13.55
CA PRO A 32 -3.70 -7.58 13.05
C PRO A 32 -3.84 -8.57 11.89
N ILE A 33 -3.01 -8.46 10.90
CA ILE A 33 -3.08 -9.40 9.74
C ILE A 33 -1.68 -9.62 9.17
N GLN A 34 -1.59 -10.21 8.00
CA GLN A 34 -0.27 -10.45 7.38
C GLN A 34 -0.16 -9.71 6.05
N GLY A 35 1.03 -9.55 5.54
CA GLY A 35 1.21 -8.84 4.24
C GLY A 35 1.81 -9.80 3.20
N PRO A 36 1.93 -9.32 1.99
CA PRO A 36 2.50 -10.15 0.90
C PRO A 36 3.94 -10.56 1.22
N ASP A 37 4.57 -9.85 2.12
CA ASP A 37 5.99 -10.20 2.48
C ASP A 37 6.01 -11.32 3.52
N GLY A 38 4.90 -11.60 4.12
CA GLY A 38 4.86 -12.69 5.14
C GLY A 38 4.96 -12.09 6.54
N LYS A 39 5.32 -10.84 6.64
CA LYS A 39 5.44 -10.20 7.98
C LYS A 39 4.06 -9.80 8.52
N VAL A 40 3.93 -9.65 9.81
CA VAL A 40 2.62 -9.26 10.38
C VAL A 40 2.61 -7.76 10.68
N HIS A 41 1.45 -7.15 10.70
CA HIS A 41 1.39 -5.69 10.98
C HIS A 41 0.32 -5.39 12.03
N GLY A 42 0.10 -4.14 12.35
CA GLY A 42 -0.92 -3.79 13.37
C GLY A 42 -2.32 -3.91 12.77
N ASN A 43 -2.60 -3.15 11.74
CA ASN A 43 -3.96 -3.22 11.12
C ASN A 43 -3.84 -3.39 9.61
N THR A 44 -4.92 -3.21 8.90
CA THR A 44 -4.89 -3.36 7.42
C THR A 44 -4.18 -2.15 6.79
N CYS A 45 -4.27 -1.02 7.41
CA CYS A 45 -3.58 0.19 6.84
C CYS A 45 -2.07 -0.03 6.90
N SER A 46 -1.55 -0.40 8.04
CA SER A 46 -0.10 -0.64 8.16
C SER A 46 0.36 -1.51 6.99
N MET A 47 -0.40 -2.52 6.69
CA MET A 47 -0.03 -3.41 5.54
C MET A 47 -0.12 -2.60 4.24
N CYS A 48 -0.90 -1.56 4.26
CA CYS A 48 -1.05 -0.70 3.05
C CYS A 48 0.01 0.40 3.05
N GLU A 49 0.37 0.90 4.21
CA GLU A 49 1.42 1.96 4.25
C GLU A 49 2.70 1.44 3.60
N VAL A 50 3.08 0.24 3.92
CA VAL A 50 4.31 -0.34 3.32
C VAL A 50 4.11 -0.50 1.81
N PHE A 51 2.97 -0.99 1.41
CA PHE A 51 2.70 -1.15 -0.05
C PHE A 51 2.63 0.23 -0.70
N PHE A 52 2.05 1.18 0.00
CA PHE A 52 1.96 2.55 -0.55
C PHE A 52 3.35 3.16 -0.64
N GLN A 53 4.22 2.78 0.26
CA GLN A 53 5.62 3.31 0.23
C GLN A 53 6.36 2.72 -0.96
N ALA A 54 6.20 1.45 -1.19
CA ALA A 54 6.91 0.79 -2.33
C ALA A 54 6.33 1.31 -3.66
N GLU A 55 5.04 1.55 -3.70
CA GLU A 55 4.43 2.04 -4.97
C GLU A 55 5.31 3.12 -5.59
N GLU A 56 5.87 3.97 -4.78
CA GLU A 56 6.75 5.06 -5.31
C GLU A 56 8.01 4.44 -5.94
N GLU A 57 8.44 3.31 -5.43
CA GLU A 57 9.66 2.67 -5.99
C GLU A 57 9.36 2.12 -7.39
N GLU A 58 8.21 1.56 -7.59
CA GLU A 58 7.86 1.01 -8.94
C GLU A 58 8.03 2.10 -10.00
N LYS A 59 7.72 3.32 -9.66
CA LYS A 59 7.86 4.43 -10.66
C LYS A 59 9.34 4.78 -10.84
N LYS A 60 10.20 4.18 -10.08
CA LYS A 60 11.66 4.49 -10.21
C LYS A 60 12.05 4.54 -11.69
N LYS A 61 11.43 3.73 -12.51
CA LYS A 61 11.77 3.74 -13.96
C LYS A 61 11.49 5.13 -14.56
N LYS A 62 10.57 5.85 -13.99
CA LYS A 62 10.25 7.20 -14.52
C LYS A 62 9.97 7.13 -16.03
N GLU A 63 9.27 6.12 -16.45
CA GLU A 63 8.96 5.99 -17.92
C GLU A 63 8.00 7.11 -18.34
N GLY A 64 8.08 7.51 -19.58
CA GLY A 64 7.18 8.60 -20.07
C GLY A 64 7.66 9.95 -19.52
N GLU A 65 6.82 10.63 -18.80
CA GLU A 65 7.22 11.95 -18.23
C GLU A 65 7.53 11.82 -16.73
N SER A 66 8.32 12.71 -16.20
CA SER A 66 8.66 12.62 -14.75
C SER A 66 7.41 12.87 -13.90
N ARG A 67 6.42 13.52 -14.46
CA ARG A 67 5.17 13.79 -13.68
C ARG A 67 3.95 13.27 -14.45
N ASN A 68 2.98 12.73 -13.76
CA ASN A 68 1.77 12.21 -14.46
C ASN A 68 2.18 11.41 -15.70
N GLU A 1 3.49 -12.46 -10.71
CA GLU A 1 3.59 -13.81 -10.11
C GLU A 1 2.79 -13.87 -8.81
N SER A 2 2.53 -12.75 -8.20
CA SER A 2 1.75 -12.75 -6.93
C SER A 2 0.56 -11.81 -7.05
N GLY A 3 -0.57 -12.17 -6.50
CA GLY A 3 -1.76 -11.29 -6.58
C GLY A 3 -2.51 -11.57 -7.88
N LYS A 4 -2.54 -12.80 -8.31
CA LYS A 4 -3.25 -13.14 -9.58
C LYS A 4 -4.77 -13.00 -9.39
N ALA A 5 -5.31 -13.66 -8.41
CA ALA A 5 -6.78 -13.57 -8.18
C ALA A 5 -7.12 -12.25 -7.48
N THR A 6 -6.17 -11.66 -6.81
CA THR A 6 -6.44 -10.37 -6.12
C THR A 6 -5.25 -9.41 -6.29
N SER A 7 -5.45 -8.15 -6.07
CA SER A 7 -4.32 -7.17 -6.22
C SER A 7 -4.34 -6.18 -5.06
N TYR A 8 -3.22 -5.99 -4.41
CA TYR A 8 -3.18 -5.03 -3.27
C TYR A 8 -3.60 -3.64 -3.74
N ALA A 9 -3.12 -3.21 -4.88
CA ALA A 9 -3.49 -1.86 -5.38
C ALA A 9 -5.02 -1.69 -5.34
N GLU A 10 -5.75 -2.73 -5.63
CA GLU A 10 -7.23 -2.63 -5.59
C GLU A 10 -7.71 -2.76 -4.15
N LEU A 11 -7.08 -3.62 -3.39
CA LEU A 11 -7.48 -3.79 -1.97
C LEU A 11 -7.09 -2.54 -1.18
N CYS A 12 -5.83 -2.23 -1.16
CA CYS A 12 -5.38 -1.01 -0.42
C CYS A 12 -6.00 0.24 -1.03
N ASN A 13 -6.58 0.09 -2.20
CA ASN A 13 -7.21 1.27 -2.87
C ASN A 13 -7.97 2.10 -1.83
N GLU A 14 -8.87 1.47 -1.12
CA GLU A 14 -9.64 2.21 -0.09
C GLU A 14 -8.70 3.05 0.77
N TYR A 15 -7.46 2.68 0.86
CA TYR A 15 -6.50 3.47 1.68
C TYR A 15 -5.81 4.53 0.82
N ARG A 16 -5.96 4.44 -0.47
CA ARG A 16 -5.32 5.46 -1.36
C ARG A 16 -5.83 6.85 -1.01
N LYS A 17 -7.00 6.94 -0.45
CA LYS A 17 -7.55 8.27 -0.05
C LYS A 17 -6.96 8.68 1.29
N LEU A 18 -6.04 7.90 1.81
CA LEU A 18 -5.42 8.23 3.12
C LEU A 18 -3.94 8.54 2.93
N VAL A 19 -3.34 7.95 1.93
CA VAL A 19 -1.89 8.19 1.67
C VAL A 19 -1.71 8.98 0.37
N ARG A 20 -1.31 10.22 0.48
CA ARG A 20 -1.12 11.05 -0.75
C ARG A 20 0.31 10.90 -1.28
N ASN A 21 1.27 11.44 -0.58
CA ASN A 21 2.68 11.36 -1.04
C ASN A 21 3.56 10.68 0.02
N GLY A 22 3.08 9.60 0.60
CA GLY A 22 3.89 8.90 1.64
C GLY A 22 3.29 9.16 3.02
N LYS A 23 2.07 9.63 3.07
CA LYS A 23 1.44 9.89 4.39
C LYS A 23 0.12 9.13 4.50
N LEU A 24 0.17 7.85 4.78
CA LEU A 24 -1.08 7.05 4.89
C LEU A 24 -1.72 7.28 6.27
N ALA A 25 -2.96 7.68 6.30
CA ALA A 25 -3.64 7.91 7.61
C ALA A 25 -4.11 6.58 8.19
N CYS A 26 -3.48 6.12 9.23
CA CYS A 26 -3.89 4.83 9.86
C CYS A 26 -4.85 5.08 11.02
N THR A 27 -5.75 4.16 11.28
CA THR A 27 -6.71 4.35 12.40
C THR A 27 -6.42 3.35 13.52
N ARG A 28 -7.29 3.25 14.48
CA ARG A 28 -7.06 2.29 15.60
C ARG A 28 -7.89 1.02 15.38
N GLU A 29 -7.68 0.35 14.28
CA GLU A 29 -8.46 -0.89 14.00
C GLU A 29 -7.75 -2.10 14.62
N ASN A 30 -8.49 -2.96 15.27
CA ASN A 30 -7.86 -4.15 15.90
C ASN A 30 -7.95 -5.36 14.96
N ASP A 31 -7.39 -5.26 13.78
CA ASP A 31 -7.45 -6.40 12.83
C ASP A 31 -6.04 -6.71 12.30
N PRO A 32 -5.22 -7.26 13.16
CA PRO A 32 -3.83 -7.61 12.78
C PRO A 32 -3.83 -8.68 11.67
N ILE A 33 -2.95 -8.55 10.72
CA ILE A 33 -2.89 -9.54 9.62
C ILE A 33 -1.44 -9.70 9.14
N GLN A 34 -1.26 -10.30 7.99
CA GLN A 34 0.12 -10.49 7.46
C GLN A 34 0.27 -9.78 6.11
N GLY A 35 1.44 -9.30 5.80
CA GLY A 35 1.65 -8.60 4.50
C GLY A 35 2.19 -9.58 3.47
N PRO A 36 2.28 -9.13 2.24
CA PRO A 36 2.79 -9.99 1.14
C PRO A 36 4.24 -10.40 1.41
N ASP A 37 4.92 -9.68 2.26
CA ASP A 37 6.34 -10.02 2.56
C ASP A 37 6.42 -11.00 3.74
N GLY A 38 5.32 -11.65 4.04
CA GLY A 38 5.33 -12.63 5.16
C GLY A 38 5.48 -11.89 6.49
N LYS A 39 5.41 -10.58 6.47
CA LYS A 39 5.53 -9.80 7.73
C LYS A 39 4.16 -9.51 8.33
N VAL A 40 4.11 -9.13 9.57
CA VAL A 40 2.79 -8.82 10.20
C VAL A 40 2.67 -7.33 10.50
N HIS A 41 1.47 -6.81 10.47
CA HIS A 41 1.30 -5.35 10.74
C HIS A 41 0.14 -5.13 11.73
N GLY A 42 0.02 -3.94 12.25
CA GLY A 42 -1.08 -3.66 13.22
C GLY A 42 -2.43 -3.98 12.57
N ASN A 43 -2.69 -3.42 11.42
CA ASN A 43 -3.98 -3.69 10.74
C ASN A 43 -3.81 -3.60 9.21
N THR A 44 -4.89 -3.58 8.49
CA THR A 44 -4.80 -3.50 7.00
C THR A 44 -3.98 -2.28 6.59
N CYS A 45 -4.34 -1.12 7.04
CA CYS A 45 -3.58 0.11 6.68
C CYS A 45 -2.08 -0.15 6.90
N SER A 46 -1.67 -0.45 8.09
CA SER A 46 -0.22 -0.72 8.33
C SER A 46 0.29 -1.66 7.23
N MET A 47 -0.55 -2.55 6.77
CA MET A 47 -0.14 -3.47 5.68
C MET A 47 -0.23 -2.72 4.35
N CYS A 48 -1.17 -1.82 4.27
CA CYS A 48 -1.35 -1.03 3.02
C CYS A 48 -0.32 0.10 2.96
N GLU A 49 0.14 0.57 4.10
CA GLU A 49 1.17 1.65 4.10
C GLU A 49 2.49 1.11 3.56
N VAL A 50 2.94 -0.01 4.04
CA VAL A 50 4.22 -0.58 3.52
C VAL A 50 4.11 -0.74 2.01
N PHE A 51 2.98 -1.16 1.54
CA PHE A 51 2.79 -1.33 0.08
C PHE A 51 2.81 0.05 -0.58
N PHE A 52 2.12 0.98 0.00
CA PHE A 52 2.09 2.36 -0.56
C PHE A 52 3.52 2.92 -0.59
N GLN A 53 4.29 2.61 0.41
CA GLN A 53 5.69 3.09 0.46
C GLN A 53 6.49 2.46 -0.68
N ALA A 54 6.38 1.18 -0.85
CA ALA A 54 7.12 0.49 -1.93
C ALA A 54 6.41 0.70 -3.28
N GLU A 55 5.14 1.01 -3.24
CA GLU A 55 4.38 1.23 -4.51
C GLU A 55 5.19 2.15 -5.44
N GLU A 56 5.96 3.04 -4.88
CA GLU A 56 6.77 3.95 -5.73
C GLU A 56 7.85 3.17 -6.48
N GLU A 57 8.33 2.11 -5.90
CA GLU A 57 9.38 1.29 -6.58
C GLU A 57 8.80 0.63 -7.83
N GLU A 58 7.59 0.17 -7.76
CA GLU A 58 6.96 -0.49 -8.95
C GLU A 58 6.86 0.50 -10.10
N LYS A 59 6.56 1.74 -9.80
CA LYS A 59 6.43 2.76 -10.88
C LYS A 59 7.82 3.25 -11.31
N LYS A 60 8.85 2.67 -10.77
CA LYS A 60 10.23 3.10 -11.15
C LYS A 60 10.45 2.92 -12.64
N LYS A 61 9.92 1.86 -13.21
CA LYS A 61 10.09 1.62 -14.67
C LYS A 61 9.49 2.77 -15.47
N LYS A 62 8.34 3.24 -15.07
CA LYS A 62 7.69 4.37 -15.81
C LYS A 62 7.06 5.36 -14.83
N GLU A 63 7.31 6.63 -15.01
CA GLU A 63 6.72 7.64 -14.08
C GLU A 63 5.31 8.00 -14.53
N GLY A 64 4.38 8.07 -13.61
CA GLY A 64 2.98 8.42 -13.99
C GLY A 64 2.85 9.94 -14.07
N GLU A 65 1.69 10.44 -14.44
CA GLU A 65 1.51 11.91 -14.53
C GLU A 65 0.44 12.37 -13.51
N SER A 66 0.52 13.60 -13.09
CA SER A 66 -0.47 14.10 -12.10
C SER A 66 -1.34 15.20 -12.73
N ARG A 67 -2.62 15.15 -12.53
CA ARG A 67 -3.52 16.17 -13.13
C ARG A 67 -3.14 17.56 -12.61
N ASN A 68 -2.69 17.65 -11.38
CA ASN A 68 -2.30 18.98 -10.82
C ASN A 68 -0.83 19.28 -11.13
N GLU A 1 2.95 -16.60 -3.82
CA GLU A 1 2.35 -15.35 -4.37
C GLU A 1 1.52 -14.63 -3.30
N SER A 2 1.46 -13.33 -3.38
CA SER A 2 0.68 -12.57 -2.35
C SER A 2 -0.80 -12.96 -2.43
N GLY A 3 -1.23 -13.52 -3.52
CA GLY A 3 -2.65 -13.93 -3.64
C GLY A 3 -3.22 -13.40 -4.96
N LYS A 4 -3.12 -14.17 -6.01
CA LYS A 4 -3.65 -13.71 -7.33
C LYS A 4 -5.16 -13.44 -7.22
N ALA A 5 -5.84 -14.14 -6.37
CA ALA A 5 -7.31 -13.93 -6.22
C ALA A 5 -7.58 -12.47 -5.79
N THR A 6 -6.57 -11.77 -5.36
CA THR A 6 -6.78 -10.36 -4.94
C THR A 6 -5.52 -9.53 -5.18
N SER A 7 -5.63 -8.24 -5.18
CA SER A 7 -4.43 -7.37 -5.41
C SER A 7 -4.45 -6.19 -4.44
N TYR A 8 -3.37 -5.99 -3.74
CA TYR A 8 -3.32 -4.84 -2.77
C TYR A 8 -3.73 -3.55 -3.48
N ALA A 9 -3.22 -3.31 -4.65
CA ALA A 9 -3.59 -2.06 -5.38
C ALA A 9 -5.12 -1.90 -5.41
N GLU A 10 -5.83 -2.99 -5.40
CA GLU A 10 -7.31 -2.91 -5.43
C GLU A 10 -7.86 -2.94 -3.99
N LEU A 11 -7.18 -3.63 -3.11
CA LEU A 11 -7.65 -3.69 -1.71
C LEU A 11 -7.21 -2.43 -0.95
N CYS A 12 -5.93 -2.22 -0.85
CA CYS A 12 -5.42 -1.01 -0.16
C CYS A 12 -5.95 0.24 -0.86
N ASN A 13 -6.43 0.07 -2.07
CA ASN A 13 -6.97 1.24 -2.82
C ASN A 13 -7.86 2.09 -1.91
N GLU A 14 -8.70 1.47 -1.15
CA GLU A 14 -9.60 2.25 -0.23
C GLU A 14 -8.77 3.13 0.69
N TYR A 15 -7.49 2.87 0.80
CA TYR A 15 -6.63 3.72 1.68
C TYR A 15 -5.77 4.66 0.82
N ARG A 16 -5.83 4.49 -0.48
CA ARG A 16 -5.04 5.37 -1.38
C ARG A 16 -5.55 6.80 -1.29
N LYS A 17 -6.82 6.97 -1.02
CA LYS A 17 -7.38 8.35 -0.90
C LYS A 17 -6.95 8.93 0.45
N LEU A 18 -6.30 8.15 1.26
CA LEU A 18 -5.85 8.64 2.59
C LEU A 18 -4.34 8.88 2.55
N VAL A 19 -3.65 8.21 1.67
CA VAL A 19 -2.17 8.39 1.56
C VAL A 19 -1.84 9.83 1.17
N ARG A 20 -1.00 10.49 1.93
CA ARG A 20 -0.63 11.89 1.59
C ARG A 20 0.44 11.89 0.48
N ASN A 21 1.67 11.74 0.86
CA ASN A 21 2.76 11.72 -0.15
C ASN A 21 3.69 10.52 0.11
N GLY A 22 3.15 9.44 0.59
CA GLY A 22 3.98 8.24 0.88
C GLY A 22 3.62 7.69 2.26
N LYS A 23 2.76 8.37 2.97
CA LYS A 23 2.36 7.89 4.33
C LYS A 23 0.90 7.41 4.31
N LEU A 24 0.48 6.73 5.33
CA LEU A 24 -0.93 6.23 5.37
C LEU A 24 -1.51 6.42 6.78
N ALA A 25 -2.72 6.91 6.87
CA ALA A 25 -3.34 7.11 8.21
C ALA A 25 -4.68 6.37 8.28
N CYS A 26 -4.88 5.60 9.32
CA CYS A 26 -6.17 4.85 9.45
C CYS A 26 -6.61 4.82 10.91
N THR A 27 -7.74 4.23 11.19
CA THR A 27 -8.22 4.17 12.60
C THR A 27 -7.14 3.54 13.49
N ARG A 28 -7.51 3.14 14.67
CA ARG A 28 -6.52 2.51 15.58
C ARG A 28 -6.21 1.07 15.15
N GLU A 29 -7.12 0.45 14.47
CA GLU A 29 -6.87 -0.96 14.02
C GLU A 29 -7.84 -1.36 12.91
N ASN A 30 -7.49 -2.34 12.12
CA ASN A 30 -8.40 -2.78 11.02
C ASN A 30 -8.19 -4.26 10.72
N ASP A 31 -8.38 -5.11 11.70
CA ASP A 31 -8.17 -6.57 11.46
C ASP A 31 -6.71 -6.85 11.14
N PRO A 32 -5.95 -7.21 12.16
CA PRO A 32 -4.51 -7.50 11.98
C PRO A 32 -4.32 -8.70 11.04
N ILE A 33 -3.33 -8.64 10.21
CA ILE A 33 -3.07 -9.77 9.27
C ILE A 33 -1.57 -9.89 8.98
N GLN A 34 -1.20 -10.67 8.01
CA GLN A 34 0.25 -10.83 7.67
C GLN A 34 0.55 -10.15 6.33
N GLY A 35 1.78 -9.79 6.11
CA GLY A 35 2.14 -9.13 4.82
C GLY A 35 2.60 -10.19 3.82
N PRO A 36 2.75 -9.77 2.58
CA PRO A 36 3.20 -10.69 1.51
C PRO A 36 4.57 -11.28 1.83
N ASP A 37 5.31 -10.64 2.70
CA ASP A 37 6.67 -11.15 3.05
C ASP A 37 6.58 -12.14 4.22
N GLY A 38 5.41 -12.30 4.78
CA GLY A 38 5.26 -13.25 5.90
C GLY A 38 5.30 -12.49 7.23
N LYS A 39 5.68 -11.25 7.19
CA LYS A 39 5.73 -10.46 8.46
C LYS A 39 4.33 -9.96 8.84
N VAL A 40 4.13 -9.63 10.08
CA VAL A 40 2.77 -9.14 10.51
C VAL A 40 2.77 -7.61 10.61
N HIS A 41 1.63 -7.01 10.56
CA HIS A 41 1.56 -5.52 10.66
C HIS A 41 0.53 -5.10 11.71
N GLY A 42 0.45 -3.84 12.01
CA GLY A 42 -0.53 -3.37 13.03
C GLY A 42 -1.96 -3.69 12.55
N ASN A 43 -2.24 -3.41 11.30
CA ASN A 43 -3.62 -3.69 10.78
C ASN A 43 -3.61 -3.66 9.25
N THR A 44 -4.76 -3.53 8.66
CA THR A 44 -4.85 -3.51 7.17
C THR A 44 -4.22 -2.24 6.61
N CYS A 45 -4.59 -1.10 7.12
CA CYS A 45 -3.99 0.16 6.59
C CYS A 45 -2.47 0.09 6.68
N SER A 46 -1.95 -0.48 7.73
CA SER A 46 -0.46 -0.59 7.85
C SER A 46 0.06 -1.40 6.67
N MET A 47 -0.36 -2.62 6.55
CA MET A 47 0.11 -3.45 5.39
C MET A 47 -0.11 -2.65 4.11
N CYS A 48 -1.02 -1.72 4.14
CA CYS A 48 -1.30 -0.90 2.93
C CYS A 48 -0.32 0.28 2.85
N GLU A 49 0.11 0.80 3.96
CA GLU A 49 1.08 1.94 3.92
C GLU A 49 2.40 1.47 3.33
N VAL A 50 2.91 0.36 3.81
CA VAL A 50 4.18 -0.16 3.25
C VAL A 50 3.99 -0.41 1.75
N PHE A 51 2.87 -0.98 1.38
CA PHE A 51 2.61 -1.23 -0.06
C PHE A 51 2.54 0.12 -0.78
N PHE A 52 2.00 1.11 -0.13
CA PHE A 52 1.90 2.45 -0.74
C PHE A 52 3.31 3.02 -0.93
N GLN A 53 4.18 2.79 0.01
CA GLN A 53 5.57 3.29 -0.10
C GLN A 53 6.25 2.66 -1.32
N ALA A 54 6.04 1.39 -1.52
CA ALA A 54 6.68 0.70 -2.68
C ALA A 54 6.20 1.33 -3.98
N GLU A 55 4.93 1.61 -4.10
CA GLU A 55 4.41 2.23 -5.36
C GLU A 55 5.21 3.48 -5.69
N GLU A 56 5.79 4.11 -4.71
CA GLU A 56 6.60 5.34 -4.98
C GLU A 56 7.94 4.95 -5.60
N GLU A 57 8.41 3.76 -5.33
CA GLU A 57 9.72 3.33 -5.91
C GLU A 57 9.55 3.00 -7.40
N GLU A 58 8.46 2.40 -7.77
CA GLU A 58 8.25 2.06 -9.21
C GLU A 58 8.44 3.32 -10.07
N LYS A 59 8.01 4.45 -9.60
CA LYS A 59 8.17 5.70 -10.38
C LYS A 59 9.64 6.17 -10.36
N LYS A 60 10.45 5.53 -9.55
CA LYS A 60 11.88 5.93 -9.47
C LYS A 60 12.47 6.03 -10.88
N LYS A 61 12.11 5.14 -11.76
CA LYS A 61 12.66 5.19 -13.15
C LYS A 61 12.32 6.54 -13.79
N LYS A 62 13.14 6.99 -14.71
CA LYS A 62 12.86 8.29 -15.37
C LYS A 62 12.76 9.40 -14.33
N GLU A 63 13.78 9.61 -13.56
CA GLU A 63 13.74 10.68 -12.52
C GLU A 63 15.08 11.43 -12.47
N GLY A 64 15.05 12.69 -12.14
CA GLY A 64 16.30 13.47 -12.08
C GLY A 64 16.10 14.83 -12.76
N GLU A 65 16.90 15.80 -12.41
CA GLU A 65 16.74 17.15 -13.04
C GLU A 65 17.15 17.08 -14.51
N SER A 66 17.90 16.07 -14.89
CA SER A 66 18.33 15.97 -16.31
C SER A 66 18.33 14.50 -16.75
N ARG A 67 17.82 14.21 -17.92
CA ARG A 67 17.81 12.80 -18.40
C ARG A 67 19.22 12.23 -18.43
N ASN A 68 20.20 13.05 -18.70
CA ASN A 68 21.59 12.56 -18.74
C ASN A 68 22.29 12.78 -17.39
N GLU A 1 -8.00 -23.62 -9.74
CA GLU A 1 -7.76 -22.42 -8.89
C GLU A 1 -6.67 -21.55 -9.49
N SER A 2 -6.75 -20.25 -9.28
CA SER A 2 -5.71 -19.34 -9.85
C SER A 2 -5.01 -18.58 -8.72
N GLY A 3 -3.73 -18.36 -8.86
CA GLY A 3 -2.99 -17.61 -7.80
C GLY A 3 -3.28 -16.12 -7.92
N LYS A 4 -2.80 -15.33 -7.00
CA LYS A 4 -3.06 -13.86 -7.07
C LYS A 4 -4.56 -13.58 -7.14
N ALA A 5 -5.33 -14.22 -6.30
CA ALA A 5 -6.80 -13.99 -6.33
C ALA A 5 -7.12 -12.55 -5.91
N THR A 6 -6.20 -11.90 -5.25
CA THR A 6 -6.45 -10.49 -4.83
C THR A 6 -5.28 -9.60 -5.23
N SER A 7 -5.47 -8.31 -5.23
CA SER A 7 -4.36 -7.39 -5.62
C SER A 7 -4.21 -6.27 -4.59
N TYR A 8 -3.02 -6.03 -4.13
CA TYR A 8 -2.80 -4.95 -3.12
C TYR A 8 -3.28 -3.61 -3.67
N ALA A 9 -2.88 -3.28 -4.87
CA ALA A 9 -3.33 -1.97 -5.46
C ALA A 9 -4.85 -1.87 -5.44
N GLU A 10 -5.53 -2.99 -5.46
CA GLU A 10 -7.02 -2.96 -5.43
C GLU A 10 -7.52 -3.12 -4.00
N LEU A 11 -6.83 -3.92 -3.22
CA LEU A 11 -7.25 -4.12 -1.81
C LEU A 11 -6.94 -2.88 -0.98
N CYS A 12 -5.69 -2.56 -0.84
CA CYS A 12 -5.31 -1.35 -0.06
C CYS A 12 -5.85 -0.10 -0.76
N ASN A 13 -6.31 -0.25 -1.97
CA ASN A 13 -6.87 0.92 -2.71
C ASN A 13 -7.74 1.75 -1.78
N GLU A 14 -8.64 1.12 -1.09
CA GLU A 14 -9.53 1.88 -0.16
C GLU A 14 -8.71 2.84 0.71
N TYR A 15 -7.44 2.58 0.85
CA TYR A 15 -6.58 3.47 1.69
C TYR A 15 -5.95 4.56 0.82
N ARG A 16 -6.03 4.44 -0.47
CA ARG A 16 -5.44 5.48 -1.35
C ARG A 16 -6.09 6.83 -1.05
N LYS A 17 -7.31 6.82 -0.58
CA LYS A 17 -7.98 8.10 -0.25
C LYS A 17 -7.43 8.61 1.09
N LEU A 18 -6.57 7.84 1.70
CA LEU A 18 -5.97 8.25 3.00
C LEU A 18 -4.50 8.63 2.79
N VAL A 19 -3.93 8.18 1.70
CA VAL A 19 -2.50 8.51 1.42
C VAL A 19 -2.40 9.94 0.86
N ARG A 20 -1.43 10.69 1.32
CA ARG A 20 -1.27 12.08 0.81
C ARG A 20 -0.23 12.12 -0.31
N ASN A 21 0.99 12.44 0.00
CA ASN A 21 2.05 12.48 -1.05
C ASN A 21 3.26 11.66 -0.59
N GLY A 22 3.02 10.46 -0.14
CA GLY A 22 4.13 9.60 0.34
C GLY A 22 3.84 9.16 1.78
N LYS A 23 2.66 9.47 2.27
CA LYS A 23 2.31 9.08 3.67
C LYS A 23 0.92 8.44 3.69
N LEU A 24 0.62 7.67 4.70
CA LEU A 24 -0.72 7.03 4.78
C LEU A 24 -1.45 7.49 6.03
N ALA A 25 -2.71 7.80 5.91
CA ALA A 25 -3.48 8.27 7.10
C ALA A 25 -4.37 7.14 7.64
N CYS A 26 -4.05 6.62 8.79
CA CYS A 26 -4.89 5.53 9.37
C CYS A 26 -4.65 5.43 10.88
N THR A 27 -5.15 4.39 11.51
CA THR A 27 -4.96 4.24 12.97
C THR A 27 -4.74 2.76 13.33
N ARG A 28 -4.68 2.45 14.59
CA ARG A 28 -4.47 1.03 14.99
C ARG A 28 -5.54 0.13 14.36
N GLU A 29 -6.74 0.61 14.25
CA GLU A 29 -7.82 -0.22 13.63
C GLU A 29 -7.95 -1.56 14.36
N ASN A 30 -9.03 -2.24 14.17
CA ASN A 30 -9.21 -3.56 14.85
C ASN A 30 -9.26 -4.69 13.81
N ASP A 31 -8.24 -4.83 13.02
CA ASP A 31 -8.24 -5.92 11.99
C ASP A 31 -6.79 -6.28 11.62
N PRO A 32 -6.17 -7.06 12.48
CA PRO A 32 -4.78 -7.50 12.23
C PRO A 32 -4.68 -8.32 10.95
N ILE A 33 -3.55 -8.29 10.30
CA ILE A 33 -3.39 -9.07 9.04
C ILE A 33 -1.92 -9.46 8.85
N GLN A 34 -1.57 -9.90 7.67
CA GLN A 34 -0.15 -10.29 7.41
C GLN A 34 0.30 -9.75 6.05
N GLY A 35 1.56 -9.44 5.92
CA GLY A 35 2.06 -8.90 4.61
C GLY A 35 2.39 -10.08 3.69
N PRO A 36 2.60 -9.77 2.43
CA PRO A 36 2.94 -10.81 1.43
C PRO A 36 4.26 -11.51 1.81
N ASP A 37 5.05 -10.89 2.64
CA ASP A 37 6.34 -11.52 3.04
C ASP A 37 6.13 -12.43 4.27
N GLY A 38 4.91 -12.77 4.55
CA GLY A 38 4.63 -13.64 5.72
C GLY A 38 4.84 -12.85 7.01
N LYS A 39 5.00 -11.56 6.91
CA LYS A 39 5.21 -10.72 8.13
C LYS A 39 3.87 -10.18 8.64
N VAL A 40 3.83 -9.73 9.86
CA VAL A 40 2.56 -9.19 10.41
C VAL A 40 2.69 -7.68 10.67
N HIS A 41 1.61 -6.96 10.61
CA HIS A 41 1.67 -5.50 10.84
C HIS A 41 0.58 -5.06 11.82
N GLY A 42 0.53 -3.80 12.15
CA GLY A 42 -0.51 -3.32 13.11
C GLY A 42 -1.90 -3.61 12.54
N ASN A 43 -2.23 -3.03 11.42
CA ASN A 43 -3.58 -3.28 10.83
C ASN A 43 -3.49 -3.28 9.30
N THR A 44 -4.61 -3.22 8.64
CA THR A 44 -4.61 -3.22 7.14
C THR A 44 -3.86 -1.98 6.63
N CYS A 45 -3.87 -0.91 7.36
CA CYS A 45 -3.14 0.30 6.90
C CYS A 45 -1.63 0.04 6.93
N SER A 46 -1.12 -0.33 8.08
CA SER A 46 0.34 -0.61 8.17
C SER A 46 0.75 -1.45 6.96
N MET A 47 -0.08 -2.39 6.59
CA MET A 47 0.22 -3.23 5.40
C MET A 47 0.09 -2.36 4.15
N CYS A 48 -0.90 -1.50 4.15
CA CYS A 48 -1.11 -0.58 3.00
C CYS A 48 0.00 0.47 2.95
N GLU A 49 0.54 0.84 4.08
CA GLU A 49 1.64 1.84 4.09
C GLU A 49 2.84 1.28 3.34
N VAL A 50 3.18 0.05 3.59
CA VAL A 50 4.33 -0.57 2.89
C VAL A 50 4.05 -0.59 1.39
N PHE A 51 2.91 -1.11 1.03
CA PHE A 51 2.53 -1.15 -0.40
C PHE A 51 2.53 0.27 -0.95
N PHE A 52 1.98 1.19 -0.21
CA PHE A 52 1.95 2.61 -0.67
C PHE A 52 3.37 3.14 -0.77
N GLN A 53 4.22 2.79 0.17
CA GLN A 53 5.63 3.27 0.12
C GLN A 53 6.32 2.71 -1.12
N ALA A 54 6.19 1.43 -1.35
CA ALA A 54 6.83 0.82 -2.55
C ALA A 54 6.33 1.51 -3.83
N GLU A 55 5.10 1.92 -3.85
CA GLU A 55 4.56 2.61 -5.05
C GLU A 55 5.25 3.97 -5.23
N GLU A 56 5.79 4.51 -4.17
CA GLU A 56 6.47 5.83 -4.29
C GLU A 56 7.78 5.68 -5.05
N GLU A 57 8.43 4.54 -4.93
CA GLU A 57 9.72 4.33 -5.65
C GLU A 57 9.47 4.28 -7.16
N GLU A 58 8.41 3.64 -7.57
CA GLU A 58 8.12 3.55 -9.03
C GLU A 58 8.10 4.95 -9.66
N LYS A 59 7.60 5.91 -8.94
CA LYS A 59 7.55 7.30 -9.49
C LYS A 59 8.92 7.97 -9.37
N LYS A 60 9.87 7.29 -8.77
CA LYS A 60 11.23 7.88 -8.63
C LYS A 60 11.76 8.35 -9.99
N LYS A 61 11.45 7.63 -11.03
CA LYS A 61 11.94 8.03 -12.38
C LYS A 61 11.51 9.48 -12.68
N LYS A 62 10.39 9.90 -12.16
CA LYS A 62 9.94 11.29 -12.41
C LYS A 62 10.85 12.29 -11.69
N GLU A 63 11.57 11.84 -10.69
CA GLU A 63 12.48 12.76 -9.96
C GLU A 63 13.78 12.96 -10.74
N GLY A 64 14.06 12.09 -11.67
CA GLY A 64 15.31 12.23 -12.46
C GLY A 64 16.52 11.97 -11.56
N GLU A 65 17.69 12.34 -12.00
CA GLU A 65 18.91 12.12 -11.16
C GLU A 65 18.95 13.12 -10.01
N SER A 66 19.06 12.65 -8.80
CA SER A 66 19.11 13.58 -7.63
C SER A 66 20.56 13.79 -7.19
N ARG A 67 21.43 12.89 -7.53
CA ARG A 67 22.86 13.05 -7.13
C ARG A 67 23.78 12.43 -8.19
N ASN A 68 24.88 13.07 -8.47
CA ASN A 68 25.82 12.51 -9.49
C ASN A 68 27.26 12.63 -8.99
N GLU A 1 0.50 -16.74 -16.89
CA GLU A 1 0.14 -15.62 -15.98
C GLU A 1 -0.15 -16.16 -14.57
N SER A 2 0.65 -15.79 -13.61
CA SER A 2 0.42 -16.28 -12.22
C SER A 2 0.14 -15.10 -11.29
N GLY A 3 -0.17 -15.36 -10.05
CA GLY A 3 -0.46 -14.26 -9.10
C GLY A 3 -1.64 -14.64 -8.21
N LYS A 4 -2.05 -13.76 -7.34
CA LYS A 4 -3.21 -14.07 -6.44
C LYS A 4 -4.51 -13.53 -7.05
N ALA A 5 -5.63 -14.03 -6.60
CA ALA A 5 -6.93 -13.54 -7.15
C ALA A 5 -7.15 -12.08 -6.74
N THR A 6 -6.54 -11.64 -5.68
CA THR A 6 -6.72 -10.23 -5.24
C THR A 6 -5.50 -9.39 -5.62
N SER A 7 -5.62 -8.10 -5.56
CA SER A 7 -4.46 -7.22 -5.92
C SER A 7 -4.36 -6.06 -4.93
N TYR A 8 -3.22 -5.86 -4.33
CA TYR A 8 -3.06 -4.74 -3.37
C TYR A 8 -3.45 -3.42 -4.03
N ALA A 9 -2.99 -3.18 -5.22
CA ALA A 9 -3.35 -1.90 -5.92
C ALA A 9 -4.87 -1.69 -5.88
N GLU A 10 -5.61 -2.77 -5.83
CA GLU A 10 -7.10 -2.63 -5.77
C GLU A 10 -7.58 -2.82 -4.33
N LEU A 11 -6.97 -3.74 -3.63
CA LEU A 11 -7.38 -3.98 -2.21
C LEU A 11 -7.00 -2.76 -1.37
N CYS A 12 -5.73 -2.44 -1.34
CA CYS A 12 -5.29 -1.25 -0.55
C CYS A 12 -5.94 0.02 -1.11
N ASN A 13 -6.51 -0.09 -2.28
CA ASN A 13 -7.18 1.09 -2.90
C ASN A 13 -7.94 1.89 -1.85
N GLU A 14 -8.79 1.23 -1.11
CA GLU A 14 -9.57 1.93 -0.06
C GLU A 14 -8.65 2.80 0.80
N TYR A 15 -7.40 2.42 0.93
CA TYR A 15 -6.47 3.24 1.76
C TYR A 15 -5.77 4.29 0.90
N ARG A 16 -6.17 4.42 -0.34
CA ARG A 16 -5.53 5.44 -1.22
C ARG A 16 -6.09 6.82 -0.91
N LYS A 17 -7.33 6.90 -0.50
CA LYS A 17 -7.92 8.22 -0.16
C LYS A 17 -7.28 8.72 1.13
N LEU A 18 -6.50 7.89 1.77
CA LEU A 18 -5.83 8.28 3.04
C LEU A 18 -4.37 8.64 2.75
N VAL A 19 -3.74 7.91 1.87
CA VAL A 19 -2.32 8.18 1.54
C VAL A 19 -2.16 9.61 1.00
N ARG A 20 -1.14 10.29 1.42
CA ARG A 20 -0.91 11.69 0.93
C ARG A 20 0.27 11.70 -0.05
N ASN A 21 1.46 11.89 0.45
CA ASN A 21 2.65 11.90 -0.44
C ASN A 21 3.60 10.77 -0.02
N GLY A 22 3.07 9.61 0.19
CA GLY A 22 3.91 8.46 0.62
C GLY A 22 3.64 8.17 2.09
N LYS A 23 2.73 8.90 2.69
CA LYS A 23 2.41 8.67 4.13
C LYS A 23 0.96 8.17 4.27
N LEU A 24 0.79 7.00 4.80
CA LEU A 24 -0.59 6.44 4.95
C LEU A 24 -1.19 6.91 6.28
N ALA A 25 -2.39 7.45 6.25
CA ALA A 25 -3.02 7.93 7.51
C ALA A 25 -4.11 6.95 7.96
N CYS A 26 -3.97 6.39 9.13
CA CYS A 26 -5.00 5.43 9.63
C CYS A 26 -5.09 5.50 11.16
N THR A 27 -5.89 4.66 11.75
CA THR A 27 -6.02 4.68 13.24
C THR A 27 -5.43 3.41 13.84
N ARG A 28 -5.49 3.28 15.14
CA ARG A 28 -4.93 2.05 15.78
C ARG A 28 -5.95 0.91 15.73
N GLU A 29 -6.46 0.62 14.56
CA GLU A 29 -7.46 -0.49 14.43
C GLU A 29 -6.96 -1.73 15.17
N ASN A 30 -7.85 -2.43 15.82
CA ASN A 30 -7.43 -3.67 16.55
C ASN A 30 -7.64 -4.90 15.68
N ASP A 31 -7.10 -4.89 14.49
CA ASP A 31 -7.26 -6.07 13.58
C ASP A 31 -5.93 -6.39 12.88
N PRO A 32 -5.09 -7.11 13.58
CA PRO A 32 -3.76 -7.49 13.01
C PRO A 32 -3.94 -8.35 11.76
N ILE A 33 -3.00 -8.29 10.86
CA ILE A 33 -3.10 -9.10 9.62
C ILE A 33 -1.70 -9.45 9.10
N GLN A 34 -1.62 -9.94 7.90
CA GLN A 34 -0.28 -10.30 7.33
C GLN A 34 -0.07 -9.58 5.99
N GLY A 35 1.16 -9.40 5.60
CA GLY A 35 1.43 -8.72 4.31
C GLY A 35 2.09 -9.70 3.33
N PRO A 36 2.23 -9.28 2.11
CA PRO A 36 2.85 -10.13 1.07
C PRO A 36 4.29 -10.49 1.45
N ASP A 37 4.89 -9.73 2.33
CA ASP A 37 6.29 -10.04 2.74
C ASP A 37 6.32 -11.26 3.64
N GLY A 38 5.43 -11.33 4.59
CA GLY A 38 5.41 -12.50 5.49
C GLY A 38 5.32 -12.04 6.95
N LYS A 39 5.37 -10.75 7.18
CA LYS A 39 5.30 -10.23 8.57
C LYS A 39 3.87 -9.79 8.90
N VAL A 40 3.54 -9.72 10.17
CA VAL A 40 2.18 -9.29 10.56
C VAL A 40 2.19 -7.81 10.98
N HIS A 41 1.09 -7.13 10.82
CA HIS A 41 1.07 -5.68 11.22
C HIS A 41 -0.09 -5.42 12.18
N GLY A 42 -0.09 -4.28 12.81
CA GLY A 42 -1.18 -3.96 13.77
C GLY A 42 -2.53 -3.92 13.05
N ASN A 43 -2.64 -3.10 12.04
CA ASN A 43 -3.93 -3.02 11.29
C ASN A 43 -3.70 -3.33 9.81
N THR A 44 -4.68 -3.05 9.00
CA THR A 44 -4.53 -3.33 7.54
C THR A 44 -3.72 -2.22 6.86
N CYS A 45 -3.83 -1.02 7.34
CA CYS A 45 -3.04 0.09 6.73
C CYS A 45 -1.55 -0.22 6.81
N SER A 46 -1.05 -0.47 7.99
CA SER A 46 0.39 -0.80 8.12
C SER A 46 0.77 -1.80 7.05
N MET A 47 -0.18 -2.58 6.60
CA MET A 47 0.11 -3.57 5.53
C MET A 47 -0.04 -2.90 4.18
N CYS A 48 -0.94 -1.95 4.09
CA CYS A 48 -1.15 -1.22 2.81
C CYS A 48 -0.12 -0.10 2.69
N GLU A 49 0.42 0.36 3.78
CA GLU A 49 1.43 1.46 3.72
C GLU A 49 2.71 0.94 3.04
N VAL A 50 3.18 -0.21 3.43
CA VAL A 50 4.39 -0.77 2.79
C VAL A 50 4.17 -0.83 1.29
N PHE A 51 3.04 -1.32 0.91
CA PHE A 51 2.71 -1.39 -0.55
C PHE A 51 2.69 0.02 -1.13
N PHE A 52 2.09 0.94 -0.41
CA PHE A 52 2.04 2.34 -0.89
C PHE A 52 3.46 2.91 -0.95
N GLN A 53 4.25 2.64 0.04
CA GLN A 53 5.65 3.16 0.04
C GLN A 53 6.40 2.54 -1.13
N ALA A 54 6.28 1.26 -1.32
CA ALA A 54 6.98 0.59 -2.44
C ALA A 54 6.55 1.20 -3.77
N GLU A 55 5.29 1.52 -3.91
CA GLU A 55 4.81 2.13 -5.18
C GLU A 55 5.68 3.34 -5.54
N GLU A 56 6.23 3.99 -4.55
CA GLU A 56 7.09 5.17 -4.83
C GLU A 56 8.36 4.75 -5.59
N GLU A 57 8.91 3.62 -5.25
CA GLU A 57 10.13 3.15 -5.95
C GLU A 57 9.78 2.54 -7.30
N GLU A 58 8.61 1.99 -7.43
CA GLU A 58 8.19 1.38 -8.73
C GLU A 58 8.24 2.44 -9.84
N LYS A 59 8.32 3.69 -9.48
CA LYS A 59 8.36 4.76 -10.52
C LYS A 59 9.77 4.87 -11.09
N LYS A 60 10.71 4.17 -10.51
CA LYS A 60 12.11 4.25 -11.02
C LYS A 60 12.22 3.54 -12.38
N LYS A 61 11.27 2.70 -12.70
CA LYS A 61 11.32 1.99 -14.01
C LYS A 61 11.17 2.99 -15.16
N LYS A 62 11.46 2.57 -16.36
CA LYS A 62 11.34 3.50 -17.53
C LYS A 62 9.87 3.82 -17.79
N GLU A 63 8.97 3.07 -17.19
CA GLU A 63 7.52 3.34 -17.40
C GLU A 63 7.08 4.56 -16.58
N GLY A 64 7.82 4.89 -15.55
CA GLY A 64 7.44 6.06 -14.72
C GLY A 64 7.78 7.35 -15.45
N GLU A 65 8.76 7.31 -16.32
CA GLU A 65 9.14 8.55 -17.07
C GLU A 65 8.68 8.44 -18.53
N SER A 66 8.48 9.55 -19.18
CA SER A 66 8.03 9.51 -20.60
C SER A 66 9.01 8.69 -21.45
N ARG A 67 8.52 8.05 -22.47
CA ARG A 67 9.43 7.23 -23.34
C ARG A 67 10.58 8.10 -23.86
N ASN A 68 10.32 9.35 -24.12
CA ASN A 68 11.39 10.25 -24.63
C ASN A 68 11.29 11.63 -23.99
N GLU A 1 -1.86 -23.64 -11.75
CA GLU A 1 -1.36 -22.38 -11.12
C GLU A 1 -2.53 -21.40 -10.90
N SER A 2 -2.66 -20.88 -9.72
CA SER A 2 -3.76 -19.92 -9.45
C SER A 2 -3.20 -18.58 -8.96
N GLY A 3 -3.80 -17.49 -9.35
CA GLY A 3 -3.30 -16.16 -8.91
C GLY A 3 -3.99 -15.78 -7.59
N LYS A 4 -3.81 -14.56 -7.15
CA LYS A 4 -4.46 -14.11 -5.88
C LYS A 4 -5.90 -13.69 -6.15
N ALA A 5 -6.71 -13.61 -5.12
CA ALA A 5 -8.12 -13.20 -5.32
C ALA A 5 -8.19 -11.77 -5.84
N THR A 6 -7.15 -10.99 -5.61
CA THR A 6 -7.17 -9.58 -6.09
C THR A 6 -5.74 -9.04 -6.16
N SER A 7 -5.60 -7.75 -6.27
CA SER A 7 -4.24 -7.14 -6.34
C SER A 7 -4.10 -6.05 -5.27
N TYR A 8 -3.02 -6.05 -4.55
CA TYR A 8 -2.81 -5.02 -3.49
C TYR A 8 -3.28 -3.65 -3.99
N ALA A 9 -2.85 -3.25 -5.15
CA ALA A 9 -3.27 -1.93 -5.69
C ALA A 9 -4.79 -1.78 -5.62
N GLU A 10 -5.49 -2.87 -5.83
CA GLU A 10 -6.99 -2.80 -5.77
C GLU A 10 -7.45 -2.99 -4.32
N LEU A 11 -6.72 -3.76 -3.56
CA LEU A 11 -7.11 -3.97 -2.13
C LEU A 11 -6.78 -2.72 -1.32
N CYS A 12 -5.56 -2.30 -1.34
CA CYS A 12 -5.18 -1.08 -0.58
C CYS A 12 -5.86 0.14 -1.18
N ASN A 13 -6.41 0.00 -2.35
CA ASN A 13 -7.11 1.14 -3.00
C ASN A 13 -7.94 1.90 -1.97
N GLU A 14 -8.77 1.21 -1.25
CA GLU A 14 -9.61 1.88 -0.21
C GLU A 14 -8.74 2.75 0.69
N TYR A 15 -7.49 2.43 0.84
CA TYR A 15 -6.61 3.26 1.70
C TYR A 15 -5.92 4.34 0.88
N ARG A 16 -6.22 4.41 -0.39
CA ARG A 16 -5.58 5.45 -1.24
C ARG A 16 -6.17 6.82 -0.91
N LYS A 17 -7.40 6.84 -0.48
CA LYS A 17 -8.03 8.15 -0.10
C LYS A 17 -7.46 8.61 1.24
N LEU A 18 -6.61 7.80 1.84
CA LEU A 18 -6.01 8.17 3.15
C LEU A 18 -4.54 8.56 2.93
N VAL A 19 -3.86 7.85 2.09
CA VAL A 19 -2.42 8.16 1.81
C VAL A 19 -2.28 9.65 1.43
N ARG A 20 -1.27 10.30 1.94
CA ARG A 20 -1.09 11.74 1.60
C ARG A 20 -0.03 11.89 0.50
N ASN A 21 1.21 12.07 0.88
CA ASN A 21 2.28 12.22 -0.14
C ASN A 21 3.39 11.18 0.09
N GLY A 22 3.01 9.95 0.30
CA GLY A 22 4.03 8.89 0.55
C GLY A 22 3.84 8.33 1.96
N LYS A 23 2.73 8.62 2.58
CA LYS A 23 2.48 8.11 3.95
C LYS A 23 1.01 7.69 4.11
N LEU A 24 0.76 6.59 4.76
CA LEU A 24 -0.64 6.13 4.95
C LEU A 24 -1.17 6.57 6.32
N ALA A 25 -2.39 7.02 6.37
CA ALA A 25 -2.97 7.46 7.68
C ALA A 25 -4.13 6.55 8.07
N CYS A 26 -4.18 6.14 9.31
CA CYS A 26 -5.29 5.24 9.75
C CYS A 26 -5.47 5.34 11.28
N THR A 27 -6.28 4.49 11.84
CA THR A 27 -6.51 4.53 13.31
C THR A 27 -5.84 3.31 13.98
N ARG A 28 -5.99 3.18 15.27
CA ARG A 28 -5.36 2.03 15.97
C ARG A 28 -6.38 0.90 16.14
N GLU A 29 -7.12 0.58 15.12
CA GLU A 29 -8.14 -0.51 15.23
C GLU A 29 -7.47 -1.81 15.67
N ASN A 30 -8.24 -2.75 16.14
CA ASN A 30 -7.65 -4.04 16.60
C ASN A 30 -7.86 -5.12 15.54
N ASP A 31 -7.42 -4.88 14.33
CA ASP A 31 -7.60 -5.88 13.25
C ASP A 31 -6.24 -6.17 12.58
N PRO A 32 -5.39 -6.86 13.30
CA PRO A 32 -4.05 -7.20 12.77
C PRO A 32 -4.18 -8.08 11.52
N ILE A 33 -3.16 -8.12 10.72
CA ILE A 33 -3.20 -8.97 9.49
C ILE A 33 -1.79 -9.42 9.11
N GLN A 34 -1.62 -9.88 7.90
CA GLN A 34 -0.27 -10.33 7.45
C GLN A 34 0.09 -9.68 6.11
N GLY A 35 1.35 -9.41 5.89
CA GLY A 35 1.76 -8.78 4.61
C GLY A 35 2.19 -9.86 3.62
N PRO A 36 2.46 -9.45 2.40
CA PRO A 36 2.88 -10.41 1.35
C PRO A 36 4.20 -11.08 1.73
N ASP A 37 4.95 -10.48 2.61
CA ASP A 37 6.25 -11.10 3.03
C ASP A 37 6.05 -12.02 4.22
N GLY A 38 4.82 -12.31 4.55
CA GLY A 38 4.56 -13.22 5.71
C GLY A 38 4.69 -12.43 7.02
N LYS A 39 5.09 -11.19 6.94
CA LYS A 39 5.23 -10.38 8.18
C LYS A 39 3.87 -9.85 8.63
N VAL A 40 3.70 -9.60 9.90
CA VAL A 40 2.40 -9.08 10.40
C VAL A 40 2.52 -7.59 10.73
N HIS A 41 1.49 -6.84 10.51
CA HIS A 41 1.53 -5.37 10.81
C HIS A 41 0.46 -5.01 11.84
N GLY A 42 0.42 -3.77 12.25
CA GLY A 42 -0.61 -3.35 13.25
C GLY A 42 -2.00 -3.59 12.68
N ASN A 43 -2.27 -3.06 11.52
CA ASN A 43 -3.62 -3.27 10.91
C ASN A 43 -3.51 -3.36 9.39
N THR A 44 -4.61 -3.30 8.70
CA THR A 44 -4.57 -3.39 7.21
C THR A 44 -3.79 -2.20 6.64
N CYS A 45 -3.89 -1.05 7.26
CA CYS A 45 -3.16 0.13 6.74
C CYS A 45 -1.64 -0.11 6.86
N SER A 46 -1.16 -0.33 8.05
CA SER A 46 0.29 -0.60 8.21
C SER A 46 0.71 -1.61 7.15
N MET A 47 -0.20 -2.43 6.72
CA MET A 47 0.10 -3.43 5.67
C MET A 47 -0.04 -2.77 4.31
N CYS A 48 -0.98 -1.88 4.20
CA CYS A 48 -1.21 -1.16 2.91
C CYS A 48 -0.26 0.03 2.80
N GLU A 49 0.32 0.46 3.88
CA GLU A 49 1.26 1.61 3.81
C GLU A 49 2.58 1.17 3.17
N VAL A 50 3.11 0.05 3.61
CA VAL A 50 4.39 -0.43 3.01
C VAL A 50 4.19 -0.60 1.50
N PHE A 51 3.07 -1.13 1.11
CA PHE A 51 2.80 -1.30 -0.35
C PHE A 51 2.70 0.08 -0.99
N PHE A 52 2.15 1.03 -0.28
CA PHE A 52 2.02 2.41 -0.83
C PHE A 52 3.42 3.02 -0.94
N GLN A 53 4.28 2.70 -0.03
CA GLN A 53 5.67 3.24 -0.08
C GLN A 53 6.41 2.64 -1.27
N ALA A 54 6.25 1.37 -1.50
CA ALA A 54 6.95 0.71 -2.64
C ALA A 54 6.43 1.29 -3.96
N GLU A 55 5.17 1.61 -4.03
CA GLU A 55 4.61 2.18 -5.29
C GLU A 55 5.43 3.39 -5.72
N GLU A 56 5.98 4.11 -4.79
CA GLU A 56 6.79 5.31 -5.14
C GLU A 56 8.09 4.88 -5.83
N GLU A 57 8.60 3.72 -5.49
CA GLU A 57 9.85 3.24 -6.11
C GLU A 57 9.62 2.94 -7.60
N GLU A 58 8.48 2.40 -7.92
CA GLU A 58 8.19 2.09 -9.36
C GLU A 58 8.20 3.38 -10.19
N LYS A 59 7.84 4.48 -9.58
CA LYS A 59 7.83 5.77 -10.32
C LYS A 59 9.25 6.33 -10.42
N LYS A 60 10.18 5.73 -9.75
CA LYS A 60 11.58 6.22 -9.79
C LYS A 60 12.25 5.75 -11.09
N LYS A 61 12.06 4.50 -11.45
CA LYS A 61 12.69 3.99 -12.70
C LYS A 61 11.91 4.50 -13.92
N LYS A 62 12.59 4.75 -15.00
CA LYS A 62 11.89 5.25 -16.22
C LYS A 62 11.23 6.60 -15.93
N GLU A 63 11.93 7.50 -15.31
CA GLU A 63 11.34 8.83 -15.00
C GLU A 63 10.96 9.56 -16.29
N GLY A 64 11.57 9.20 -17.39
CA GLY A 64 11.24 9.87 -18.67
C GLY A 64 11.91 11.25 -18.71
N GLU A 65 11.46 12.11 -19.59
CA GLU A 65 12.07 13.48 -19.67
C GLU A 65 11.06 14.54 -19.23
N SER A 66 11.53 15.63 -18.68
CA SER A 66 10.60 16.69 -18.22
C SER A 66 10.73 17.93 -19.12
N ARG A 67 9.67 18.65 -19.32
CA ARG A 67 9.74 19.87 -20.18
C ARG A 67 9.29 21.10 -19.40
N ASN A 68 9.80 22.26 -19.72
CA ASN A 68 9.39 23.50 -19.00
C ASN A 68 8.08 24.03 -19.58
N GLU A 1 0.74 -15.00 -18.19
CA GLU A 1 1.20 -14.80 -16.79
C GLU A 1 0.03 -15.01 -15.82
N SER A 2 0.30 -15.57 -14.67
CA SER A 2 -0.79 -15.81 -13.68
C SER A 2 -0.53 -15.01 -12.41
N GLY A 3 -1.57 -14.64 -11.71
CA GLY A 3 -1.38 -13.85 -10.45
C GLY A 3 -2.50 -14.19 -9.47
N LYS A 4 -2.47 -13.62 -8.30
CA LYS A 4 -3.53 -13.91 -7.29
C LYS A 4 -4.85 -13.25 -7.71
N ALA A 5 -5.95 -13.92 -7.51
CA ALA A 5 -7.27 -13.34 -7.90
C ALA A 5 -7.43 -11.95 -7.28
N THR A 6 -6.72 -11.68 -6.21
CA THR A 6 -6.83 -10.35 -5.56
C THR A 6 -5.58 -9.51 -5.84
N SER A 7 -5.68 -8.21 -5.69
CA SER A 7 -4.50 -7.34 -5.95
C SER A 7 -4.42 -6.23 -4.91
N TYR A 8 -3.34 -6.15 -4.19
CA TYR A 8 -3.21 -5.08 -3.15
C TYR A 8 -3.61 -3.73 -3.73
N ALA A 9 -3.04 -3.34 -4.84
CA ALA A 9 -3.40 -2.03 -5.45
C ALA A 9 -4.91 -1.85 -5.45
N GLU A 10 -5.64 -2.92 -5.50
CA GLU A 10 -7.14 -2.81 -5.48
C GLU A 10 -7.66 -2.94 -4.05
N LEU A 11 -7.01 -3.76 -3.25
CA LEU A 11 -7.46 -3.92 -1.84
C LEU A 11 -7.10 -2.66 -1.05
N CYS A 12 -5.85 -2.33 -1.00
CA CYS A 12 -5.42 -1.11 -0.26
C CYS A 12 -6.00 0.14 -0.94
N ASN A 13 -6.56 -0.03 -2.11
CA ASN A 13 -7.15 1.12 -2.84
C ASN A 13 -7.92 2.01 -1.87
N GLU A 14 -8.83 1.44 -1.14
CA GLU A 14 -9.63 2.24 -0.18
C GLU A 14 -8.71 3.09 0.71
N TYR A 15 -7.46 2.72 0.82
CA TYR A 15 -6.52 3.52 1.67
C TYR A 15 -5.82 4.58 0.81
N ARG A 16 -6.15 4.66 -0.44
CA ARG A 16 -5.51 5.68 -1.32
C ARG A 16 -6.06 7.07 -0.99
N LYS A 17 -7.29 7.14 -0.56
CA LYS A 17 -7.87 8.46 -0.19
C LYS A 17 -7.25 8.93 1.12
N LEU A 18 -6.45 8.10 1.73
CA LEU A 18 -5.79 8.47 3.00
C LEU A 18 -4.32 8.82 2.75
N VAL A 19 -3.71 8.13 1.82
CA VAL A 19 -2.28 8.40 1.49
C VAL A 19 -2.10 9.85 1.03
N ARG A 20 -0.94 10.41 1.23
CA ARG A 20 -0.69 11.81 0.79
C ARG A 20 0.57 11.87 -0.06
N ASN A 21 1.70 12.10 0.55
CA ASN A 21 2.97 12.17 -0.21
C ASN A 21 3.90 11.05 0.26
N GLY A 22 3.40 9.85 0.32
CA GLY A 22 4.24 8.71 0.79
C GLY A 22 3.82 8.33 2.21
N LYS A 23 2.87 9.06 2.76
CA LYS A 23 2.41 8.75 4.15
C LYS A 23 0.97 8.22 4.11
N LEU A 24 0.67 7.22 4.89
CA LEU A 24 -0.71 6.66 4.89
C LEU A 24 -1.42 6.98 6.21
N ALA A 25 -2.68 7.34 6.14
CA ALA A 25 -3.43 7.65 7.40
C ALA A 25 -4.07 6.38 7.95
N CYS A 26 -3.48 5.83 8.98
CA CYS A 26 -4.05 4.57 9.56
C CYS A 26 -5.20 4.90 10.53
N THR A 27 -5.91 3.91 10.97
CA THR A 27 -7.04 4.15 11.90
C THR A 27 -6.84 3.35 13.19
N ARG A 28 -7.84 3.30 14.03
CA ARG A 28 -7.70 2.53 15.30
C ARG A 28 -8.29 1.12 15.13
N GLU A 29 -8.42 0.66 13.93
CA GLU A 29 -8.98 -0.71 13.70
C GLU A 29 -8.10 -1.76 14.39
N ASN A 30 -8.69 -2.78 14.92
CA ASN A 30 -7.88 -3.85 15.59
C ASN A 30 -7.95 -5.15 14.79
N ASP A 31 -7.63 -5.10 13.53
CA ASP A 31 -7.67 -6.33 12.69
C ASP A 31 -6.27 -6.67 12.18
N PRO A 32 -5.47 -7.26 13.03
CA PRO A 32 -4.09 -7.63 12.66
C PRO A 32 -4.10 -8.65 11.52
N ILE A 33 -3.19 -8.52 10.59
CA ILE A 33 -3.14 -9.48 9.45
C ILE A 33 -1.68 -9.70 9.03
N GLN A 34 -1.47 -10.33 7.91
CA GLN A 34 -0.07 -10.58 7.45
C GLN A 34 0.17 -9.92 6.09
N GLY A 35 1.42 -9.77 5.70
CA GLY A 35 1.73 -9.14 4.40
C GLY A 35 2.32 -10.18 3.45
N PRO A 36 2.49 -9.79 2.21
CA PRO A 36 3.06 -10.72 1.19
C PRO A 36 4.47 -11.14 1.58
N ASP A 37 5.12 -10.40 2.44
CA ASP A 37 6.50 -10.77 2.86
C ASP A 37 6.47 -11.76 4.01
N GLY A 38 5.35 -11.89 4.66
CA GLY A 38 5.25 -12.84 5.79
C GLY A 38 5.33 -12.08 7.12
N LYS A 39 5.55 -10.81 7.07
CA LYS A 39 5.63 -10.01 8.33
C LYS A 39 4.24 -9.57 8.79
N VAL A 40 4.02 -9.53 10.07
CA VAL A 40 2.69 -9.11 10.59
C VAL A 40 2.68 -7.60 10.87
N HIS A 41 1.58 -6.94 10.62
CA HIS A 41 1.51 -5.48 10.88
C HIS A 41 0.33 -5.14 11.77
N GLY A 42 0.25 -3.93 12.26
CA GLY A 42 -0.87 -3.54 13.14
C GLY A 42 -2.20 -3.93 12.47
N ASN A 43 -2.57 -3.26 11.42
CA ASN A 43 -3.84 -3.59 10.73
C ASN A 43 -3.67 -3.51 9.21
N THR A 44 -4.76 -3.47 8.49
CA THR A 44 -4.68 -3.40 7.01
C THR A 44 -3.93 -2.14 6.55
N CYS A 45 -4.33 -1.00 7.02
CA CYS A 45 -3.64 0.25 6.60
C CYS A 45 -2.12 0.08 6.74
N SER A 46 -1.68 -0.57 7.79
CA SER A 46 -0.21 -0.77 7.95
C SER A 46 0.30 -1.63 6.79
N MET A 47 -0.40 -2.69 6.50
CA MET A 47 0.02 -3.54 5.35
C MET A 47 -0.19 -2.76 4.05
N CYS A 48 -0.97 -1.72 4.12
CA CYS A 48 -1.23 -0.88 2.92
C CYS A 48 -0.20 0.25 2.83
N GLU A 49 0.26 0.73 3.96
CA GLU A 49 1.27 1.83 3.93
C GLU A 49 2.58 1.31 3.34
N VAL A 50 3.04 0.18 3.80
CA VAL A 50 4.30 -0.39 3.23
C VAL A 50 4.11 -0.61 1.74
N PHE A 51 2.98 -1.13 1.35
CA PHE A 51 2.70 -1.35 -0.09
C PHE A 51 2.66 0.00 -0.80
N PHE A 52 2.09 0.98 -0.15
CA PHE A 52 2.02 2.34 -0.76
C PHE A 52 3.43 2.91 -0.87
N GLN A 53 4.25 2.68 0.12
CA GLN A 53 5.65 3.19 0.07
C GLN A 53 6.40 2.56 -1.10
N ALA A 54 6.26 1.28 -1.26
CA ALA A 54 6.96 0.60 -2.39
C ALA A 54 6.49 1.16 -3.73
N GLU A 55 5.21 1.40 -3.87
CA GLU A 55 4.68 1.95 -5.14
C GLU A 55 5.56 3.13 -5.60
N GLU A 56 6.09 3.86 -4.68
CA GLU A 56 6.96 5.02 -5.06
C GLU A 56 8.20 4.52 -5.81
N GLU A 57 8.57 3.29 -5.61
CA GLU A 57 9.77 2.74 -6.30
C GLU A 57 9.44 2.46 -7.77
N GLU A 58 8.35 1.79 -8.02
CA GLU A 58 7.97 1.49 -9.43
C GLU A 58 7.99 2.76 -10.28
N LYS A 59 7.89 3.90 -9.65
CA LYS A 59 7.90 5.18 -10.41
C LYS A 59 9.33 5.50 -10.88
N LYS A 60 10.30 4.76 -10.42
CA LYS A 60 11.70 5.02 -10.83
C LYS A 60 11.81 5.01 -12.36
N LYS A 61 11.01 4.23 -13.02
CA LYS A 61 11.07 4.19 -14.51
C LYS A 61 10.70 5.55 -15.10
N LYS A 62 11.10 5.82 -16.31
CA LYS A 62 10.78 7.13 -16.93
C LYS A 62 9.27 7.25 -17.13
N GLU A 63 8.55 6.17 -17.02
CA GLU A 63 7.06 6.24 -17.21
C GLU A 63 6.38 6.55 -15.87
N GLY A 64 5.48 7.49 -15.87
CA GLY A 64 4.77 7.84 -14.60
C GLY A 64 3.63 6.85 -14.37
N GLU A 65 2.97 6.96 -13.25
CA GLU A 65 1.84 6.02 -12.96
C GLU A 65 0.65 6.32 -13.88
N SER A 66 0.63 7.49 -14.46
CA SER A 66 -0.51 7.85 -15.36
C SER A 66 -0.03 8.82 -16.44
N ARG A 67 -0.57 8.71 -17.64
CA ARG A 67 -0.15 9.62 -18.73
C ARG A 67 -1.35 10.42 -19.24
N ASN A 68 -1.13 11.61 -19.71
CA ASN A 68 -2.26 12.44 -20.23
C ASN A 68 -1.90 13.04 -21.59
N GLU A 1 -8.90 -20.49 -4.78
CA GLU A 1 -7.50 -20.30 -5.26
C GLU A 1 -6.63 -19.73 -4.13
N SER A 2 -5.46 -20.28 -3.94
CA SER A 2 -4.57 -19.78 -2.86
C SER A 2 -4.34 -18.28 -3.01
N GLY A 3 -4.09 -17.83 -4.21
CA GLY A 3 -3.85 -16.38 -4.45
C GLY A 3 -4.87 -15.57 -3.65
N LYS A 4 -4.63 -14.29 -3.48
CA LYS A 4 -5.59 -13.45 -2.72
C LYS A 4 -6.89 -13.28 -3.50
N ALA A 5 -7.88 -12.69 -2.90
CA ALA A 5 -9.18 -12.50 -3.61
C ALA A 5 -9.05 -11.36 -4.64
N THR A 6 -7.97 -10.62 -4.58
CA THR A 6 -7.79 -9.50 -5.55
C THR A 6 -6.36 -8.97 -5.50
N SER A 7 -6.11 -7.86 -6.12
CA SER A 7 -4.74 -7.27 -6.11
C SER A 7 -4.61 -6.27 -4.96
N TYR A 8 -3.42 -6.08 -4.46
CA TYR A 8 -3.24 -5.12 -3.34
C TYR A 8 -3.56 -3.70 -3.80
N ALA A 9 -3.00 -3.28 -4.91
CA ALA A 9 -3.30 -1.91 -5.41
C ALA A 9 -4.80 -1.64 -5.33
N GLU A 10 -5.61 -2.67 -5.43
CA GLU A 10 -7.08 -2.48 -5.36
C GLU A 10 -7.55 -2.64 -3.91
N LEU A 11 -7.05 -3.63 -3.23
CA LEU A 11 -7.46 -3.84 -1.81
C LEU A 11 -7.08 -2.61 -0.98
N CYS A 12 -5.80 -2.39 -0.82
CA CYS A 12 -5.35 -1.19 -0.03
C CYS A 12 -5.87 0.08 -0.69
N ASN A 13 -6.31 -0.02 -1.91
CA ASN A 13 -6.84 1.18 -2.62
C ASN A 13 -7.70 2.02 -1.67
N GLU A 14 -8.61 1.40 -0.98
CA GLU A 14 -9.48 2.17 -0.03
C GLU A 14 -8.62 3.09 0.84
N TYR A 15 -7.36 2.76 1.00
CA TYR A 15 -6.47 3.62 1.83
C TYR A 15 -5.81 4.68 0.95
N ARG A 16 -5.88 4.53 -0.34
CA ARG A 16 -5.27 5.52 -1.26
C ARG A 16 -5.81 6.92 -0.93
N LYS A 17 -7.02 6.99 -0.46
CA LYS A 17 -7.60 8.32 -0.10
C LYS A 17 -7.03 8.78 1.25
N LEU A 18 -6.16 7.99 1.81
CA LEU A 18 -5.55 8.36 3.12
C LEU A 18 -4.07 8.66 2.94
N VAL A 19 -3.43 8.02 2.00
CA VAL A 19 -1.98 8.26 1.77
C VAL A 19 -1.78 8.98 0.43
N ARG A 20 -1.19 10.14 0.47
CA ARG A 20 -0.96 10.90 -0.80
C ARG A 20 0.31 10.41 -1.50
N ASN A 21 1.45 10.78 -1.01
CA ASN A 21 2.73 10.34 -1.65
C ASN A 21 3.63 9.66 -0.63
N GLY A 22 3.19 8.56 -0.07
CA GLY A 22 4.05 7.84 0.93
C GLY A 22 3.71 8.34 2.33
N LYS A 23 2.58 8.95 2.51
CA LYS A 23 2.20 9.46 3.86
C LYS A 23 0.85 8.87 4.30
N LEU A 24 0.78 7.58 4.50
CA LEU A 24 -0.50 6.95 4.92
C LEU A 24 -0.73 7.16 6.42
N ALA A 25 -1.87 7.66 6.79
CA ALA A 25 -2.16 7.89 8.24
C ALA A 25 -3.42 7.14 8.66
N CYS A 26 -3.30 6.30 9.66
CA CYS A 26 -4.50 5.54 10.12
C CYS A 26 -4.31 5.10 11.57
N THR A 27 -5.30 4.49 12.16
CA THR A 27 -5.17 4.04 13.58
C THR A 27 -4.74 2.58 13.63
N ARG A 28 -4.35 2.11 14.79
CA ARG A 28 -3.91 0.69 14.92
C ARG A 28 -5.09 -0.25 14.62
N GLU A 29 -6.29 0.17 14.92
CA GLU A 29 -7.47 -0.69 14.66
C GLU A 29 -7.28 -2.06 15.31
N ASN A 30 -8.32 -2.85 15.39
CA ASN A 30 -8.20 -4.20 16.01
C ASN A 30 -8.36 -5.29 14.94
N ASP A 31 -7.55 -5.27 13.93
CA ASP A 31 -7.65 -6.30 12.85
C ASP A 31 -6.27 -6.66 12.31
N PRO A 32 -5.54 -7.43 13.09
CA PRO A 32 -4.19 -7.86 12.68
C PRO A 32 -4.24 -8.68 11.40
N ILE A 33 -3.32 -8.46 10.50
CA ILE A 33 -3.32 -9.23 9.22
C ILE A 33 -1.88 -9.57 8.81
N GLN A 34 -1.69 -10.01 7.61
CA GLN A 34 -0.31 -10.35 7.14
C GLN A 34 -0.06 -9.76 5.75
N GLY A 35 1.17 -9.53 5.41
CA GLY A 35 1.49 -8.95 4.08
C GLY A 35 2.25 -9.99 3.23
N PRO A 36 2.46 -9.67 1.98
CA PRO A 36 3.19 -10.58 1.08
C PRO A 36 4.62 -10.81 1.56
N ASP A 37 5.13 -9.92 2.36
CA ASP A 37 6.52 -10.09 2.87
C ASP A 37 6.60 -11.24 3.86
N GLY A 38 5.62 -11.35 4.72
CA GLY A 38 5.64 -12.45 5.71
C GLY A 38 5.48 -11.87 7.12
N LYS A 39 5.83 -10.63 7.30
CA LYS A 39 5.71 -10.01 8.65
C LYS A 39 4.26 -9.61 8.92
N VAL A 40 3.89 -9.49 10.18
CA VAL A 40 2.49 -9.10 10.50
C VAL A 40 2.43 -7.61 10.86
N HIS A 41 1.33 -6.96 10.55
CA HIS A 41 1.21 -5.52 10.87
C HIS A 41 0.09 -5.28 11.88
N GLY A 42 -0.04 -4.08 12.37
CA GLY A 42 -1.12 -3.80 13.37
C GLY A 42 -2.48 -4.01 12.71
N ASN A 43 -2.71 -3.42 11.57
CA ASN A 43 -4.02 -3.60 10.88
C ASN A 43 -3.82 -3.64 9.36
N THR A 44 -4.88 -3.52 8.62
CA THR A 44 -4.78 -3.56 7.13
C THR A 44 -3.98 -2.37 6.62
N CYS A 45 -4.30 -1.20 7.08
CA CYS A 45 -3.55 0.01 6.61
C CYS A 45 -2.04 -0.21 6.81
N SER A 46 -1.63 -0.59 7.98
CA SER A 46 -0.17 -0.83 8.19
C SER A 46 0.38 -1.63 7.02
N MET A 47 -0.32 -2.65 6.59
CA MET A 47 0.14 -3.45 5.43
C MET A 47 0.03 -2.57 4.18
N CYS A 48 -0.92 -1.68 4.18
CA CYS A 48 -1.10 -0.76 3.01
C CYS A 48 0.01 0.29 3.02
N GLU A 49 0.37 0.78 4.18
CA GLU A 49 1.45 1.80 4.25
C GLU A 49 2.70 1.22 3.58
N VAL A 50 2.99 -0.02 3.82
CA VAL A 50 4.18 -0.66 3.18
C VAL A 50 3.95 -0.70 1.68
N PHE A 51 2.86 -1.27 1.27
CA PHE A 51 2.54 -1.36 -0.18
C PHE A 51 2.55 0.06 -0.77
N PHE A 52 2.02 1.00 -0.03
CA PHE A 52 2.00 2.41 -0.52
C PHE A 52 3.43 2.92 -0.68
N GLN A 53 4.30 2.51 0.18
CA GLN A 53 5.72 2.96 0.09
C GLN A 53 6.34 2.46 -1.22
N ALA A 54 6.16 1.20 -1.52
CA ALA A 54 6.73 0.64 -2.77
C ALA A 54 6.14 1.35 -4.00
N GLU A 55 4.88 1.67 -3.95
CA GLU A 55 4.26 2.37 -5.12
C GLU A 55 5.05 3.64 -5.45
N GLU A 56 5.77 4.18 -4.51
CA GLU A 56 6.56 5.41 -4.78
C GLU A 56 7.59 5.15 -5.88
N GLU A 57 8.12 3.96 -5.95
CA GLU A 57 9.13 3.65 -7.00
C GLU A 57 8.47 3.60 -8.39
N GLU A 58 7.24 3.15 -8.45
CA GLU A 58 6.55 3.08 -9.77
C GLU A 58 6.49 4.47 -10.40
N LYS A 59 6.40 5.50 -9.60
CA LYS A 59 6.34 6.88 -10.17
C LYS A 59 7.72 7.30 -10.66
N LYS A 60 8.73 6.51 -10.41
CA LYS A 60 10.10 6.87 -10.86
C LYS A 60 10.10 7.21 -12.34
N LYS A 61 9.24 6.59 -13.12
CA LYS A 61 9.19 6.88 -14.57
C LYS A 61 8.54 8.24 -14.82
N LYS A 62 8.92 8.91 -15.87
CA LYS A 62 8.32 10.24 -16.17
C LYS A 62 6.85 10.07 -16.60
N GLU A 63 5.99 10.93 -16.14
CA GLU A 63 4.55 10.83 -16.52
C GLU A 63 4.39 11.00 -18.03
N GLY A 64 3.51 10.23 -18.63
CA GLY A 64 3.30 10.35 -20.10
C GLY A 64 2.66 11.70 -20.43
N GLU A 65 2.05 12.32 -19.46
CA GLU A 65 1.40 13.65 -19.70
C GLU A 65 2.47 14.69 -20.05
N SER A 66 3.70 14.44 -19.70
CA SER A 66 4.78 15.43 -20.00
C SER A 66 5.34 15.17 -21.40
N ARG A 67 5.99 16.15 -21.98
CA ARG A 67 6.56 15.95 -23.33
C ARG A 67 8.09 16.07 -23.29
N ASN A 68 8.78 15.38 -24.16
CA ASN A 68 10.27 15.45 -24.17
C ASN A 68 10.78 15.67 -25.60
N GLU A 1 1.35 -16.23 -18.12
CA GLU A 1 0.01 -16.16 -18.74
C GLU A 1 -0.78 -14.97 -18.16
N SER A 2 -1.51 -15.20 -17.10
CA SER A 2 -2.29 -14.09 -16.48
C SER A 2 -1.89 -13.90 -15.02
N GLY A 3 -2.12 -12.74 -14.48
CA GLY A 3 -1.74 -12.49 -13.06
C GLY A 3 -2.89 -12.91 -12.15
N LYS A 4 -2.77 -12.66 -10.88
CA LYS A 4 -3.87 -13.04 -9.93
C LYS A 4 -5.11 -12.18 -10.19
N ALA A 5 -6.27 -12.75 -10.05
CA ALA A 5 -7.52 -11.96 -10.29
C ALA A 5 -7.60 -10.79 -9.30
N THR A 6 -6.92 -10.88 -8.20
CA THR A 6 -6.96 -9.77 -7.20
C THR A 6 -5.59 -9.09 -7.12
N SER A 7 -5.56 -7.86 -6.68
CA SER A 7 -4.27 -7.13 -6.57
C SER A 7 -4.32 -6.10 -5.43
N TYR A 8 -3.31 -6.06 -4.61
CA TYR A 8 -3.31 -5.08 -3.49
C TYR A 8 -3.71 -3.70 -3.99
N ALA A 9 -3.16 -3.26 -5.09
CA ALA A 9 -3.52 -1.92 -5.63
C ALA A 9 -5.04 -1.72 -5.55
N GLU A 10 -5.80 -2.75 -5.80
CA GLU A 10 -7.28 -2.62 -5.73
C GLU A 10 -7.76 -2.90 -4.30
N LEU A 11 -7.03 -3.69 -3.57
CA LEU A 11 -7.42 -3.99 -2.17
C LEU A 11 -7.07 -2.81 -1.27
N CYS A 12 -5.82 -2.49 -1.16
CA CYS A 12 -5.41 -1.33 -0.32
C CYS A 12 -5.95 -0.04 -0.93
N ASN A 13 -6.47 -0.11 -2.12
CA ASN A 13 -7.01 1.10 -2.78
C ASN A 13 -7.84 1.90 -1.77
N GLU A 14 -8.72 1.26 -1.07
CA GLU A 14 -9.55 1.99 -0.07
C GLU A 14 -8.65 2.89 0.80
N TYR A 15 -7.40 2.56 0.89
CA TYR A 15 -6.48 3.39 1.72
C TYR A 15 -5.80 4.46 0.85
N ARG A 16 -5.90 4.35 -0.44
CA ARG A 16 -5.26 5.38 -1.32
C ARG A 16 -5.84 6.76 -1.02
N LYS A 17 -7.06 6.80 -0.55
CA LYS A 17 -7.67 8.12 -0.22
C LYS A 17 -7.12 8.59 1.13
N LEU A 18 -6.24 7.81 1.72
CA LEU A 18 -5.64 8.20 3.02
C LEU A 18 -4.16 8.52 2.82
N VAL A 19 -3.57 8.05 1.75
CA VAL A 19 -2.14 8.33 1.49
C VAL A 19 -1.99 9.71 0.83
N ARG A 20 -1.29 10.61 1.45
CA ARG A 20 -1.12 11.97 0.85
C ARG A 20 0.10 11.98 -0.09
N ASN A 21 1.23 12.42 0.40
CA ASN A 21 2.45 12.45 -0.46
C ASN A 21 3.50 11.50 0.11
N GLY A 22 3.12 10.30 0.43
CA GLY A 22 4.10 9.33 0.99
C GLY A 22 3.75 9.07 2.46
N LYS A 23 2.55 9.38 2.85
CA LYS A 23 2.14 9.15 4.27
C LYS A 23 0.74 8.54 4.32
N LEU A 24 0.61 7.40 4.96
CA LEU A 24 -0.73 6.75 5.04
C LEU A 24 -1.40 7.11 6.38
N ALA A 25 -2.62 7.58 6.32
CA ALA A 25 -3.33 7.95 7.58
C ALA A 25 -4.39 6.89 7.91
N CYS A 26 -4.45 6.46 9.14
CA CYS A 26 -5.47 5.44 9.53
C CYS A 26 -5.76 5.52 11.03
N THR A 27 -6.57 4.63 11.54
CA THR A 27 -6.90 4.66 12.99
C THR A 27 -6.25 3.46 13.71
N ARG A 28 -6.46 3.35 14.98
CA ARG A 28 -5.87 2.21 15.75
C ARG A 28 -6.79 0.99 15.66
N GLU A 29 -7.18 0.61 14.47
CA GLU A 29 -8.07 -0.58 14.32
C GLU A 29 -7.42 -1.81 14.95
N ASN A 30 -8.20 -2.63 15.62
CA ASN A 30 -7.62 -3.85 16.25
C ASN A 30 -7.77 -5.05 15.32
N ASP A 31 -7.31 -4.94 14.10
CA ASP A 31 -7.42 -6.07 13.14
C ASP A 31 -6.07 -6.35 12.48
N PRO A 32 -5.19 -6.99 13.22
CA PRO A 32 -3.84 -7.32 12.70
C PRO A 32 -3.94 -8.25 11.50
N ILE A 33 -2.98 -8.20 10.63
CA ILE A 33 -3.00 -9.09 9.42
C ILE A 33 -1.57 -9.41 8.98
N GLN A 34 -1.41 -9.91 7.80
CA GLN A 34 -0.05 -10.25 7.29
C GLN A 34 0.24 -9.50 6.00
N GLY A 35 1.49 -9.20 5.73
CA GLY A 35 1.83 -8.47 4.47
C GLY A 35 2.41 -9.45 3.46
N PRO A 36 2.75 -8.93 2.30
CA PRO A 36 3.33 -9.77 1.22
C PRO A 36 4.65 -10.41 1.67
N ASP A 37 5.33 -9.79 2.59
CA ASP A 37 6.63 -10.35 3.07
C ASP A 37 6.39 -11.56 3.97
N GLY A 38 5.27 -11.59 4.64
CA GLY A 38 4.97 -12.75 5.53
C GLY A 38 4.85 -12.26 6.98
N LYS A 39 5.34 -11.08 7.25
CA LYS A 39 5.24 -10.54 8.64
C LYS A 39 3.85 -9.99 8.91
N VAL A 40 3.50 -9.81 10.16
CA VAL A 40 2.15 -9.26 10.48
C VAL A 40 2.26 -7.79 10.87
N HIS A 41 1.21 -7.03 10.64
CA HIS A 41 1.26 -5.58 11.00
C HIS A 41 0.17 -5.26 12.04
N GLY A 42 0.04 -4.01 12.40
CA GLY A 42 -1.00 -3.64 13.40
C GLY A 42 -2.38 -3.80 12.78
N ASN A 43 -2.60 -3.21 11.63
CA ASN A 43 -3.94 -3.31 10.98
C ASN A 43 -3.77 -3.42 9.45
N THR A 44 -4.85 -3.28 8.73
CA THR A 44 -4.76 -3.37 7.25
C THR A 44 -4.00 -2.18 6.69
N CYS A 45 -3.97 -1.08 7.39
CA CYS A 45 -3.22 0.10 6.87
C CYS A 45 -1.73 -0.20 6.90
N SER A 46 -1.20 -0.51 8.06
CA SER A 46 0.24 -0.83 8.14
C SER A 46 0.61 -1.76 6.99
N MET A 47 -0.29 -2.65 6.65
CA MET A 47 -0.05 -3.57 5.50
C MET A 47 -0.12 -2.76 4.22
N CYS A 48 -1.06 -1.85 4.17
CA CYS A 48 -1.22 -1.00 2.96
C CYS A 48 -0.08 0.03 2.88
N GLU A 49 0.44 0.43 4.01
CA GLU A 49 1.56 1.42 4.00
C GLU A 49 2.76 0.82 3.27
N VAL A 50 3.07 -0.42 3.54
CA VAL A 50 4.21 -1.07 2.86
C VAL A 50 3.95 -1.04 1.35
N PHE A 51 2.79 -1.47 0.96
CA PHE A 51 2.45 -1.45 -0.49
C PHE A 51 2.53 -0.01 -1.00
N PHE A 52 1.98 0.91 -0.26
CA PHE A 52 2.02 2.34 -0.68
C PHE A 52 3.48 2.81 -0.73
N GLN A 53 4.30 2.30 0.14
CA GLN A 53 5.73 2.71 0.14
C GLN A 53 6.38 2.28 -1.17
N ALA A 54 6.21 1.05 -1.55
CA ALA A 54 6.82 0.56 -2.82
C ALA A 54 6.36 1.45 -3.99
N GLU A 55 5.10 1.81 -4.02
CA GLU A 55 4.60 2.68 -5.12
C GLU A 55 5.31 4.03 -5.09
N GLU A 56 5.81 4.42 -3.95
CA GLU A 56 6.52 5.73 -3.87
C GLU A 56 7.69 5.76 -4.86
N GLU A 57 8.32 4.63 -5.08
CA GLU A 57 9.47 4.59 -6.03
C GLU A 57 8.98 4.95 -7.44
N GLU A 58 7.88 4.41 -7.85
CA GLU A 58 7.35 4.72 -9.22
C GLU A 58 7.28 6.24 -9.41
N LYS A 59 6.97 6.96 -8.37
CA LYS A 59 6.88 8.45 -8.49
C LYS A 59 8.29 9.05 -8.59
N LYS A 60 9.30 8.26 -8.35
CA LYS A 60 10.70 8.79 -8.43
C LYS A 60 10.87 9.61 -9.71
N LYS A 61 10.12 9.31 -10.72
CA LYS A 61 10.25 10.08 -12.00
C LYS A 61 9.76 11.51 -11.80
N LYS A 62 10.42 12.47 -12.41
CA LYS A 62 9.99 13.88 -12.26
C LYS A 62 8.53 14.04 -12.67
N GLU A 63 8.03 13.17 -13.51
CA GLU A 63 6.62 13.27 -13.95
C GLU A 63 6.25 14.73 -14.26
N GLY A 64 5.00 15.02 -14.39
CA GLY A 64 4.58 16.42 -14.69
C GLY A 64 5.18 16.85 -16.03
N GLU A 65 5.87 17.95 -16.06
CA GLU A 65 6.47 18.43 -17.34
C GLU A 65 7.58 17.48 -17.79
N SER A 66 8.17 16.77 -16.86
CA SER A 66 9.26 15.81 -17.24
C SER A 66 10.20 16.46 -18.26
N ARG A 67 11.00 17.39 -17.83
CA ARG A 67 11.94 18.07 -18.78
C ARG A 67 12.79 17.02 -19.50
N ASN A 68 13.20 16.00 -18.82
CA ASN A 68 14.03 14.94 -19.47
C ASN A 68 13.18 13.70 -19.76
#